data_2D8Q
#
_entry.id   2D8Q
#
loop_
_entity.id
_entity.type
_entity.pdbx_description
1 polymer 'Zinc finger MYND domain containing protein 10'
2 non-polymer 'ZINC ION'
#
_entity_poly.entity_id   1
_entity_poly.type   'polypeptide(L)'
_entity_poly.pdbx_seq_one_letter_code
;GSSGSSGLEAVAPERPRCAYCSAEASKRCSRCQNEWYCCRECQVKHWEKHGKTCVLAAQGDRAKSGPSSG
;
_entity_poly.pdbx_strand_id   A
#
loop_
_chem_comp.id
_chem_comp.type
_chem_comp.name
_chem_comp.formula
ZN non-polymer 'ZINC ION' 'Zn 2'
#
# COMPACT_ATOMS: atom_id res chain seq x y z
N GLY A 1 19.35 1.78 44.98
CA GLY A 1 18.83 1.26 43.73
C GLY A 1 17.80 2.19 43.10
N SER A 2 18.27 3.07 42.22
CA SER A 2 17.40 4.02 41.54
C SER A 2 17.38 3.77 40.04
N SER A 3 16.50 2.88 39.60
CA SER A 3 16.38 2.54 38.18
C SER A 3 14.94 2.23 37.82
N GLY A 4 14.62 2.38 36.54
CA GLY A 4 13.27 2.10 36.08
C GLY A 4 13.09 2.38 34.59
N SER A 5 13.38 1.37 33.77
CA SER A 5 13.25 1.52 32.33
C SER A 5 12.64 0.26 31.71
N SER A 6 11.65 0.46 30.85
CA SER A 6 10.97 -0.65 30.19
C SER A 6 10.22 -0.17 28.95
N GLY A 7 10.60 -0.73 27.80
CA GLY A 7 9.95 -0.35 26.56
C GLY A 7 10.54 -1.05 25.35
N LEU A 8 10.68 -2.37 25.46
CA LEU A 8 11.25 -3.17 24.38
C LEU A 8 10.20 -4.11 23.79
N GLU A 9 8.99 -3.61 23.63
CA GLU A 9 7.89 -4.40 23.08
C GLU A 9 8.23 -4.90 21.67
N ALA A 10 8.20 -6.22 21.50
CA ALA A 10 8.50 -6.82 20.21
C ALA A 10 7.22 -7.09 19.42
N VAL A 11 7.21 -6.64 18.16
CA VAL A 11 6.04 -6.83 17.30
C VAL A 11 6.47 -7.13 15.87
N ALA A 12 5.84 -8.13 15.26
CA ALA A 12 6.15 -8.50 13.89
C ALA A 12 5.24 -7.79 12.90
N PRO A 13 5.82 -7.36 11.77
CA PRO A 13 5.08 -6.65 10.73
C PRO A 13 4.10 -7.56 9.99
N GLU A 14 3.09 -6.95 9.37
CA GLU A 14 2.09 -7.71 8.63
C GLU A 14 2.21 -7.45 7.13
N ARG A 15 2.03 -8.50 6.34
CA ARG A 15 2.12 -8.39 4.89
C ARG A 15 0.93 -7.60 4.33
N PRO A 16 1.13 -7.01 3.14
CA PRO A 16 0.08 -6.21 2.48
C PRO A 16 -1.06 -7.08 1.97
N ARG A 17 -2.18 -6.44 1.65
CA ARG A 17 -3.35 -7.15 1.14
C ARG A 17 -4.22 -6.24 0.29
N CYS A 18 -5.14 -6.84 -0.47
CA CYS A 18 -6.03 -6.07 -1.33
C CYS A 18 -6.98 -5.21 -0.51
N ALA A 19 -7.66 -4.29 -1.17
CA ALA A 19 -8.60 -3.40 -0.50
C ALA A 19 -10.04 -3.82 -0.77
N TYR A 20 -10.22 -4.73 -1.71
CA TYR A 20 -11.55 -5.22 -2.06
C TYR A 20 -11.74 -6.66 -1.59
N CYS A 21 -10.78 -7.51 -1.90
CA CYS A 21 -10.84 -8.92 -1.52
C CYS A 21 -9.75 -9.24 -0.51
N SER A 22 -9.06 -8.22 -0.02
CA SER A 22 -7.99 -8.40 0.95
C SER A 22 -7.18 -9.65 0.64
N ALA A 23 -7.03 -9.95 -0.65
CA ALA A 23 -6.27 -11.12 -1.09
C ALA A 23 -4.83 -10.74 -1.42
N GLU A 24 -3.98 -11.76 -1.56
CA GLU A 24 -2.58 -11.53 -1.88
C GLU A 24 -2.41 -10.34 -2.82
N ALA A 25 -1.95 -9.22 -2.27
CA ALA A 25 -1.74 -8.01 -3.05
C ALA A 25 -0.50 -8.12 -3.93
N SER A 26 0.66 -8.20 -3.29
CA SER A 26 1.92 -8.30 -4.01
C SER A 26 1.92 -7.43 -5.25
N LYS A 27 1.26 -6.27 -5.15
CA LYS A 27 1.18 -5.34 -6.27
C LYS A 27 1.09 -3.90 -5.77
N ARG A 28 1.40 -2.95 -6.65
CA ARG A 28 1.35 -1.54 -6.31
C ARG A 28 0.70 -0.73 -7.42
N CYS A 29 -0.10 0.27 -7.02
CA CYS A 29 -0.79 1.12 -7.99
C CYS A 29 0.21 1.81 -8.92
N SER A 30 -0.01 1.64 -10.23
CA SER A 30 0.88 2.24 -11.23
C SER A 30 0.47 3.69 -11.49
N ARG A 31 0.01 4.37 -10.46
CA ARG A 31 -0.41 5.77 -10.59
C ARG A 31 0.16 6.60 -9.46
N CYS A 32 0.13 6.06 -8.24
CA CYS A 32 0.65 6.77 -7.07
C CYS A 32 1.66 5.90 -6.32
N GLN A 33 1.51 4.59 -6.43
CA GLN A 33 2.40 3.65 -5.77
C GLN A 33 2.26 3.76 -4.25
N ASN A 34 1.03 3.97 -3.78
CA ASN A 34 0.76 4.08 -2.36
C ASN A 34 -0.45 3.24 -1.97
N GLU A 35 -0.62 2.11 -2.66
CA GLU A 35 -1.74 1.21 -2.38
C GLU A 35 -1.40 -0.22 -2.79
N TRP A 36 -2.12 -1.17 -2.22
CA TRP A 36 -1.90 -2.58 -2.53
C TRP A 36 -3.16 -3.22 -3.11
N TYR A 37 -2.97 -4.19 -4.00
CA TYR A 37 -4.09 -4.87 -4.64
C TYR A 37 -3.66 -6.22 -5.20
N CYS A 38 -4.60 -7.15 -5.29
CA CYS A 38 -4.32 -8.48 -5.81
C CYS A 38 -4.20 -8.46 -7.33
N CYS A 39 -5.14 -7.78 -7.97
CA CYS A 39 -5.16 -7.67 -9.43
C CYS A 39 -5.86 -6.39 -9.88
N ARG A 40 -5.74 -6.09 -11.17
CA ARG A 40 -6.35 -4.88 -11.72
C ARG A 40 -7.86 -4.93 -11.56
N GLU A 41 -8.42 -6.13 -11.57
CA GLU A 41 -9.86 -6.31 -11.44
C GLU A 41 -10.40 -5.48 -10.27
N CYS A 42 -9.82 -5.67 -9.09
CA CYS A 42 -10.25 -4.94 -7.91
C CYS A 42 -9.90 -3.46 -8.02
N GLN A 43 -8.67 -3.18 -8.45
CA GLN A 43 -8.21 -1.81 -8.61
C GLN A 43 -9.29 -0.95 -9.26
N VAL A 44 -9.84 -1.44 -10.36
CA VAL A 44 -10.89 -0.72 -11.09
C VAL A 44 -12.15 -0.57 -10.24
N LYS A 45 -12.52 -1.64 -9.55
CA LYS A 45 -13.70 -1.63 -8.70
C LYS A 45 -13.57 -0.57 -7.60
N HIS A 46 -12.53 -0.71 -6.78
CA HIS A 46 -12.29 0.23 -5.69
C HIS A 46 -11.50 1.44 -6.18
N TRP A 47 -11.83 1.90 -7.38
CA TRP A 47 -11.15 3.06 -7.96
C TRP A 47 -11.92 4.34 -7.68
N GLU A 48 -13.24 4.24 -7.65
CA GLU A 48 -14.09 5.40 -7.39
C GLU A 48 -13.67 6.10 -6.10
N LYS A 49 -13.31 5.30 -5.09
CA LYS A 49 -12.89 5.85 -3.80
C LYS A 49 -11.38 6.13 -3.80
N HIS A 50 -10.59 5.07 -3.91
CA HIS A 50 -9.14 5.20 -3.93
C HIS A 50 -8.71 6.40 -4.76
N GLY A 51 -9.35 6.58 -5.92
CA GLY A 51 -9.02 7.69 -6.78
C GLY A 51 -8.66 8.95 -6.00
N LYS A 52 -9.58 9.39 -5.14
CA LYS A 52 -9.37 10.58 -4.34
C LYS A 52 -8.03 10.51 -3.61
N THR A 53 -7.76 9.36 -2.99
CA THR A 53 -6.52 9.17 -2.25
C THR A 53 -5.32 9.15 -3.19
N CYS A 54 -5.52 8.60 -4.38
CA CYS A 54 -4.45 8.52 -5.37
C CYS A 54 -3.99 9.91 -5.79
N VAL A 55 -2.71 10.19 -5.62
CA VAL A 55 -2.15 11.48 -5.98
C VAL A 55 -0.82 11.32 -6.70
N LEU A 56 -0.71 11.93 -7.89
CA LEU A 56 0.50 11.85 -8.68
C LEU A 56 1.74 11.95 -7.79
N ALA A 57 2.41 10.82 -7.60
CA ALA A 57 3.62 10.79 -6.77
C ALA A 57 4.73 10.01 -7.47
N ALA A 58 5.74 10.74 -7.93
CA ALA A 58 6.87 10.13 -8.62
C ALA A 58 7.70 9.27 -7.66
N GLN A 59 8.41 8.30 -8.21
CA GLN A 59 9.23 7.41 -7.40
C GLN A 59 10.21 8.20 -6.55
N GLY A 60 10.35 7.80 -5.29
CA GLY A 60 11.25 8.48 -4.38
C GLY A 60 12.34 7.57 -3.85
N ASP A 61 12.40 7.44 -2.52
CA ASP A 61 13.41 6.59 -1.89
C ASP A 61 13.18 5.13 -2.25
N ARG A 62 14.23 4.50 -2.78
CA ARG A 62 14.16 3.09 -3.18
C ARG A 62 14.95 2.21 -2.22
N ALA A 63 14.43 1.02 -1.95
CA ALA A 63 15.09 0.09 -1.06
C ALA A 63 15.99 -0.88 -1.83
N LYS A 64 16.77 -1.67 -1.09
CA LYS A 64 17.67 -2.63 -1.71
C LYS A 64 17.12 -4.05 -1.59
N SER A 65 17.26 -4.83 -2.65
CA SER A 65 16.79 -6.21 -2.66
C SER A 65 17.47 -7.01 -3.76
N GLY A 66 17.16 -8.31 -3.81
CA GLY A 66 17.74 -9.16 -4.82
C GLY A 66 17.23 -10.59 -4.75
N PRO A 67 16.19 -10.88 -5.55
CA PRO A 67 15.58 -12.22 -5.58
C PRO A 67 16.49 -13.26 -6.22
N SER A 68 15.96 -14.45 -6.45
CA SER A 68 16.72 -15.53 -7.04
C SER A 68 15.82 -16.45 -7.87
N SER A 69 16.42 -17.44 -8.53
CA SER A 69 15.69 -18.38 -9.36
C SER A 69 16.18 -19.79 -9.15
N GLY A 70 15.32 -20.77 -9.41
CA GLY A 70 15.69 -22.16 -9.25
C GLY A 70 15.76 -22.91 -10.57
ZN ZN B . -8.54 -8.00 -4.81
ZN ZN C . -3.11 5.03 -6.82
N GLY A 1 2.16 -14.41 34.35
CA GLY A 1 3.28 -15.20 34.81
C GLY A 1 3.97 -15.95 33.69
N SER A 2 5.29 -15.84 33.64
CA SER A 2 6.07 -16.51 32.60
C SER A 2 6.25 -17.98 32.91
N SER A 3 5.85 -18.84 31.98
CA SER A 3 5.96 -20.29 32.16
C SER A 3 7.16 -20.84 31.41
N GLY A 4 8.28 -20.12 31.48
CA GLY A 4 9.48 -20.54 30.80
C GLY A 4 9.77 -19.74 29.55
N SER A 5 10.03 -18.44 29.73
CA SER A 5 10.30 -17.55 28.61
C SER A 5 11.16 -16.37 29.06
N SER A 6 12.07 -15.95 28.20
CA SER A 6 12.96 -14.83 28.51
C SER A 6 13.15 -13.94 27.29
N GLY A 7 13.05 -12.63 27.50
CA GLY A 7 13.22 -11.69 26.40
C GLY A 7 12.25 -11.94 25.27
N LEU A 8 11.03 -11.41 25.39
CA LEU A 8 10.01 -11.58 24.38
C LEU A 8 10.37 -10.82 23.11
N GLU A 9 11.20 -11.43 22.28
CA GLU A 9 11.63 -10.82 21.02
C GLU A 9 11.36 -11.74 19.84
N ALA A 10 10.51 -11.29 18.91
CA ALA A 10 10.18 -12.08 17.74
C ALA A 10 9.48 -11.22 16.68
N VAL A 11 10.14 -11.05 15.54
CA VAL A 11 9.59 -10.26 14.45
C VAL A 11 8.96 -11.15 13.38
N ALA A 12 8.52 -10.53 12.30
CA ALA A 12 7.90 -11.26 11.19
C ALA A 12 7.72 -10.38 9.97
N PRO A 13 7.63 -11.01 8.79
CA PRO A 13 7.46 -10.29 7.52
C PRO A 13 6.08 -9.65 7.39
N GLU A 14 6.06 -8.36 7.08
CA GLU A 14 4.81 -7.63 6.93
C GLU A 14 4.53 -7.31 5.47
N ARG A 15 3.71 -8.14 4.83
CA ARG A 15 3.37 -7.94 3.43
C ARG A 15 2.03 -7.21 3.29
N PRO A 16 1.88 -6.45 2.19
CA PRO A 16 0.66 -5.69 1.92
C PRO A 16 -0.52 -6.59 1.57
N ARG A 17 -1.69 -5.98 1.39
CA ARG A 17 -2.89 -6.74 1.06
C ARG A 17 -3.89 -5.85 0.32
N CYS A 18 -4.61 -6.44 -0.63
CA CYS A 18 -5.59 -5.71 -1.41
C CYS A 18 -6.53 -4.91 -0.50
N ALA A 19 -7.34 -4.04 -1.10
CA ALA A 19 -8.27 -3.22 -0.34
C ALA A 19 -9.71 -3.63 -0.63
N TYR A 20 -9.95 -4.10 -1.85
CA TYR A 20 -11.29 -4.52 -2.25
C TYR A 20 -11.60 -5.92 -1.72
N CYS A 21 -10.73 -6.87 -2.02
CA CYS A 21 -10.90 -8.25 -1.57
C CYS A 21 -10.02 -8.54 -0.37
N SER A 22 -9.00 -7.71 -0.16
CA SER A 22 -8.09 -7.89 0.96
C SER A 22 -7.38 -9.25 0.88
N ALA A 23 -6.87 -9.56 -0.30
CA ALA A 23 -6.17 -10.83 -0.51
C ALA A 23 -4.71 -10.59 -0.84
N GLU A 24 -3.94 -11.68 -0.91
CA GLU A 24 -2.52 -11.59 -1.23
C GLU A 24 -2.27 -10.61 -2.36
N ALA A 25 -1.50 -9.57 -2.10
CA ALA A 25 -1.19 -8.56 -3.10
C ALA A 25 0.01 -8.99 -3.94
N SER A 26 0.23 -8.28 -5.06
CA SER A 26 1.33 -8.59 -5.96
C SER A 26 2.09 -7.32 -6.33
N LYS A 27 1.35 -6.32 -6.80
CA LYS A 27 1.96 -5.04 -7.19
C LYS A 27 1.15 -3.87 -6.66
N ARG A 28 1.81 -2.74 -6.44
CA ARG A 28 1.15 -1.56 -5.93
C ARG A 28 0.78 -0.60 -7.07
N CYS A 29 -0.13 0.32 -6.80
CA CYS A 29 -0.57 1.28 -7.81
C CYS A 29 0.62 1.87 -8.55
N SER A 30 0.62 1.71 -9.87
CA SER A 30 1.70 2.22 -10.71
C SER A 30 1.52 3.71 -10.98
N ARG A 31 0.64 4.34 -10.21
CA ARG A 31 0.37 5.76 -10.36
C ARG A 31 0.72 6.53 -9.09
N CYS A 32 0.59 5.86 -7.95
CA CYS A 32 0.89 6.48 -6.66
C CYS A 32 1.81 5.57 -5.83
N GLN A 33 1.67 4.27 -6.03
CA GLN A 33 2.47 3.30 -5.29
C GLN A 33 2.25 3.42 -3.79
N ASN A 34 0.99 3.66 -3.40
CA ASN A 34 0.64 3.80 -2.00
C ASN A 34 -0.28 2.66 -1.56
N GLU A 35 -1.23 2.31 -2.42
CA GLU A 35 -2.18 1.24 -2.12
C GLU A 35 -1.80 -0.04 -2.86
N TRP A 36 -2.03 -1.18 -2.22
CA TRP A 36 -1.72 -2.47 -2.81
C TRP A 36 -2.99 -3.18 -3.29
N TYR A 37 -2.88 -3.91 -4.39
CA TYR A 37 -4.02 -4.63 -4.95
C TYR A 37 -3.61 -6.01 -5.44
N CYS A 38 -4.48 -6.99 -5.22
CA CYS A 38 -4.21 -8.37 -5.64
C CYS A 38 -4.32 -8.51 -7.16
N CYS A 39 -5.39 -7.95 -7.73
CA CYS A 39 -5.60 -8.02 -9.16
C CYS A 39 -6.19 -6.71 -9.68
N ARG A 40 -6.22 -6.56 -11.00
CA ARG A 40 -6.74 -5.35 -11.63
C ARG A 40 -8.26 -5.25 -11.44
N GLU A 41 -8.94 -6.38 -11.63
CA GLU A 41 -10.39 -6.43 -11.48
C GLU A 41 -10.84 -5.62 -10.26
N CYS A 42 -10.10 -5.75 -9.17
CA CYS A 42 -10.43 -5.04 -7.94
C CYS A 42 -10.20 -3.54 -8.11
N GLN A 43 -8.98 -3.17 -8.49
CA GLN A 43 -8.64 -1.77 -8.69
C GLN A 43 -9.74 -1.04 -9.45
N VAL A 44 -10.11 -1.57 -10.61
CA VAL A 44 -11.16 -0.98 -11.43
C VAL A 44 -12.47 -0.84 -10.64
N LYS A 45 -12.67 -1.75 -9.70
CA LYS A 45 -13.88 -1.74 -8.87
C LYS A 45 -13.78 -0.69 -7.78
N HIS A 46 -12.78 -0.83 -6.91
CA HIS A 46 -12.58 0.11 -5.81
C HIS A 46 -11.73 1.29 -6.27
N TRP A 47 -11.98 1.77 -7.49
CA TRP A 47 -11.24 2.90 -8.04
C TRP A 47 -11.96 4.22 -7.76
N GLU A 48 -13.28 4.19 -7.84
CA GLU A 48 -14.08 5.38 -7.59
C GLU A 48 -13.66 6.06 -6.30
N LYS A 49 -13.41 5.26 -5.26
CA LYS A 49 -13.01 5.79 -3.97
C LYS A 49 -11.50 6.04 -3.94
N HIS A 50 -10.72 4.98 -4.08
CA HIS A 50 -9.26 5.08 -4.07
C HIS A 50 -8.80 6.30 -4.87
N GLY A 51 -9.40 6.49 -6.04
CA GLY A 51 -9.03 7.62 -6.89
C GLY A 51 -8.71 8.85 -6.08
N LYS A 52 -9.66 9.29 -5.25
CA LYS A 52 -9.48 10.47 -4.43
C LYS A 52 -8.18 10.38 -3.63
N THR A 53 -7.98 9.25 -2.97
CA THR A 53 -6.78 9.04 -2.17
C THR A 53 -5.53 9.03 -3.04
N CYS A 54 -5.67 8.52 -4.26
CA CYS A 54 -4.56 8.44 -5.19
C CYS A 54 -4.03 9.83 -5.51
N VAL A 55 -2.74 10.05 -5.23
CA VAL A 55 -2.11 11.34 -5.48
C VAL A 55 -1.00 11.21 -6.52
N LEU A 56 -1.07 12.03 -7.56
CA LEU A 56 -0.07 12.00 -8.62
C LEU A 56 1.34 12.21 -8.05
N ALA A 57 2.04 11.11 -7.83
CA ALA A 57 3.40 11.17 -7.28
C ALA A 57 4.42 11.46 -8.38
N ALA A 58 4.70 12.74 -8.59
CA ALA A 58 5.65 13.15 -9.61
C ALA A 58 5.60 12.22 -10.82
N GLN A 59 4.40 11.84 -11.22
CA GLN A 59 4.22 10.95 -12.36
C GLN A 59 2.82 11.12 -12.97
N GLY A 60 2.79 11.42 -14.26
CA GLY A 60 1.51 11.61 -14.94
C GLY A 60 1.36 12.99 -15.53
N ASP A 61 1.55 13.10 -16.84
CA ASP A 61 1.44 14.39 -17.53
C ASP A 61 -0.02 14.80 -17.65
N ARG A 62 -0.42 15.78 -16.83
CA ARG A 62 -1.79 16.27 -16.84
C ARG A 62 -1.82 17.76 -17.12
N ALA A 63 -1.07 18.53 -16.34
CA ALA A 63 -1.01 19.97 -16.50
C ALA A 63 0.33 20.41 -17.11
N LYS A 64 0.36 21.63 -17.63
CA LYS A 64 1.57 22.16 -18.24
C LYS A 64 1.41 23.65 -18.56
N SER A 65 2.54 24.36 -18.61
CA SER A 65 2.52 25.79 -18.90
C SER A 65 2.37 26.04 -20.39
N GLY A 66 1.43 25.34 -21.01
CA GLY A 66 1.21 25.50 -22.44
C GLY A 66 1.00 24.17 -23.14
N PRO A 67 0.66 24.23 -24.44
CA PRO A 67 0.42 23.04 -25.25
C PRO A 67 1.70 22.26 -25.53
N SER A 68 1.55 20.97 -25.79
CA SER A 68 2.70 20.11 -26.07
C SER A 68 2.25 18.77 -26.65
N SER A 69 3.22 17.97 -27.08
CA SER A 69 2.92 16.67 -27.66
C SER A 69 3.77 15.57 -27.01
N GLY A 70 3.24 14.35 -27.00
CA GLY A 70 3.96 13.24 -26.41
C GLY A 70 3.60 11.91 -27.04
ZN ZN B . -8.30 -7.71 -4.70
ZN ZN C . -3.29 5.00 -6.83
N GLY A 1 -2.83 -29.12 45.08
CA GLY A 1 -3.25 -29.06 43.70
C GLY A 1 -2.30 -28.27 42.83
N SER A 2 -2.83 -27.64 41.78
CA SER A 2 -2.03 -26.85 40.86
C SER A 2 -2.69 -25.51 40.58
N SER A 3 -1.89 -24.54 40.14
CA SER A 3 -2.39 -23.21 39.84
C SER A 3 -1.48 -22.50 38.83
N GLY A 4 -2.11 -21.82 37.87
CA GLY A 4 -1.35 -21.11 36.86
C GLY A 4 -2.24 -20.34 35.90
N SER A 5 -1.64 -19.80 34.84
CA SER A 5 -2.39 -19.03 33.85
C SER A 5 -1.65 -19.00 32.52
N SER A 6 -2.40 -19.06 31.42
CA SER A 6 -1.82 -19.04 30.09
C SER A 6 -2.90 -18.90 29.03
N GLY A 7 -2.66 -18.03 28.05
CA GLY A 7 -3.63 -17.81 26.99
C GLY A 7 -3.07 -18.16 25.63
N LEU A 8 -3.61 -17.52 24.59
CA LEU A 8 -3.17 -17.78 23.22
C LEU A 8 -2.57 -16.52 22.60
N GLU A 9 -1.34 -16.64 22.12
CA GLU A 9 -0.65 -15.51 21.50
C GLU A 9 0.15 -15.95 20.28
N ALA A 10 0.63 -14.99 19.51
CA ALA A 10 1.41 -15.28 18.32
C ALA A 10 2.09 -14.03 17.77
N VAL A 11 2.91 -14.19 16.74
CA VAL A 11 3.61 -13.07 16.13
C VAL A 11 3.62 -13.18 14.61
N ALA A 12 3.47 -12.06 13.93
CA ALA A 12 3.46 -12.03 12.47
C ALA A 12 3.99 -10.71 11.95
N PRO A 13 4.75 -10.76 10.85
CA PRO A 13 5.33 -9.58 10.22
C PRO A 13 4.27 -8.70 9.55
N GLU A 14 4.65 -7.47 9.22
CA GLU A 14 3.73 -6.54 8.58
C GLU A 14 3.65 -6.80 7.07
N ARG A 15 2.56 -7.47 6.66
CA ARG A 15 2.37 -7.79 5.25
C ARG A 15 1.16 -7.03 4.68
N PRO A 16 1.33 -6.47 3.48
CA PRO A 16 0.28 -5.71 2.81
C PRO A 16 -0.87 -6.60 2.35
N ARG A 17 -1.92 -5.98 1.81
CA ARG A 17 -3.07 -6.71 1.32
C ARG A 17 -4.00 -5.80 0.52
N CYS A 18 -4.78 -6.40 -0.38
CA CYS A 18 -5.69 -5.64 -1.21
C CYS A 18 -6.69 -4.86 -0.36
N ALA A 19 -7.48 -4.01 -1.01
CA ALA A 19 -8.47 -3.21 -0.32
C ALA A 19 -9.87 -3.79 -0.48
N TYR A 20 -10.22 -4.12 -1.72
CA TYR A 20 -11.53 -4.68 -2.02
C TYR A 20 -11.63 -6.11 -1.52
N CYS A 21 -10.93 -7.02 -2.18
CA CYS A 21 -10.94 -8.43 -1.80
C CYS A 21 -9.98 -8.67 -0.63
N SER A 22 -9.05 -7.75 -0.42
CA SER A 22 -8.09 -7.88 0.67
C SER A 22 -7.37 -9.22 0.59
N ALA A 23 -6.84 -9.54 -0.57
CA ALA A 23 -6.12 -10.79 -0.78
C ALA A 23 -4.62 -10.56 -0.92
N GLU A 24 -3.86 -11.64 -1.00
CA GLU A 24 -2.41 -11.55 -1.13
C GLU A 24 -2.03 -10.60 -2.28
N ALA A 25 -1.55 -9.42 -1.94
CA ALA A 25 -1.16 -8.43 -2.93
C ALA A 25 0.16 -8.83 -3.60
N SER A 26 0.30 -8.46 -4.87
CA SER A 26 1.51 -8.77 -5.63
C SER A 26 2.23 -7.50 -6.07
N LYS A 27 1.47 -6.57 -6.63
CA LYS A 27 2.03 -5.31 -7.10
C LYS A 27 1.32 -4.13 -6.45
N ARG A 28 1.90 -2.94 -6.58
CA ARG A 28 1.32 -1.73 -6.01
C ARG A 28 0.76 -0.83 -7.11
N CYS A 29 -0.19 0.03 -6.74
CA CYS A 29 -0.81 0.94 -7.68
C CYS A 29 0.25 1.63 -8.54
N SER A 30 0.12 1.49 -9.86
CA SER A 30 1.07 2.09 -10.79
C SER A 30 0.76 3.57 -11.00
N ARG A 31 -0.06 4.12 -10.10
CA ARG A 31 -0.44 5.53 -10.18
C ARG A 31 0.08 6.30 -8.98
N CYS A 32 0.05 5.67 -7.82
CA CYS A 32 0.52 6.29 -6.59
C CYS A 32 1.51 5.39 -5.86
N GLN A 33 1.42 4.08 -6.11
CA GLN A 33 2.31 3.11 -5.49
C GLN A 33 2.23 3.21 -3.96
N ASN A 34 1.02 3.38 -3.44
CA ASN A 34 0.82 3.49 -2.00
C ASN A 34 -0.08 2.37 -1.49
N GLU A 35 -1.12 2.06 -2.25
CA GLU A 35 -2.06 1.01 -1.88
C GLU A 35 -1.77 -0.28 -2.65
N TRP A 36 -1.95 -1.41 -1.98
CA TRP A 36 -1.71 -2.70 -2.60
C TRP A 36 -3.00 -3.29 -3.17
N TYR A 37 -2.89 -3.97 -4.30
CA TYR A 37 -4.04 -4.58 -4.95
C TYR A 37 -3.68 -5.92 -5.56
N CYS A 38 -4.43 -6.96 -5.18
CA CYS A 38 -4.19 -8.31 -5.69
C CYS A 38 -4.10 -8.30 -7.22
N CYS A 39 -5.05 -7.62 -7.86
CA CYS A 39 -5.07 -7.53 -9.31
C CYS A 39 -5.82 -6.28 -9.77
N ARG A 40 -5.53 -5.84 -10.99
CA ARG A 40 -6.17 -4.65 -11.55
C ARG A 40 -7.68 -4.73 -11.41
N GLU A 41 -8.23 -5.93 -11.65
CA GLU A 41 -9.67 -6.13 -11.56
C GLU A 41 -10.27 -5.30 -10.42
N CYS A 42 -9.68 -5.43 -9.24
CA CYS A 42 -10.16 -4.69 -8.07
C CYS A 42 -9.93 -3.20 -8.24
N GLN A 43 -8.73 -2.83 -8.67
CA GLN A 43 -8.38 -1.42 -8.87
C GLN A 43 -9.52 -0.69 -9.58
N VAL A 44 -10.06 -1.32 -10.62
CA VAL A 44 -11.15 -0.71 -11.39
C VAL A 44 -12.38 -0.51 -10.51
N LYS A 45 -12.70 -1.51 -9.70
CA LYS A 45 -13.85 -1.45 -8.82
C LYS A 45 -13.65 -0.40 -7.73
N HIS A 46 -12.59 -0.56 -6.94
CA HIS A 46 -12.28 0.37 -5.87
C HIS A 46 -11.51 1.58 -6.40
N TRP A 47 -11.93 2.08 -7.56
CA TRP A 47 -11.28 3.22 -8.18
C TRP A 47 -11.99 4.53 -7.79
N GLU A 48 -13.31 4.48 -7.74
CA GLU A 48 -14.10 5.65 -7.38
C GLU A 48 -13.69 6.20 -6.01
N LYS A 49 -13.47 5.29 -5.06
CA LYS A 49 -13.07 5.67 -3.72
C LYS A 49 -11.57 5.96 -3.66
N HIS A 50 -10.76 4.93 -3.88
CA HIS A 50 -9.31 5.08 -3.85
C HIS A 50 -8.87 6.26 -4.70
N GLY A 51 -9.42 6.37 -5.90
CA GLY A 51 -9.07 7.46 -6.80
C GLY A 51 -8.82 8.76 -6.05
N LYS A 52 -9.70 9.07 -5.10
CA LYS A 52 -9.57 10.29 -4.32
C LYS A 52 -8.22 10.33 -3.60
N THR A 53 -7.88 9.23 -2.92
CA THR A 53 -6.62 9.15 -2.19
C THR A 53 -5.44 9.05 -3.15
N CYS A 54 -5.66 8.40 -4.29
CA CYS A 54 -4.61 8.23 -5.29
C CYS A 54 -4.09 9.60 -5.77
N VAL A 55 -2.79 9.82 -5.59
CA VAL A 55 -2.17 11.07 -6.01
C VAL A 55 -1.21 10.86 -7.16
N LEU A 56 -1.30 11.70 -8.18
CA LEU A 56 -0.44 11.60 -9.35
C LEU A 56 1.02 11.86 -8.96
N ALA A 57 1.72 10.80 -8.58
CA ALA A 57 3.13 10.92 -8.20
C ALA A 57 4.03 10.20 -9.21
N ALA A 58 3.48 9.19 -9.88
CA ALA A 58 4.23 8.43 -10.86
C ALA A 58 4.76 9.34 -11.97
N GLN A 59 3.93 10.27 -12.42
CA GLN A 59 4.31 11.19 -13.48
C GLN A 59 3.91 12.61 -13.13
N GLY A 60 4.25 13.56 -14.00
CA GLY A 60 3.92 14.94 -13.76
C GLY A 60 3.75 15.73 -15.05
N ASP A 61 2.50 15.91 -15.47
CA ASP A 61 2.21 16.64 -16.69
C ASP A 61 1.09 17.65 -16.47
N ARG A 62 1.21 18.81 -17.10
CA ARG A 62 0.20 19.87 -16.95
C ARG A 62 -0.65 19.98 -18.21
N ALA A 63 -1.89 19.51 -18.13
CA ALA A 63 -2.80 19.56 -19.26
C ALA A 63 -2.64 20.86 -20.04
N LYS A 64 -2.82 20.79 -21.36
CA LYS A 64 -2.69 21.96 -22.22
C LYS A 64 -3.42 23.16 -21.62
N SER A 65 -2.70 24.25 -21.43
CA SER A 65 -3.28 25.46 -20.85
C SER A 65 -4.40 26.00 -21.75
N GLY A 66 -5.63 25.76 -21.34
CA GLY A 66 -6.78 26.22 -22.11
C GLY A 66 -7.63 27.21 -21.34
N PRO A 67 -7.27 28.50 -21.42
CA PRO A 67 -7.99 29.57 -20.73
C PRO A 67 -9.37 29.82 -21.33
N SER A 68 -9.49 29.59 -22.63
CA SER A 68 -10.75 29.79 -23.34
C SER A 68 -10.98 28.70 -24.38
N SER A 69 -12.20 28.62 -24.89
CA SER A 69 -12.56 27.62 -25.88
C SER A 69 -13.15 28.27 -27.12
N GLY A 70 -14.15 29.13 -26.91
CA GLY A 70 -14.79 29.81 -28.03
C GLY A 70 -13.83 30.68 -28.81
ZN ZN B . -8.28 -7.45 -4.77
ZN ZN C . -3.38 4.70 -6.57
N GLY A 1 24.23 -16.47 34.12
CA GLY A 1 23.62 -17.71 33.67
C GLY A 1 22.11 -17.62 33.63
N SER A 2 21.54 -17.83 32.44
CA SER A 2 20.09 -17.77 32.26
C SER A 2 19.55 -19.09 31.73
N SER A 3 18.50 -19.60 32.37
CA SER A 3 17.89 -20.85 31.95
C SER A 3 16.36 -20.76 32.00
N GLY A 4 15.70 -21.39 31.04
CA GLY A 4 14.26 -21.37 30.99
C GLY A 4 13.72 -20.61 29.78
N SER A 5 13.90 -19.30 29.78
CA SER A 5 13.44 -18.46 28.69
C SER A 5 14.24 -18.74 27.41
N SER A 6 13.53 -18.94 26.31
CA SER A 6 14.17 -19.22 25.03
C SER A 6 14.60 -17.93 24.34
N GLY A 7 15.36 -18.06 23.27
CA GLY A 7 15.83 -16.90 22.54
C GLY A 7 14.91 -16.52 21.39
N LEU A 8 13.60 -16.63 21.63
CA LEU A 8 12.61 -16.31 20.60
C LEU A 8 12.00 -14.93 20.85
N GLU A 9 12.60 -13.91 20.24
CA GLU A 9 12.11 -12.54 20.39
C GLU A 9 12.03 -11.84 19.04
N ALA A 10 11.55 -12.56 18.03
CA ALA A 10 11.41 -12.01 16.69
C ALA A 10 10.07 -12.38 16.07
N VAL A 11 9.59 -11.54 15.17
CA VAL A 11 8.31 -11.78 14.50
C VAL A 11 8.37 -11.36 13.04
N ALA A 12 7.76 -12.17 12.18
CA ALA A 12 7.75 -11.89 10.75
C ALA A 12 7.20 -10.49 10.46
N PRO A 13 7.74 -9.83 9.43
CA PRO A 13 7.32 -8.48 9.05
C PRO A 13 5.92 -8.47 8.44
N GLU A 14 5.21 -7.37 8.65
CA GLU A 14 3.85 -7.23 8.13
C GLU A 14 3.87 -7.13 6.61
N ARG A 15 3.08 -7.98 5.96
CA ARG A 15 3.00 -7.99 4.50
C ARG A 15 1.79 -7.21 4.02
N PRO A 16 1.89 -6.64 2.81
CA PRO A 16 0.80 -5.86 2.20
C PRO A 16 -0.39 -6.74 1.81
N ARG A 17 -1.47 -6.09 1.40
CA ARG A 17 -2.68 -6.81 0.99
C ARG A 17 -3.65 -5.87 0.28
N CYS A 18 -4.49 -6.44 -0.58
CA CYS A 18 -5.47 -5.66 -1.31
C CYS A 18 -6.47 -4.99 -0.37
N ALA A 19 -7.32 -4.14 -0.92
CA ALA A 19 -8.32 -3.44 -0.13
C ALA A 19 -9.73 -3.89 -0.49
N TYR A 20 -10.01 -3.98 -1.78
CA TYR A 20 -11.31 -4.39 -2.27
C TYR A 20 -11.61 -5.83 -1.85
N CYS A 21 -10.70 -6.74 -2.16
CA CYS A 21 -10.86 -8.15 -1.82
C CYS A 21 -10.03 -8.51 -0.59
N SER A 22 -8.94 -7.77 -0.38
CA SER A 22 -8.06 -8.01 0.75
C SER A 22 -7.35 -9.36 0.62
N ALA A 23 -6.83 -9.62 -0.58
CA ALA A 23 -6.11 -10.87 -0.85
C ALA A 23 -4.62 -10.64 -0.97
N GLU A 24 -3.87 -11.72 -1.14
CA GLU A 24 -2.42 -11.63 -1.27
C GLU A 24 -2.03 -10.61 -2.33
N ALA A 25 -1.49 -9.48 -1.88
CA ALA A 25 -1.08 -8.42 -2.78
C ALA A 25 0.35 -8.63 -3.26
N SER A 26 0.56 -8.47 -4.57
CA SER A 26 1.88 -8.66 -5.16
C SER A 26 2.39 -7.34 -5.76
N LYS A 27 1.51 -6.63 -6.43
CA LYS A 27 1.87 -5.36 -7.05
C LYS A 27 1.12 -4.20 -6.40
N ARG A 28 1.71 -3.01 -6.47
CA ARG A 28 1.10 -1.82 -5.89
C ARG A 28 0.48 -0.94 -6.97
N CYS A 29 -0.47 -0.10 -6.57
CA CYS A 29 -1.14 0.79 -7.50
C CYS A 29 -0.14 1.47 -8.42
N SER A 30 -0.26 1.22 -9.73
CA SER A 30 0.64 1.80 -10.71
C SER A 30 0.21 3.23 -11.06
N ARG A 31 -0.25 3.96 -10.06
CA ARG A 31 -0.69 5.34 -10.26
C ARG A 31 -0.12 6.26 -9.18
N CYS A 32 -0.10 5.78 -7.94
CA CYS A 32 0.40 6.55 -6.82
C CYS A 32 1.50 5.79 -6.09
N GLN A 33 1.47 4.45 -6.21
CA GLN A 33 2.46 3.61 -5.55
C GLN A 33 2.42 3.80 -4.03
N ASN A 34 1.22 3.75 -3.48
CA ASN A 34 1.04 3.92 -2.04
C ASN A 34 0.15 2.82 -1.46
N GLU A 35 -0.83 2.39 -2.26
CA GLU A 35 -1.75 1.33 -1.83
C GLU A 35 -1.41 0.01 -2.51
N TRP A 36 -1.76 -1.09 -1.85
CA TRP A 36 -1.50 -2.42 -2.39
C TRP A 36 -2.76 -3.02 -3.01
N TYR A 37 -2.58 -3.83 -4.05
CA TYR A 37 -3.71 -4.46 -4.71
C TYR A 37 -3.31 -5.83 -5.28
N CYS A 38 -4.26 -6.77 -5.26
CA CYS A 38 -4.00 -8.11 -5.77
C CYS A 38 -4.00 -8.12 -7.29
N CYS A 39 -4.99 -7.46 -7.88
CA CYS A 39 -5.10 -7.40 -9.33
C CYS A 39 -5.85 -6.15 -9.76
N ARG A 40 -5.96 -5.95 -11.07
CA ARG A 40 -6.65 -4.79 -11.62
C ARG A 40 -8.16 -4.91 -11.46
N GLU A 41 -8.66 -6.13 -11.66
CA GLU A 41 -10.09 -6.39 -11.54
C GLU A 41 -10.68 -5.64 -10.35
N CYS A 42 -9.90 -5.50 -9.29
CA CYS A 42 -10.34 -4.80 -8.10
C CYS A 42 -10.28 -3.29 -8.29
N GLN A 43 -9.08 -2.80 -8.61
CA GLN A 43 -8.88 -1.37 -8.82
C GLN A 43 -10.01 -0.77 -9.65
N VAL A 44 -10.21 -1.32 -10.85
CA VAL A 44 -11.26 -0.86 -11.75
C VAL A 44 -12.58 -0.66 -11.00
N LYS A 45 -12.78 -1.45 -9.94
CA LYS A 45 -13.99 -1.36 -9.14
C LYS A 45 -13.83 -0.35 -8.02
N HIS A 46 -12.82 -0.54 -7.18
CA HIS A 46 -12.56 0.36 -6.07
C HIS A 46 -11.68 1.53 -6.51
N TRP A 47 -11.95 2.04 -7.71
CA TRP A 47 -11.19 3.16 -8.26
C TRP A 47 -11.88 4.49 -7.94
N GLU A 48 -13.21 4.50 -8.02
CA GLU A 48 -13.98 5.70 -7.74
C GLU A 48 -13.63 6.26 -6.38
N LYS A 49 -13.49 5.38 -5.39
CA LYS A 49 -13.16 5.78 -4.03
C LYS A 49 -11.67 6.01 -3.87
N HIS A 50 -10.89 4.94 -4.04
CA HIS A 50 -9.44 5.02 -3.92
C HIS A 50 -8.90 6.23 -4.69
N GLY A 51 -9.43 6.44 -5.90
CA GLY A 51 -8.99 7.57 -6.71
C GLY A 51 -8.66 8.79 -5.87
N LYS A 52 -9.64 9.26 -5.11
CA LYS A 52 -9.46 10.44 -4.27
C LYS A 52 -8.15 10.33 -3.49
N THR A 53 -7.93 9.19 -2.84
CA THR A 53 -6.73 8.98 -2.05
C THR A 53 -5.51 8.82 -2.95
N CYS A 54 -5.74 8.31 -4.16
CA CYS A 54 -4.64 8.12 -5.12
C CYS A 54 -3.97 9.44 -5.47
N VAL A 55 -2.67 9.51 -5.27
CA VAL A 55 -1.90 10.71 -5.56
C VAL A 55 -0.83 10.45 -6.62
N LEU A 56 -0.98 11.09 -7.77
CA LEU A 56 -0.02 10.93 -8.86
C LEU A 56 1.36 11.43 -8.45
N ALA A 57 2.22 10.50 -8.04
CA ALA A 57 3.57 10.84 -7.62
C ALA A 57 4.59 9.95 -8.31
N ALA A 58 5.03 10.36 -9.50
CA ALA A 58 6.01 9.61 -10.27
C ALA A 58 7.33 10.36 -10.36
N GLN A 59 8.33 9.71 -10.95
CA GLN A 59 9.65 10.33 -11.11
C GLN A 59 9.81 10.92 -12.49
N GLY A 60 8.74 11.52 -13.01
CA GLY A 60 8.78 12.13 -14.32
C GLY A 60 9.62 13.40 -14.35
N ASP A 61 10.04 13.79 -15.54
CA ASP A 61 10.85 15.00 -15.71
C ASP A 61 9.97 16.25 -15.68
N ARG A 62 9.05 16.30 -14.73
CA ARG A 62 8.16 17.44 -14.59
C ARG A 62 8.57 18.33 -13.43
N ALA A 63 8.20 19.61 -13.51
CA ALA A 63 8.55 20.57 -12.47
C ALA A 63 7.88 20.19 -11.15
N LYS A 64 8.69 20.05 -10.11
CA LYS A 64 8.18 19.69 -8.78
C LYS A 64 7.22 20.76 -8.27
N SER A 65 6.24 20.33 -7.46
CA SER A 65 5.25 21.25 -6.90
C SER A 65 5.80 21.94 -5.65
N GLY A 66 7.08 22.28 -5.69
CA GLY A 66 7.70 22.94 -4.55
C GLY A 66 8.60 22.01 -3.76
N PRO A 67 8.15 21.63 -2.55
CA PRO A 67 8.91 20.75 -1.68
C PRO A 67 8.96 19.31 -2.21
N SER A 68 10.16 18.73 -2.21
CA SER A 68 10.34 17.37 -2.69
C SER A 68 11.77 16.89 -2.42
N SER A 69 11.88 15.68 -1.87
CA SER A 69 13.18 15.11 -1.56
C SER A 69 13.95 14.76 -2.83
N GLY A 70 15.11 15.39 -3.01
CA GLY A 70 15.92 15.13 -4.19
C GLY A 70 16.86 13.96 -4.00
ZN ZN B . -8.11 -7.41 -4.81
ZN ZN C . -3.41 4.71 -6.38
N GLY A 1 2.93 -4.02 40.62
CA GLY A 1 2.80 -5.00 39.55
C GLY A 1 3.06 -4.40 38.18
N SER A 2 4.27 -4.63 37.67
CA SER A 2 4.65 -4.10 36.36
C SER A 2 4.86 -5.23 35.35
N SER A 3 3.82 -5.54 34.59
CA SER A 3 3.89 -6.60 33.59
C SER A 3 3.08 -6.24 32.35
N GLY A 4 3.72 -6.34 31.19
CA GLY A 4 3.05 -6.02 29.94
C GLY A 4 4.00 -5.44 28.91
N SER A 5 4.03 -6.06 27.73
CA SER A 5 4.90 -5.60 26.66
C SER A 5 4.25 -5.82 25.29
N SER A 6 4.90 -5.36 24.24
CA SER A 6 4.39 -5.51 22.89
C SER A 6 5.04 -6.68 22.17
N GLY A 7 4.49 -7.87 22.38
CA GLY A 7 5.03 -9.06 21.75
C GLY A 7 6.03 -9.78 22.63
N LEU A 8 6.00 -11.10 22.60
CA LEU A 8 6.91 -11.91 23.41
C LEU A 8 7.85 -12.72 22.52
N GLU A 9 9.10 -12.25 22.42
CA GLU A 9 10.10 -12.93 21.61
C GLU A 9 9.54 -13.27 20.24
N ALA A 10 8.66 -12.41 19.73
CA ALA A 10 8.05 -12.63 18.42
C ALA A 10 7.99 -11.34 17.62
N VAL A 11 8.82 -11.26 16.58
CA VAL A 11 8.86 -10.06 15.73
C VAL A 11 8.93 -10.45 14.25
N ALA A 12 7.93 -10.01 13.49
CA ALA A 12 7.88 -10.30 12.07
C ALA A 12 7.26 -9.15 11.29
N PRO A 13 7.69 -8.99 10.02
CA PRO A 13 7.18 -7.92 9.15
C PRO A 13 5.73 -8.13 8.74
N GLU A 14 5.11 -7.10 8.19
CA GLU A 14 3.72 -7.17 7.76
C GLU A 14 3.62 -7.11 6.24
N ARG A 15 2.98 -8.12 5.65
CA ARG A 15 2.82 -8.18 4.21
C ARG A 15 1.60 -7.37 3.76
N PRO A 16 1.66 -6.84 2.53
CA PRO A 16 0.57 -6.03 1.96
C PRO A 16 -0.66 -6.87 1.66
N ARG A 17 -1.78 -6.19 1.40
CA ARG A 17 -3.04 -6.87 1.10
C ARG A 17 -3.99 -5.93 0.34
N CYS A 18 -4.74 -6.52 -0.59
CA CYS A 18 -5.70 -5.74 -1.38
C CYS A 18 -6.63 -4.94 -0.48
N ALA A 19 -7.43 -4.08 -1.09
CA ALA A 19 -8.38 -3.25 -0.34
C ALA A 19 -9.82 -3.70 -0.59
N TYR A 20 -10.12 -4.04 -1.84
CA TYR A 20 -11.47 -4.49 -2.20
C TYR A 20 -11.74 -5.88 -1.66
N CYS A 21 -10.93 -6.85 -2.07
CA CYS A 21 -11.08 -8.23 -1.61
C CYS A 21 -10.16 -8.52 -0.43
N SER A 22 -9.11 -7.72 -0.29
CA SER A 22 -8.16 -7.89 0.80
C SER A 22 -7.48 -9.25 0.72
N ALA A 23 -7.04 -9.61 -0.50
CA ALA A 23 -6.36 -10.89 -0.71
C ALA A 23 -4.88 -10.68 -0.99
N GLU A 24 -4.12 -11.77 -0.94
CA GLU A 24 -2.69 -11.70 -1.18
C GLU A 24 -2.36 -10.70 -2.28
N ALA A 25 -1.60 -9.67 -1.93
CA ALA A 25 -1.21 -8.63 -2.89
C ALA A 25 0.18 -8.90 -3.46
N SER A 26 0.37 -8.54 -4.71
CA SER A 26 1.65 -8.74 -5.39
C SER A 26 2.06 -7.49 -6.16
N LYS A 27 1.07 -6.79 -6.71
CA LYS A 27 1.33 -5.58 -7.47
C LYS A 27 1.00 -4.33 -6.65
N ARG A 28 1.47 -3.18 -7.11
CA ARG A 28 1.23 -1.92 -6.43
C ARG A 28 0.59 -0.91 -7.37
N CYS A 29 -0.23 -0.01 -6.80
CA CYS A 29 -0.90 1.02 -7.59
C CYS A 29 0.08 1.70 -8.53
N SER A 30 -0.24 1.67 -9.83
CA SER A 30 0.62 2.30 -10.83
C SER A 30 0.27 3.78 -10.99
N ARG A 31 -0.11 4.41 -9.88
CA ARG A 31 -0.46 5.82 -9.90
C ARG A 31 0.21 6.56 -8.74
N CYS A 32 0.19 5.95 -7.56
CA CYS A 32 0.79 6.54 -6.37
C CYS A 32 1.81 5.59 -5.74
N GLN A 33 1.65 4.30 -6.03
CA GLN A 33 2.56 3.29 -5.49
C GLN A 33 2.56 3.32 -3.96
N ASN A 34 1.37 3.38 -3.37
CA ASN A 34 1.24 3.41 -1.92
C ASN A 34 0.32 2.30 -1.43
N GLU A 35 -0.73 2.02 -2.21
CA GLU A 35 -1.68 0.98 -1.85
C GLU A 35 -1.40 -0.30 -2.62
N TRP A 36 -1.66 -1.44 -1.98
CA TRP A 36 -1.42 -2.74 -2.61
C TRP A 36 -2.73 -3.33 -3.12
N TYR A 37 -2.62 -4.21 -4.12
CA TYR A 37 -3.80 -4.84 -4.70
C TYR A 37 -3.47 -6.25 -5.20
N CYS A 38 -4.44 -7.15 -5.12
CA CYS A 38 -4.26 -8.52 -5.56
C CYS A 38 -4.22 -8.59 -7.09
N CYS A 39 -5.16 -7.91 -7.73
CA CYS A 39 -5.24 -7.90 -9.19
C CYS A 39 -5.91 -6.63 -9.69
N ARG A 40 -5.86 -6.42 -11.00
CA ARG A 40 -6.45 -5.24 -11.61
C ARG A 40 -7.97 -5.27 -11.47
N GLU A 41 -8.54 -6.46 -11.57
CA GLU A 41 -9.98 -6.64 -11.46
C GLU A 41 -10.55 -5.78 -10.32
N CYS A 42 -9.78 -5.66 -9.25
CA CYS A 42 -10.20 -4.87 -8.10
C CYS A 42 -9.87 -3.39 -8.30
N GLN A 43 -8.67 -3.12 -8.78
CA GLN A 43 -8.24 -1.75 -9.01
C GLN A 43 -9.34 -0.94 -9.69
N VAL A 44 -9.89 -1.48 -10.77
CA VAL A 44 -10.95 -0.81 -11.51
C VAL A 44 -12.16 -0.56 -10.61
N LYS A 45 -12.36 -1.44 -9.64
CA LYS A 45 -13.49 -1.32 -8.71
C LYS A 45 -13.20 -0.27 -7.65
N HIS A 46 -12.10 -0.45 -6.92
CA HIS A 46 -11.71 0.48 -5.87
C HIS A 46 -10.92 1.65 -6.45
N TRP A 47 -11.29 2.07 -7.66
CA TRP A 47 -10.61 3.18 -8.32
C TRP A 47 -11.34 4.49 -8.06
N GLU A 48 -12.66 4.42 -7.94
CA GLU A 48 -13.47 5.61 -7.69
C GLU A 48 -13.25 6.12 -6.26
N LYS A 49 -13.37 5.22 -5.30
CA LYS A 49 -13.19 5.57 -3.89
C LYS A 49 -11.72 5.86 -3.59
N HIS A 50 -10.83 5.17 -4.29
CA HIS A 50 -9.40 5.36 -4.10
C HIS A 50 -8.91 6.63 -4.80
N GLY A 51 -9.45 6.88 -5.97
CA GLY A 51 -9.07 8.06 -6.73
C GLY A 51 -8.79 9.25 -5.84
N LYS A 52 -9.79 9.65 -5.06
CA LYS A 52 -9.65 10.78 -4.15
C LYS A 52 -8.48 10.57 -3.20
N THR A 53 -8.23 9.32 -2.84
CA THR A 53 -7.15 8.99 -1.93
C THR A 53 -5.81 8.93 -2.66
N CYS A 54 -5.87 8.68 -3.97
CA CYS A 54 -4.67 8.60 -4.79
C CYS A 54 -4.25 9.98 -5.29
N VAL A 55 -2.97 10.13 -5.59
CA VAL A 55 -2.44 11.40 -6.08
C VAL A 55 -1.77 11.23 -7.45
N LEU A 56 -1.69 12.32 -8.19
CA LEU A 56 -1.08 12.30 -9.52
C LEU A 56 0.44 12.19 -9.42
N ALA A 57 0.92 11.08 -8.86
CA ALA A 57 2.35 10.85 -8.71
C ALA A 57 2.93 10.19 -9.95
N ALA A 58 3.43 11.00 -10.87
CA ALA A 58 4.02 10.48 -12.11
C ALA A 58 5.39 11.10 -12.35
N GLN A 59 6.09 10.59 -13.38
CA GLN A 59 7.41 11.09 -13.71
C GLN A 59 7.37 11.89 -15.02
N GLY A 60 8.24 12.89 -15.12
CA GLY A 60 8.28 13.71 -16.32
C GLY A 60 7.72 15.10 -16.09
N ASP A 61 8.05 16.03 -16.98
CA ASP A 61 7.58 17.40 -16.87
C ASP A 61 6.41 17.65 -17.82
N ARG A 62 5.20 17.32 -17.36
CA ARG A 62 4.00 17.51 -18.17
C ARG A 62 3.18 18.70 -17.67
N ALA A 63 2.79 18.64 -16.41
CA ALA A 63 2.01 19.72 -15.81
C ALA A 63 2.58 20.12 -14.45
N LYS A 64 2.09 21.24 -13.92
CA LYS A 64 2.55 21.74 -12.63
C LYS A 64 1.84 21.02 -11.49
N SER A 65 1.78 19.69 -11.57
CA SER A 65 1.13 18.89 -10.55
C SER A 65 2.14 18.41 -9.52
N GLY A 66 3.06 19.29 -9.14
CA GLY A 66 4.07 18.94 -8.16
C GLY A 66 4.99 17.84 -8.65
N PRO A 67 5.94 18.21 -9.53
CA PRO A 67 6.91 17.26 -10.09
C PRO A 67 7.91 16.76 -9.05
N SER A 68 8.32 15.51 -9.18
CA SER A 68 9.28 14.92 -8.25
C SER A 68 10.66 15.52 -8.44
N SER A 69 11.08 15.66 -9.70
CA SER A 69 12.38 16.21 -10.02
C SER A 69 12.51 16.45 -11.52
N GLY A 70 13.38 17.39 -11.90
CA GLY A 70 13.59 17.70 -13.30
C GLY A 70 14.57 16.77 -13.96
ZN ZN B . -8.39 -7.64 -4.75
ZN ZN C . -3.08 4.97 -5.96
N GLY A 1 0.20 -19.51 43.51
CA GLY A 1 0.26 -20.21 42.23
C GLY A 1 0.15 -19.26 41.05
N SER A 2 1.22 -19.16 40.28
CA SER A 2 1.24 -18.29 39.11
C SER A 2 0.91 -19.06 37.84
N SER A 3 -0.32 -18.90 37.35
CA SER A 3 -0.76 -19.58 36.14
C SER A 3 -1.21 -18.57 35.08
N GLY A 4 -0.49 -18.52 33.98
CA GLY A 4 -0.84 -17.61 32.90
C GLY A 4 0.02 -16.36 32.91
N SER A 5 1.09 -16.38 32.13
CA SER A 5 2.00 -15.23 32.04
C SER A 5 1.74 -14.43 30.77
N SER A 6 1.92 -15.07 29.62
CA SER A 6 1.72 -14.41 28.34
C SER A 6 1.31 -15.43 27.27
N GLY A 7 0.59 -14.94 26.26
CA GLY A 7 0.14 -15.82 25.19
C GLY A 7 1.17 -15.93 24.08
N LEU A 8 0.71 -16.35 22.90
CA LEU A 8 1.59 -16.50 21.75
C LEU A 8 0.91 -16.01 20.47
N GLU A 9 1.71 -15.51 19.53
CA GLU A 9 1.19 -15.00 18.26
C GLU A 9 2.03 -15.51 17.10
N ALA A 10 1.37 -15.79 15.98
CA ALA A 10 2.05 -16.27 14.79
C ALA A 10 3.21 -15.34 14.40
N VAL A 11 4.43 -15.82 14.57
CA VAL A 11 5.61 -15.04 14.24
C VAL A 11 5.81 -14.95 12.74
N ALA A 12 5.61 -13.75 12.20
CA ALA A 12 5.78 -13.53 10.77
C ALA A 12 5.71 -12.04 10.43
N PRO A 13 6.34 -11.66 9.31
CA PRO A 13 6.36 -10.26 8.85
C PRO A 13 5.00 -9.79 8.37
N GLU A 14 4.59 -8.60 8.82
CA GLU A 14 3.30 -8.05 8.43
C GLU A 14 3.32 -7.60 6.97
N ARG A 15 2.75 -8.43 6.10
CA ARG A 15 2.70 -8.14 4.67
C ARG A 15 1.41 -7.41 4.31
N PRO A 16 1.47 -6.62 3.24
CA PRO A 16 0.30 -5.85 2.77
C PRO A 16 -0.78 -6.75 2.17
N ARG A 17 -1.97 -6.19 2.01
CA ARG A 17 -3.10 -6.94 1.45
C ARG A 17 -4.04 -6.02 0.69
N CYS A 18 -4.66 -6.54 -0.36
CA CYS A 18 -5.59 -5.77 -1.17
C CYS A 18 -6.59 -5.01 -0.28
N ALA A 19 -7.38 -4.15 -0.90
CA ALA A 19 -8.37 -3.36 -0.17
C ALA A 19 -9.77 -3.88 -0.44
N TYR A 20 -10.11 -4.06 -1.71
CA TYR A 20 -11.42 -4.55 -2.10
C TYR A 20 -11.66 -5.96 -1.57
N CYS A 21 -10.94 -6.92 -2.13
CA CYS A 21 -11.08 -8.31 -1.71
C CYS A 21 -10.22 -8.60 -0.48
N SER A 22 -9.14 -7.83 -0.32
CA SER A 22 -8.24 -8.00 0.80
C SER A 22 -7.44 -9.29 0.67
N ALA A 23 -7.10 -9.64 -0.57
CA ALA A 23 -6.33 -10.85 -0.83
C ALA A 23 -4.86 -10.52 -1.06
N GLU A 24 -4.00 -11.53 -0.91
CA GLU A 24 -2.57 -11.35 -1.09
C GLU A 24 -2.29 -10.39 -2.24
N ALA A 25 -1.34 -9.47 -2.02
CA ALA A 25 -0.98 -8.48 -3.03
C ALA A 25 0.35 -8.85 -3.70
N SER A 26 0.53 -8.38 -4.92
CA SER A 26 1.76 -8.66 -5.66
C SER A 26 2.33 -7.38 -6.27
N LYS A 27 1.44 -6.56 -6.83
CA LYS A 27 1.84 -5.30 -7.45
C LYS A 27 1.20 -4.12 -6.74
N ARG A 28 1.87 -2.97 -6.79
CA ARG A 28 1.36 -1.76 -6.14
C ARG A 28 0.66 -0.86 -7.17
N CYS A 29 -0.30 -0.07 -6.69
CA CYS A 29 -1.06 0.83 -7.55
C CYS A 29 -0.11 1.59 -8.48
N SER A 30 -0.31 1.41 -9.79
CA SER A 30 0.52 2.08 -10.79
C SER A 30 0.05 3.51 -11.01
N ARG A 31 -0.35 4.17 -9.92
CA ARG A 31 -0.83 5.55 -9.99
C ARG A 31 -0.23 6.39 -8.87
N CYS A 32 -0.18 5.82 -7.66
CA CYS A 32 0.36 6.51 -6.50
C CYS A 32 1.50 5.71 -5.88
N GLN A 33 1.47 4.39 -6.08
CA GLN A 33 2.50 3.52 -5.54
C GLN A 33 2.55 3.60 -4.02
N ASN A 34 1.37 3.51 -3.39
CA ASN A 34 1.27 3.58 -1.94
C ASN A 34 0.44 2.42 -1.39
N GLU A 35 -0.64 2.11 -2.09
CA GLU A 35 -1.52 1.02 -1.67
C GLU A 35 -1.25 -0.24 -2.49
N TRP A 36 -1.51 -1.40 -1.88
CA TRP A 36 -1.29 -2.67 -2.56
C TRP A 36 -2.59 -3.19 -3.17
N TYR A 37 -2.46 -4.05 -4.17
CA TYR A 37 -3.63 -4.61 -4.85
C TYR A 37 -3.31 -5.99 -5.43
N CYS A 38 -4.22 -6.94 -5.22
CA CYS A 38 -4.04 -8.30 -5.71
C CYS A 38 -4.06 -8.32 -7.24
N CYS A 39 -5.05 -7.64 -7.83
CA CYS A 39 -5.19 -7.60 -9.27
C CYS A 39 -5.87 -6.30 -9.71
N ARG A 40 -5.88 -6.05 -11.01
CA ARG A 40 -6.50 -4.86 -11.56
C ARG A 40 -8.01 -4.86 -11.32
N GLU A 41 -8.63 -6.01 -11.53
CA GLU A 41 -10.07 -6.15 -11.34
C GLU A 41 -10.54 -5.34 -10.14
N CYS A 42 -9.75 -5.36 -9.07
CA CYS A 42 -10.09 -4.63 -7.85
C CYS A 42 -9.79 -3.14 -8.02
N GLN A 43 -8.62 -2.83 -8.57
CA GLN A 43 -8.22 -1.45 -8.77
C GLN A 43 -9.26 -0.70 -9.60
N VAL A 44 -9.76 -1.35 -10.65
CA VAL A 44 -10.76 -0.75 -11.51
C VAL A 44 -12.08 -0.52 -10.76
N LYS A 45 -12.46 -1.50 -9.96
CA LYS A 45 -13.70 -1.42 -9.19
C LYS A 45 -13.60 -0.33 -8.12
N HIS A 46 -12.62 -0.47 -7.23
CA HIS A 46 -12.42 0.49 -6.16
C HIS A 46 -11.59 1.68 -6.65
N TRP A 47 -11.88 2.15 -7.87
CA TRP A 47 -11.18 3.27 -8.45
C TRP A 47 -11.84 4.59 -8.08
N GLU A 48 -13.16 4.63 -8.19
CA GLU A 48 -13.91 5.84 -7.86
C GLU A 48 -13.60 6.30 -6.44
N LYS A 49 -13.50 5.35 -5.51
CA LYS A 49 -13.21 5.67 -4.12
C LYS A 49 -11.71 5.91 -3.93
N HIS A 50 -10.92 4.88 -4.19
CA HIS A 50 -9.47 4.98 -4.04
C HIS A 50 -8.95 6.25 -4.68
N GLY A 51 -9.44 6.57 -5.87
CA GLY A 51 -9.02 7.77 -6.57
C GLY A 51 -8.88 8.96 -5.64
N LYS A 52 -9.89 9.19 -4.82
CA LYS A 52 -9.89 10.30 -3.88
C LYS A 52 -8.56 10.38 -3.13
N THR A 53 -8.12 9.23 -2.61
CA THR A 53 -6.86 9.17 -1.87
C THR A 53 -5.74 8.63 -2.75
N CYS A 54 -5.79 8.96 -4.03
CA CYS A 54 -4.77 8.51 -4.97
C CYS A 54 -4.21 9.70 -5.76
N VAL A 55 -2.92 9.96 -5.59
CA VAL A 55 -2.27 11.06 -6.29
C VAL A 55 -1.17 10.54 -7.22
N LEU A 56 -1.17 11.04 -8.45
CA LEU A 56 -0.17 10.62 -9.44
C LEU A 56 1.24 10.78 -8.88
N ALA A 57 1.82 9.69 -8.42
CA ALA A 57 3.16 9.70 -7.86
C ALA A 57 4.07 8.72 -8.60
N ALA A 58 4.84 9.23 -9.55
CA ALA A 58 5.75 8.39 -10.32
C ALA A 58 7.20 8.62 -9.89
N GLN A 59 8.07 7.69 -10.26
CA GLN A 59 9.48 7.78 -9.91
C GLN A 59 10.31 8.27 -11.10
N GLY A 60 11.29 9.13 -10.82
CA GLY A 60 12.14 9.66 -11.86
C GLY A 60 12.76 10.99 -11.50
N ASP A 61 13.90 10.93 -10.81
CA ASP A 61 14.59 12.15 -10.40
C ASP A 61 16.09 12.03 -10.65
N ARG A 62 16.80 13.14 -10.50
CA ARG A 62 18.24 13.16 -10.72
C ARG A 62 18.99 13.40 -9.41
N ALA A 63 19.22 12.32 -8.66
CA ALA A 63 19.92 12.41 -7.39
C ALA A 63 20.30 11.02 -6.88
N LYS A 64 20.99 10.99 -5.74
CA LYS A 64 21.41 9.73 -5.14
C LYS A 64 20.32 8.68 -5.25
N SER A 65 20.54 7.68 -6.11
CA SER A 65 19.56 6.62 -6.33
C SER A 65 20.21 5.42 -7.02
N GLY A 66 19.43 4.36 -7.21
CA GLY A 66 19.95 3.18 -7.87
C GLY A 66 19.46 3.05 -9.29
N PRO A 67 20.29 3.48 -10.25
CA PRO A 67 19.97 3.42 -11.67
C PRO A 67 19.94 1.99 -12.21
N SER A 68 19.77 1.85 -13.52
CA SER A 68 19.72 0.54 -14.15
C SER A 68 19.87 0.65 -15.66
N SER A 69 20.57 -0.30 -16.26
CA SER A 69 20.78 -0.29 -17.70
C SER A 69 21.12 -1.70 -18.21
N GLY A 70 21.23 -1.84 -19.53
CA GLY A 70 21.56 -3.13 -20.10
C GLY A 70 22.03 -3.02 -21.54
ZN ZN B . -8.18 -7.57 -4.66
ZN ZN C . -3.45 4.62 -6.16
N GLY A 1 -10.02 -14.35 45.30
CA GLY A 1 -8.80 -13.72 44.82
C GLY A 1 -8.37 -14.25 43.47
N SER A 2 -7.10 -14.06 43.13
CA SER A 2 -6.57 -14.52 41.86
C SER A 2 -5.10 -14.89 41.99
N SER A 3 -4.65 -15.82 41.16
CA SER A 3 -3.26 -16.28 41.19
C SER A 3 -2.85 -16.85 39.83
N GLY A 4 -1.95 -16.16 39.14
CA GLY A 4 -1.50 -16.63 37.85
C GLY A 4 -2.10 -15.84 36.70
N SER A 5 -1.25 -15.20 35.90
CA SER A 5 -1.71 -14.40 34.77
C SER A 5 -1.33 -15.07 33.45
N SER A 6 -1.82 -14.50 32.36
CA SER A 6 -1.54 -15.05 31.03
C SER A 6 -1.20 -13.93 30.05
N GLY A 7 -0.65 -14.30 28.90
CA GLY A 7 -0.28 -13.32 27.89
C GLY A 7 0.35 -13.96 26.67
N LEU A 8 -0.23 -13.70 25.50
CA LEU A 8 0.29 -14.25 24.25
C LEU A 8 -0.20 -13.44 23.06
N GLU A 9 0.74 -13.00 22.23
CA GLU A 9 0.40 -12.21 21.04
C GLU A 9 1.45 -12.40 19.95
N ALA A 10 0.98 -12.62 18.72
CA ALA A 10 1.88 -12.82 17.59
C ALA A 10 2.56 -11.51 17.21
N VAL A 11 3.80 -11.33 17.67
CA VAL A 11 4.57 -10.14 17.37
C VAL A 11 5.13 -10.17 15.96
N ALA A 12 4.59 -9.32 15.08
CA ALA A 12 5.04 -9.26 13.70
C ALA A 12 4.46 -8.04 12.99
N PRO A 13 5.23 -7.50 12.04
CA PRO A 13 4.80 -6.32 11.26
C PRO A 13 3.67 -6.63 10.31
N GLU A 14 2.55 -5.93 10.47
CA GLU A 14 1.38 -6.14 9.63
C GLU A 14 1.77 -6.09 8.15
N ARG A 15 1.29 -7.06 7.38
CA ARG A 15 1.58 -7.13 5.96
C ARG A 15 0.48 -6.48 5.14
N PRO A 16 0.84 -5.97 3.95
CA PRO A 16 -0.10 -5.31 3.05
C PRO A 16 -1.11 -6.28 2.43
N ARG A 17 -2.25 -5.76 2.02
CA ARG A 17 -3.28 -6.59 1.42
C ARG A 17 -4.22 -5.75 0.56
N CYS A 18 -4.95 -6.40 -0.34
CA CYS A 18 -5.88 -5.71 -1.23
C CYS A 18 -6.89 -4.89 -0.42
N ALA A 19 -7.63 -4.04 -1.10
CA ALA A 19 -8.63 -3.19 -0.45
C ALA A 19 -10.04 -3.69 -0.76
N TYR A 20 -10.22 -4.26 -1.94
CA TYR A 20 -11.52 -4.76 -2.35
C TYR A 20 -11.78 -6.16 -1.75
N CYS A 21 -11.00 -7.13 -2.20
CA CYS A 21 -11.13 -8.50 -1.72
C CYS A 21 -10.25 -8.74 -0.50
N SER A 22 -9.30 -7.83 -0.28
CA SER A 22 -8.37 -7.96 0.85
C SER A 22 -7.56 -9.25 0.75
N ALA A 23 -7.23 -9.64 -0.47
CA ALA A 23 -6.46 -10.85 -0.70
C ALA A 23 -4.98 -10.54 -0.89
N GLU A 24 -4.14 -11.56 -0.82
CA GLU A 24 -2.70 -11.39 -0.98
C GLU A 24 -2.40 -10.41 -2.11
N ALA A 25 -1.71 -9.33 -1.78
CA ALA A 25 -1.35 -8.31 -2.77
C ALA A 25 0.06 -8.54 -3.31
N SER A 26 0.22 -8.42 -4.62
CA SER A 26 1.51 -8.61 -5.25
C SER A 26 1.95 -7.35 -5.99
N LYS A 27 1.00 -6.70 -6.64
CA LYS A 27 1.28 -5.48 -7.39
C LYS A 27 0.87 -4.24 -6.59
N ARG A 28 1.22 -3.07 -7.10
CA ARG A 28 0.89 -1.81 -6.44
C ARG A 28 0.26 -0.83 -7.42
N CYS A 29 -0.57 0.06 -6.91
CA CYS A 29 -1.25 1.07 -7.74
C CYS A 29 -0.25 1.75 -8.66
N SER A 30 -0.48 1.62 -9.96
CA SER A 30 0.40 2.23 -10.95
C SER A 30 0.01 3.68 -11.21
N ARG A 31 -0.42 4.36 -10.16
CA ARG A 31 -0.83 5.76 -10.26
C ARG A 31 -0.19 6.59 -9.15
N CYS A 32 -0.18 6.05 -7.94
CA CYS A 32 0.39 6.74 -6.79
C CYS A 32 1.47 5.89 -6.12
N GLN A 33 1.40 4.58 -6.35
CA GLN A 33 2.36 3.66 -5.76
C GLN A 33 2.37 3.77 -4.25
N ASN A 34 1.19 3.69 -3.64
CA ASN A 34 1.06 3.79 -2.19
C ASN A 34 0.15 2.68 -1.65
N GLU A 35 -0.84 2.30 -2.45
CA GLU A 35 -1.77 1.25 -2.06
C GLU A 35 -1.49 -0.05 -2.81
N TRP A 36 -1.64 -1.17 -2.12
CA TRP A 36 -1.38 -2.48 -2.71
C TRP A 36 -2.67 -3.08 -3.26
N TYR A 37 -2.54 -4.11 -4.08
CA TYR A 37 -3.69 -4.77 -4.68
C TYR A 37 -3.33 -6.18 -5.14
N CYS A 38 -4.33 -7.05 -5.20
CA CYS A 38 -4.13 -8.43 -5.63
C CYS A 38 -4.13 -8.54 -7.15
N CYS A 39 -5.10 -7.89 -7.78
CA CYS A 39 -5.21 -7.91 -9.24
C CYS A 39 -5.65 -6.55 -9.76
N ARG A 40 -5.59 -6.40 -11.09
CA ARG A 40 -5.98 -5.14 -11.72
C ARG A 40 -7.49 -4.92 -11.63
N GLU A 41 -8.24 -6.03 -11.53
CA GLU A 41 -9.68 -5.95 -11.44
C GLU A 41 -10.11 -5.12 -10.24
N CYS A 42 -9.58 -5.46 -9.07
CA CYS A 42 -9.91 -4.74 -7.84
C CYS A 42 -9.50 -3.28 -7.94
N GLN A 43 -8.45 -3.01 -8.71
CA GLN A 43 -7.97 -1.65 -8.89
C GLN A 43 -9.01 -0.79 -9.60
N VAL A 44 -9.46 -1.24 -10.76
CA VAL A 44 -10.45 -0.51 -11.54
C VAL A 44 -11.81 -0.53 -10.84
N LYS A 45 -12.06 -1.59 -10.08
CA LYS A 45 -13.32 -1.73 -9.35
C LYS A 45 -13.41 -0.71 -8.23
N HIS A 46 -12.42 -0.72 -7.34
CA HIS A 46 -12.39 0.21 -6.22
C HIS A 46 -11.50 1.41 -6.52
N TRP A 47 -11.60 1.92 -7.73
CA TRP A 47 -10.80 3.07 -8.15
C TRP A 47 -11.50 4.37 -7.81
N GLU A 48 -12.82 4.40 -8.01
CA GLU A 48 -13.61 5.60 -7.73
C GLU A 48 -13.40 6.06 -6.30
N LYS A 49 -13.17 5.10 -5.39
CA LYS A 49 -12.95 5.41 -3.99
C LYS A 49 -11.48 5.71 -3.72
N HIS A 50 -10.63 4.70 -3.91
CA HIS A 50 -9.20 4.86 -3.69
C HIS A 50 -8.69 6.16 -4.31
N GLY A 51 -9.35 6.60 -5.38
CA GLY A 51 -8.96 7.83 -6.04
C GLY A 51 -8.72 8.97 -5.07
N LYS A 52 -9.70 9.21 -4.20
CA LYS A 52 -9.60 10.29 -3.22
C LYS A 52 -8.26 10.22 -2.48
N THR A 53 -7.72 9.00 -2.35
CA THR A 53 -6.45 8.80 -1.67
C THR A 53 -5.36 8.41 -2.65
N CYS A 54 -5.44 8.92 -3.88
CA CYS A 54 -4.47 8.62 -4.91
C CYS A 54 -3.88 9.91 -5.48
N VAL A 55 -2.55 9.96 -5.58
CA VAL A 55 -1.87 11.13 -6.11
C VAL A 55 -1.09 10.78 -7.37
N LEU A 56 -1.48 11.38 -8.49
CA LEU A 56 -0.81 11.13 -9.76
C LEU A 56 0.68 11.43 -9.67
N ALA A 57 1.45 10.42 -9.29
CA ALA A 57 2.90 10.57 -9.17
C ALA A 57 3.63 9.82 -10.28
N ALA A 58 3.13 9.95 -11.50
CA ALA A 58 3.73 9.29 -12.65
C ALA A 58 5.02 9.98 -13.07
N GLN A 59 4.97 11.31 -13.14
CA GLN A 59 6.14 12.09 -13.53
C GLN A 59 6.78 12.75 -12.31
N GLY A 60 8.11 12.80 -12.29
CA GLY A 60 8.82 13.40 -11.18
C GLY A 60 8.72 14.92 -11.20
N ASP A 61 7.72 15.45 -10.51
CA ASP A 61 7.51 16.89 -10.44
C ASP A 61 8.80 17.60 -10.05
N ARG A 62 8.94 18.85 -10.48
CA ARG A 62 10.12 19.64 -10.18
C ARG A 62 9.76 20.89 -9.39
N ALA A 63 8.85 20.74 -8.42
CA ALA A 63 8.42 21.85 -7.60
C ALA A 63 9.60 22.49 -6.86
N LYS A 64 9.33 23.58 -6.15
CA LYS A 64 10.37 24.28 -5.41
C LYS A 64 10.86 23.43 -4.23
N SER A 65 11.81 22.55 -4.49
CA SER A 65 12.36 21.68 -3.46
C SER A 65 13.79 21.27 -3.81
N GLY A 66 14.42 20.54 -2.89
CA GLY A 66 15.78 20.09 -3.11
C GLY A 66 16.00 18.65 -2.69
N PRO A 67 15.32 17.72 -3.38
CA PRO A 67 15.42 16.29 -3.10
C PRO A 67 16.79 15.72 -3.47
N SER A 68 16.93 14.41 -3.30
CA SER A 68 18.19 13.74 -3.63
C SER A 68 18.18 13.24 -5.06
N SER A 69 19.36 13.14 -5.66
CA SER A 69 19.51 12.68 -7.03
C SER A 69 20.60 11.62 -7.15
N GLY A 70 20.63 10.93 -8.29
CA GLY A 70 21.62 9.90 -8.50
C GLY A 70 21.23 8.93 -9.59
ZN ZN B . -8.35 -7.83 -4.65
ZN ZN C . -3.33 5.02 -6.29
N GLY A 1 -8.08 -18.35 45.11
CA GLY A 1 -6.90 -17.62 44.70
C GLY A 1 -6.30 -18.17 43.42
N SER A 2 -6.98 -17.94 42.30
CA SER A 2 -6.52 -18.42 41.01
C SER A 2 -6.57 -17.31 39.97
N SER A 3 -5.40 -16.73 39.67
CA SER A 3 -5.30 -15.65 38.71
C SER A 3 -3.86 -15.41 38.28
N GLY A 4 -3.65 -15.23 36.98
CA GLY A 4 -2.31 -15.01 36.47
C GLY A 4 -1.98 -15.91 35.29
N SER A 5 -2.61 -15.65 34.16
CA SER A 5 -2.38 -16.44 32.96
C SER A 5 -2.63 -15.63 31.70
N SER A 6 -1.57 -15.34 30.95
CA SER A 6 -1.68 -14.55 29.73
C SER A 6 -0.38 -14.60 28.93
N GLY A 7 -0.44 -14.11 27.70
CA GLY A 7 0.74 -14.11 26.86
C GLY A 7 0.46 -14.68 25.47
N LEU A 8 -0.40 -14.01 24.72
CA LEU A 8 -0.76 -14.45 23.38
C LEU A 8 -0.75 -13.28 22.40
N GLU A 9 0.41 -13.02 21.80
CA GLU A 9 0.56 -11.94 20.85
C GLU A 9 1.53 -12.31 19.73
N ALA A 10 1.64 -11.45 18.72
CA ALA A 10 2.53 -11.69 17.60
C ALA A 10 3.51 -10.53 17.42
N VAL A 11 4.77 -10.78 17.74
CA VAL A 11 5.81 -9.76 17.61
C VAL A 11 6.18 -9.53 16.15
N ALA A 12 5.29 -8.88 15.42
CA ALA A 12 5.52 -8.60 14.00
C ALA A 12 4.53 -7.56 13.48
N PRO A 13 4.94 -6.81 12.45
CA PRO A 13 4.11 -5.78 11.84
C PRO A 13 2.93 -6.36 11.06
N GLU A 14 2.19 -5.50 10.37
CA GLU A 14 1.03 -5.93 9.59
C GLU A 14 1.38 -6.01 8.11
N ARG A 15 1.25 -7.20 7.54
CA ARG A 15 1.55 -7.41 6.12
C ARG A 15 0.52 -6.72 5.24
N PRO A 16 0.94 -6.33 4.03
CA PRO A 16 0.06 -5.65 3.07
C PRO A 16 -1.01 -6.58 2.50
N ARG A 17 -2.09 -5.99 2.00
CA ARG A 17 -3.18 -6.77 1.43
C ARG A 17 -4.11 -5.87 0.60
N CYS A 18 -4.80 -6.48 -0.36
CA CYS A 18 -5.70 -5.75 -1.23
C CYS A 18 -6.72 -4.95 -0.40
N ALA A 19 -7.47 -4.10 -1.08
CA ALA A 19 -8.48 -3.28 -0.41
C ALA A 19 -9.88 -3.84 -0.62
N TYR A 20 -10.18 -4.22 -1.86
CA TYR A 20 -11.49 -4.77 -2.19
C TYR A 20 -11.64 -6.18 -1.64
N CYS A 21 -10.94 -7.13 -2.26
CA CYS A 21 -10.99 -8.52 -1.83
C CYS A 21 -10.10 -8.75 -0.61
N SER A 22 -9.14 -7.86 -0.42
CA SER A 22 -8.21 -7.97 0.71
C SER A 22 -7.47 -9.30 0.67
N ALA A 23 -6.97 -9.66 -0.50
CA ALA A 23 -6.24 -10.90 -0.67
C ALA A 23 -4.75 -10.64 -0.82
N GLU A 24 -3.95 -11.72 -0.84
CA GLU A 24 -2.51 -11.60 -0.97
C GLU A 24 -2.14 -10.67 -2.13
N ALA A 25 -1.72 -9.46 -1.80
CA ALA A 25 -1.33 -8.47 -2.81
C ALA A 25 0.04 -8.80 -3.39
N SER A 26 0.26 -8.38 -4.62
CA SER A 26 1.54 -8.63 -5.30
C SER A 26 2.07 -7.36 -5.95
N LYS A 27 1.21 -6.70 -6.73
CA LYS A 27 1.59 -5.46 -7.40
C LYS A 27 1.05 -4.25 -6.66
N ARG A 28 1.45 -3.06 -7.11
CA ARG A 28 1.01 -1.82 -6.48
C ARG A 28 0.46 -0.85 -7.53
N CYS A 29 -0.34 0.12 -7.07
CA CYS A 29 -0.93 1.10 -7.96
C CYS A 29 0.15 1.80 -8.79
N SER A 30 0.04 1.69 -10.11
CA SER A 30 1.00 2.31 -11.01
C SER A 30 0.65 3.77 -11.27
N ARG A 31 0.06 4.42 -10.27
CA ARG A 31 -0.33 5.82 -10.38
C ARG A 31 0.21 6.63 -9.22
N CYS A 32 0.12 6.07 -8.01
CA CYS A 32 0.60 6.76 -6.82
C CYS A 32 1.59 5.87 -6.06
N GLN A 33 1.48 4.56 -6.24
CA GLN A 33 2.36 3.61 -5.57
C GLN A 33 2.25 3.74 -4.06
N ASN A 34 1.02 3.95 -3.58
CA ASN A 34 0.78 4.09 -2.14
C ASN A 34 -0.38 3.20 -1.71
N GLU A 35 -0.60 2.12 -2.44
CA GLU A 35 -1.68 1.19 -2.12
C GLU A 35 -1.34 -0.23 -2.58
N TRP A 36 -2.01 -1.21 -2.00
CA TRP A 36 -1.78 -2.61 -2.36
C TRP A 36 -3.01 -3.21 -3.02
N TYR A 37 -2.79 -4.12 -3.96
CA TYR A 37 -3.88 -4.77 -4.66
C TYR A 37 -3.47 -6.15 -5.17
N CYS A 38 -4.43 -7.06 -5.26
CA CYS A 38 -4.16 -8.42 -5.73
C CYS A 38 -4.17 -8.48 -7.26
N CYS A 39 -5.17 -7.86 -7.86
CA CYS A 39 -5.30 -7.85 -9.31
C CYS A 39 -5.90 -6.53 -9.80
N ARG A 40 -5.65 -6.20 -11.06
CA ARG A 40 -6.16 -4.96 -11.63
C ARG A 40 -7.68 -4.88 -11.47
N GLU A 41 -8.36 -6.00 -11.69
CA GLU A 41 -9.81 -6.05 -11.57
C GLU A 41 -10.29 -5.22 -10.38
N CYS A 42 -9.79 -5.56 -9.20
CA CYS A 42 -10.16 -4.87 -7.98
C CYS A 42 -9.92 -3.37 -8.12
N GLN A 43 -8.67 -3.00 -8.38
CA GLN A 43 -8.31 -1.60 -8.54
C GLN A 43 -9.38 -0.83 -9.30
N VAL A 44 -9.78 -1.37 -10.46
CA VAL A 44 -10.80 -0.75 -11.29
C VAL A 44 -12.10 -0.56 -10.51
N LYS A 45 -12.53 -1.62 -9.84
CA LYS A 45 -13.77 -1.59 -9.05
C LYS A 45 -13.66 -0.56 -7.93
N HIS A 46 -12.69 -0.76 -7.04
CA HIS A 46 -12.49 0.16 -5.93
C HIS A 46 -11.65 1.37 -6.35
N TRP A 47 -11.93 1.87 -7.55
CA TRP A 47 -11.21 3.03 -8.07
C TRP A 47 -11.94 4.32 -7.73
N GLU A 48 -13.27 4.29 -7.83
CA GLU A 48 -14.08 5.47 -7.54
C GLU A 48 -13.69 6.08 -6.19
N LYS A 49 -13.42 5.22 -5.22
CA LYS A 49 -13.03 5.66 -3.88
C LYS A 49 -11.54 5.97 -3.82
N HIS A 50 -10.73 4.92 -3.99
CA HIS A 50 -9.28 5.07 -3.96
C HIS A 50 -8.84 6.35 -4.68
N GLY A 51 -9.44 6.59 -5.84
CA GLY A 51 -9.11 7.76 -6.63
C GLY A 51 -8.82 8.97 -5.76
N LYS A 52 -9.67 9.20 -4.76
CA LYS A 52 -9.51 10.33 -3.85
C LYS A 52 -8.13 10.31 -3.20
N THR A 53 -7.73 9.13 -2.71
CA THR A 53 -6.44 8.97 -2.06
C THR A 53 -5.31 8.94 -3.08
N CYS A 54 -5.62 8.43 -4.28
CA CYS A 54 -4.63 8.34 -5.35
C CYS A 54 -4.14 9.72 -5.76
N VAL A 55 -2.82 9.93 -5.67
CA VAL A 55 -2.22 11.20 -6.04
C VAL A 55 -0.92 11.00 -6.79
N LEU A 56 -0.90 11.44 -8.05
CA LEU A 56 0.29 11.30 -8.88
C LEU A 56 1.52 11.89 -8.18
N ALA A 57 2.25 11.02 -7.47
CA ALA A 57 3.45 11.45 -6.75
C ALA A 57 4.71 10.95 -7.45
N ALA A 58 4.72 11.02 -8.78
CA ALA A 58 5.86 10.58 -9.56
C ALA A 58 5.91 11.28 -10.91
N GLN A 59 7.03 11.94 -11.18
CA GLN A 59 7.21 12.65 -12.45
C GLN A 59 5.95 13.45 -12.80
N GLY A 60 5.36 14.09 -11.79
CA GLY A 60 4.16 14.88 -12.02
C GLY A 60 4.47 16.27 -12.54
N ASP A 61 4.24 16.49 -13.83
CA ASP A 61 4.49 17.78 -14.45
C ASP A 61 3.43 18.79 -14.03
N ARG A 62 3.80 20.07 -14.07
CA ARG A 62 2.89 21.15 -13.69
C ARG A 62 2.24 20.85 -12.34
N ALA A 63 3.04 20.36 -11.39
CA ALA A 63 2.54 20.04 -10.07
C ALA A 63 2.89 21.14 -9.07
N LYS A 64 1.88 21.64 -8.38
CA LYS A 64 2.08 22.70 -7.38
C LYS A 64 1.74 22.21 -5.98
N SER A 65 2.69 22.32 -5.07
CA SER A 65 2.48 21.88 -3.69
C SER A 65 3.52 22.51 -2.76
N GLY A 66 3.05 23.07 -1.65
CA GLY A 66 3.95 23.69 -0.70
C GLY A 66 3.48 23.56 0.73
N PRO A 67 3.45 22.32 1.23
CA PRO A 67 3.01 22.02 2.60
C PRO A 67 3.99 22.53 3.64
N SER A 68 3.54 22.61 4.89
CA SER A 68 4.38 23.08 5.98
C SER A 68 3.81 22.64 7.33
N SER A 69 4.70 22.14 8.20
CA SER A 69 4.29 21.67 9.52
C SER A 69 5.51 21.37 10.38
N GLY A 70 5.26 20.98 11.63
CA GLY A 70 6.34 20.68 12.54
C GLY A 70 5.98 19.58 13.53
ZN ZN B . -8.23 -7.68 -4.73
ZN ZN C . -3.25 5.04 -6.75
N GLY A 1 -11.79 -1.85 44.05
CA GLY A 1 -10.53 -2.33 43.52
C GLY A 1 -10.56 -2.50 42.01
N SER A 2 -9.39 -2.40 41.39
CA SER A 2 -9.28 -2.54 39.94
C SER A 2 -8.11 -3.44 39.56
N SER A 3 -8.01 -3.78 38.28
CA SER A 3 -6.94 -4.63 37.79
C SER A 3 -6.92 -4.67 36.26
N GLY A 4 -5.79 -5.06 35.70
CA GLY A 4 -5.66 -5.13 34.26
C GLY A 4 -4.50 -6.00 33.82
N SER A 5 -4.58 -6.52 32.59
CA SER A 5 -3.52 -7.37 32.05
C SER A 5 -3.33 -7.12 30.56
N SER A 6 -2.22 -6.47 30.21
CA SER A 6 -1.92 -6.17 28.81
C SER A 6 -0.43 -6.31 28.54
N GLY A 7 -0.06 -7.36 27.80
CA GLY A 7 1.34 -7.58 27.47
C GLY A 7 1.51 -8.20 26.10
N LEU A 8 0.74 -7.74 25.14
CA LEU A 8 0.81 -8.25 23.78
C LEU A 8 1.95 -7.59 23.01
N GLU A 9 3.16 -8.10 23.19
CA GLU A 9 4.33 -7.56 22.51
C GLU A 9 5.01 -8.62 21.65
N ALA A 10 4.66 -8.64 20.38
CA ALA A 10 5.23 -9.62 19.45
C ALA A 10 5.60 -8.96 18.13
N VAL A 11 6.59 -9.52 17.44
CA VAL A 11 7.04 -8.98 16.16
C VAL A 11 6.84 -10.00 15.05
N ALA A 12 6.18 -9.57 13.98
CA ALA A 12 5.93 -10.44 12.83
C ALA A 12 5.65 -9.63 11.57
N PRO A 13 6.16 -10.11 10.43
CA PRO A 13 5.98 -9.44 9.14
C PRO A 13 4.55 -9.53 8.64
N GLU A 14 3.92 -8.36 8.44
CA GLU A 14 2.54 -8.31 7.97
C GLU A 14 2.49 -7.92 6.50
N ARG A 15 2.62 -8.91 5.61
CA ARG A 15 2.58 -8.66 4.18
C ARG A 15 1.36 -7.85 3.79
N PRO A 16 1.47 -7.08 2.69
CA PRO A 16 0.38 -6.24 2.20
C PRO A 16 -0.76 -7.07 1.61
N ARG A 17 -1.99 -6.58 1.78
CA ARG A 17 -3.16 -7.27 1.27
C ARG A 17 -4.13 -6.29 0.61
N CYS A 18 -4.79 -6.74 -0.45
CA CYS A 18 -5.74 -5.91 -1.17
C CYS A 18 -6.71 -5.22 -0.21
N ALA A 19 -7.45 -4.25 -0.73
CA ALA A 19 -8.40 -3.51 0.08
C ALA A 19 -9.83 -3.82 -0.34
N TYR A 20 -10.01 -4.21 -1.59
CA TYR A 20 -11.33 -4.53 -2.13
C TYR A 20 -11.74 -5.95 -1.74
N CYS A 21 -10.85 -6.91 -2.01
CA CYS A 21 -11.12 -8.31 -1.70
C CYS A 21 -10.26 -8.77 -0.53
N SER A 22 -9.18 -8.05 -0.26
CA SER A 22 -8.27 -8.39 0.83
C SER A 22 -7.61 -9.74 0.59
N ALA A 23 -7.04 -9.91 -0.59
CA ALA A 23 -6.37 -11.16 -0.95
C ALA A 23 -4.89 -10.93 -1.25
N GLU A 24 -4.11 -11.99 -1.18
CA GLU A 24 -2.67 -11.91 -1.43
C GLU A 24 -2.39 -10.89 -2.54
N ALA A 25 -1.58 -9.87 -2.20
CA ALA A 25 -1.24 -8.84 -3.16
C ALA A 25 0.28 -8.71 -3.29
N SER A 26 0.75 -8.67 -4.53
CA SER A 26 2.19 -8.57 -4.80
C SER A 26 2.46 -7.48 -5.84
N LYS A 27 1.71 -6.39 -5.76
CA LYS A 27 1.88 -5.28 -6.69
C LYS A 27 1.50 -3.95 -6.04
N ARG A 28 1.66 -2.86 -6.77
CA ARG A 28 1.34 -1.53 -6.27
C ARG A 28 0.67 -0.68 -7.34
N CYS A 29 -0.20 0.23 -6.91
CA CYS A 29 -0.91 1.10 -7.84
C CYS A 29 0.08 1.79 -8.79
N SER A 30 -0.19 1.66 -10.08
CA SER A 30 0.67 2.26 -11.10
C SER A 30 0.31 3.73 -11.32
N ARG A 31 -0.14 4.39 -10.25
CA ARG A 31 -0.51 5.80 -10.32
C ARG A 31 0.07 6.58 -9.15
N CYS A 32 0.08 5.95 -7.97
CA CYS A 32 0.61 6.59 -6.77
C CYS A 32 1.60 5.67 -6.06
N GLN A 33 1.38 4.37 -6.19
CA GLN A 33 2.24 3.38 -5.56
C GLN A 33 2.17 3.48 -4.03
N ASN A 34 0.96 3.68 -3.52
CA ASN A 34 0.75 3.80 -2.09
C ASN A 34 -0.18 2.70 -1.58
N GLU A 35 -1.20 2.38 -2.37
CA GLU A 35 -2.16 1.35 -2.01
C GLU A 35 -1.86 0.04 -2.75
N TRP A 36 -2.13 -1.08 -2.08
CA TRP A 36 -1.89 -2.40 -2.67
C TRP A 36 -3.16 -2.96 -3.30
N TYR A 37 -3.00 -3.89 -4.22
CA TYR A 37 -4.14 -4.51 -4.89
C TYR A 37 -3.77 -5.88 -5.45
N CYS A 38 -4.53 -6.90 -5.07
CA CYS A 38 -4.28 -8.26 -5.53
C CYS A 38 -4.20 -8.31 -7.06
N CYS A 39 -5.16 -7.66 -7.71
CA CYS A 39 -5.21 -7.63 -9.17
C CYS A 39 -5.77 -6.31 -9.67
N ARG A 40 -5.86 -6.17 -10.99
CA ARG A 40 -6.39 -4.95 -11.60
C ARG A 40 -7.90 -4.85 -11.41
N GLU A 41 -8.60 -5.94 -11.70
CA GLU A 41 -10.05 -5.98 -11.57
C GLU A 41 -10.50 -5.25 -10.31
N CYS A 42 -9.63 -5.22 -9.31
CA CYS A 42 -9.93 -4.54 -8.05
C CYS A 42 -9.56 -3.07 -8.12
N GLN A 43 -8.29 -2.80 -8.44
CA GLN A 43 -7.82 -1.43 -8.54
C GLN A 43 -8.76 -0.57 -9.39
N VAL A 44 -9.41 -1.21 -10.36
CA VAL A 44 -10.34 -0.51 -11.23
C VAL A 44 -11.71 -0.38 -10.59
N LYS A 45 -12.17 -1.47 -9.96
CA LYS A 45 -13.46 -1.48 -9.30
C LYS A 45 -13.48 -0.52 -8.11
N HIS A 46 -12.55 -0.74 -7.18
CA HIS A 46 -12.45 0.10 -5.99
C HIS A 46 -11.68 1.37 -6.28
N TRP A 47 -11.89 1.93 -7.47
CA TRP A 47 -11.20 3.15 -7.89
C TRP A 47 -12.03 4.38 -7.52
N GLU A 48 -13.34 4.30 -7.75
CA GLU A 48 -14.24 5.40 -7.44
C GLU A 48 -13.90 6.03 -6.09
N LYS A 49 -13.34 5.23 -5.21
CA LYS A 49 -12.96 5.70 -3.88
C LYS A 49 -11.46 5.99 -3.80
N HIS A 50 -10.66 4.95 -4.02
CA HIS A 50 -9.21 5.10 -3.99
C HIS A 50 -8.77 6.36 -4.70
N GLY A 51 -9.51 6.74 -5.75
CA GLY A 51 -9.18 7.93 -6.50
C GLY A 51 -8.90 9.12 -5.62
N LYS A 52 -9.84 9.45 -4.74
CA LYS A 52 -9.68 10.57 -3.83
C LYS A 52 -8.40 10.44 -3.01
N THR A 53 -7.95 9.20 -2.83
CA THR A 53 -6.74 8.94 -2.07
C THR A 53 -5.60 8.49 -2.97
N CYS A 54 -5.67 8.90 -4.24
CA CYS A 54 -4.64 8.55 -5.21
C CYS A 54 -4.06 9.80 -5.87
N VAL A 55 -2.74 9.89 -5.89
CA VAL A 55 -2.05 11.03 -6.49
C VAL A 55 -1.03 10.58 -7.52
N LEU A 56 -0.90 11.35 -8.60
CA LEU A 56 0.05 11.04 -9.66
C LEU A 56 1.42 11.64 -9.37
N ALA A 57 2.35 10.80 -8.93
CA ALA A 57 3.69 11.26 -8.62
C ALA A 57 4.67 10.88 -9.73
N ALA A 58 5.02 11.86 -10.57
CA ALA A 58 5.94 11.63 -11.67
C ALA A 58 6.35 12.95 -12.32
N GLN A 59 7.29 12.86 -13.26
CA GLN A 59 7.78 14.05 -13.96
C GLN A 59 6.64 15.02 -14.25
N GLY A 60 6.52 16.05 -13.42
CA GLY A 60 5.47 17.03 -13.60
C GLY A 60 5.22 17.85 -12.35
N ASP A 61 6.29 18.35 -11.73
CA ASP A 61 6.18 19.16 -10.53
C ASP A 61 5.49 20.48 -10.81
N ARG A 62 6.00 21.20 -11.82
CA ARG A 62 5.44 22.49 -12.19
C ARG A 62 5.63 23.51 -11.09
N ALA A 63 6.86 23.60 -10.58
CA ALA A 63 7.18 24.54 -9.51
C ALA A 63 6.56 25.91 -9.78
N LYS A 64 5.80 26.41 -8.82
CA LYS A 64 5.15 27.70 -8.94
C LYS A 64 6.07 28.71 -9.62
N SER A 65 5.49 29.66 -10.33
CA SER A 65 6.26 30.68 -11.04
C SER A 65 5.34 31.72 -11.66
N GLY A 66 5.47 32.97 -11.22
CA GLY A 66 4.64 34.03 -11.75
C GLY A 66 5.11 35.41 -11.31
N PRO A 67 4.83 36.42 -12.13
CA PRO A 67 5.22 37.81 -11.84
C PRO A 67 4.42 38.40 -10.68
N SER A 68 4.68 39.67 -10.39
CA SER A 68 3.97 40.36 -9.30
C SER A 68 2.73 41.08 -9.82
N SER A 69 1.83 41.42 -8.91
CA SER A 69 0.59 42.11 -9.27
C SER A 69 0.75 43.61 -9.09
N GLY A 70 -0.24 44.36 -9.57
CA GLY A 70 -0.20 45.81 -9.45
C GLY A 70 -0.85 46.30 -8.17
ZN ZN B . -8.43 -7.50 -4.69
ZN ZN C . -3.19 5.00 -6.53
N GLY A 1 21.53 -4.39 39.02
CA GLY A 1 20.84 -3.56 38.06
C GLY A 1 21.65 -3.36 36.79
N SER A 2 21.97 -2.11 36.48
CA SER A 2 22.73 -1.80 35.28
C SER A 2 22.05 -2.34 34.03
N SER A 3 20.73 -2.17 33.97
CA SER A 3 19.95 -2.64 32.84
C SER A 3 18.66 -1.83 32.68
N GLY A 4 18.19 -1.71 31.46
CA GLY A 4 16.98 -0.96 31.20
C GLY A 4 16.42 -1.21 29.81
N SER A 5 16.23 -2.48 29.47
CA SER A 5 15.71 -2.85 28.16
C SER A 5 14.62 -3.91 28.28
N SER A 6 13.66 -3.88 27.36
CA SER A 6 12.56 -4.84 27.37
C SER A 6 12.92 -6.09 26.58
N GLY A 7 13.22 -5.90 25.30
CA GLY A 7 13.58 -7.03 24.44
C GLY A 7 12.77 -7.06 23.17
N LEU A 8 12.84 -8.17 22.45
CA LEU A 8 12.11 -8.33 21.20
C LEU A 8 12.01 -9.80 20.81
N GLU A 9 10.81 -10.23 20.43
CA GLU A 9 10.58 -11.62 20.04
C GLU A 9 9.83 -11.68 18.71
N ALA A 10 10.30 -12.52 17.80
CA ALA A 10 9.67 -12.69 16.51
C ALA A 10 8.99 -11.40 16.05
N VAL A 11 9.70 -10.28 16.20
CA VAL A 11 9.16 -8.99 15.81
C VAL A 11 9.43 -8.70 14.34
N ALA A 12 8.36 -8.58 13.56
CA ALA A 12 8.48 -8.29 12.13
C ALA A 12 7.21 -7.64 11.60
N PRO A 13 7.34 -6.92 10.47
CA PRO A 13 6.22 -6.23 9.83
C PRO A 13 5.23 -7.20 9.21
N GLU A 14 4.10 -6.67 8.73
CA GLU A 14 3.07 -7.49 8.11
C GLU A 14 3.00 -7.24 6.61
N ARG A 15 2.78 -8.31 5.85
CA ARG A 15 2.69 -8.20 4.40
C ARG A 15 1.43 -7.47 3.98
N PRO A 16 1.50 -6.78 2.82
CA PRO A 16 0.37 -6.02 2.28
C PRO A 16 -0.76 -6.93 1.79
N ARG A 17 -1.91 -6.33 1.52
CA ARG A 17 -3.06 -7.08 1.05
C ARG A 17 -4.05 -6.17 0.30
N CYS A 18 -4.84 -6.76 -0.58
CA CYS A 18 -5.82 -6.00 -1.36
C CYS A 18 -6.80 -5.29 -0.43
N ALA A 19 -7.63 -4.42 -1.01
CA ALA A 19 -8.62 -3.68 -0.25
C ALA A 19 -10.01 -4.27 -0.44
N TYR A 20 -10.36 -4.56 -1.69
CA TYR A 20 -11.67 -5.12 -2.01
C TYR A 20 -11.77 -6.56 -1.52
N CYS A 21 -11.04 -7.46 -2.19
CA CYS A 21 -11.06 -8.87 -1.83
C CYS A 21 -10.11 -9.15 -0.67
N SER A 22 -9.14 -8.26 -0.49
CA SER A 22 -8.17 -8.41 0.59
C SER A 22 -7.36 -9.69 0.43
N ALA A 23 -6.95 -9.96 -0.81
CA ALA A 23 -6.17 -11.16 -1.11
C ALA A 23 -4.74 -10.80 -1.48
N GLU A 24 -3.87 -11.81 -1.50
CA GLU A 24 -2.46 -11.59 -1.84
C GLU A 24 -2.32 -10.46 -2.84
N ALA A 25 -1.67 -9.38 -2.42
CA ALA A 25 -1.46 -8.22 -3.29
C ALA A 25 -0.14 -8.33 -4.05
N SER A 26 0.97 -8.10 -3.35
CA SER A 26 2.29 -8.17 -3.96
C SER A 26 2.38 -7.24 -5.16
N LYS A 27 1.59 -6.17 -5.13
CA LYS A 27 1.59 -5.20 -6.23
C LYS A 27 1.36 -3.79 -5.69
N ARG A 28 1.83 -2.80 -6.44
CA ARG A 28 1.69 -1.40 -6.04
C ARG A 28 1.04 -0.58 -7.15
N CYS A 29 0.18 0.36 -6.75
CA CYS A 29 -0.52 1.20 -7.71
C CYS A 29 0.48 1.98 -8.58
N SER A 30 0.37 1.81 -9.89
CA SER A 30 1.27 2.48 -10.82
C SER A 30 0.84 3.94 -11.02
N ARG A 31 -0.04 4.41 -10.16
CA ARG A 31 -0.54 5.78 -10.24
C ARG A 31 0.01 6.63 -9.08
N CYS A 32 -0.04 6.07 -7.88
CA CYS A 32 0.45 6.76 -6.70
C CYS A 32 1.45 5.91 -5.94
N GLN A 33 1.38 4.60 -6.14
CA GLN A 33 2.29 3.67 -5.47
C GLN A 33 2.11 3.73 -3.97
N ASN A 34 0.88 3.98 -3.53
CA ASN A 34 0.58 4.07 -2.09
C ASN A 34 -0.62 3.19 -1.75
N GLU A 35 -0.75 2.08 -2.45
CA GLU A 35 -1.85 1.15 -2.21
C GLU A 35 -1.50 -0.26 -2.68
N TRP A 36 -2.18 -1.25 -2.12
CA TRP A 36 -1.94 -2.64 -2.50
C TRP A 36 -3.18 -3.26 -3.13
N TYR A 37 -2.97 -4.17 -4.07
CA TYR A 37 -4.06 -4.84 -4.75
C TYR A 37 -3.64 -6.22 -5.27
N CYS A 38 -4.62 -7.10 -5.43
CA CYS A 38 -4.34 -8.45 -5.92
C CYS A 38 -4.37 -8.49 -7.44
N CYS A 39 -5.41 -7.89 -8.03
CA CYS A 39 -5.56 -7.86 -9.48
C CYS A 39 -6.31 -6.61 -9.92
N ARG A 40 -6.10 -6.21 -11.16
CA ARG A 40 -6.74 -5.03 -11.71
C ARG A 40 -8.26 -5.08 -11.48
N GLU A 41 -8.82 -6.28 -11.62
CA GLU A 41 -10.26 -6.47 -11.43
C GLU A 41 -10.75 -5.69 -10.21
N CYS A 42 -9.90 -5.60 -9.19
CA CYS A 42 -10.25 -4.88 -7.97
C CYS A 42 -9.93 -3.40 -8.09
N GLN A 43 -8.68 -3.10 -8.43
CA GLN A 43 -8.25 -1.72 -8.59
C GLN A 43 -9.32 -0.88 -9.27
N VAL A 44 -9.82 -1.37 -10.39
CA VAL A 44 -10.86 -0.66 -11.14
C VAL A 44 -12.11 -0.47 -10.30
N LYS A 45 -12.48 -1.50 -9.54
CA LYS A 45 -13.66 -1.45 -8.68
C LYS A 45 -13.49 -0.40 -7.59
N HIS A 46 -12.43 -0.56 -6.79
CA HIS A 46 -12.17 0.38 -5.70
C HIS A 46 -11.37 1.58 -6.20
N TRP A 47 -11.71 2.04 -7.41
CA TRP A 47 -11.03 3.18 -8.01
C TRP A 47 -11.79 4.47 -7.72
N GLU A 48 -13.11 4.43 -7.88
CA GLU A 48 -13.95 5.61 -7.64
C GLU A 48 -13.57 6.28 -6.33
N LYS A 49 -13.35 5.48 -5.29
CA LYS A 49 -12.98 6.00 -3.98
C LYS A 49 -11.47 6.23 -3.89
N HIS A 50 -10.70 5.16 -4.07
CA HIS A 50 -9.25 5.24 -4.02
C HIS A 50 -8.75 6.51 -4.70
N GLY A 51 -9.35 6.83 -5.84
CA GLY A 51 -8.95 8.02 -6.57
C GLY A 51 -8.64 9.19 -5.67
N LYS A 52 -9.58 9.51 -4.77
CA LYS A 52 -9.40 10.61 -3.84
C LYS A 52 -8.03 10.55 -3.18
N THR A 53 -7.63 9.36 -2.76
CA THR A 53 -6.34 9.16 -2.11
C THR A 53 -5.32 8.59 -3.09
N CYS A 54 -5.44 8.95 -4.35
CA CYS A 54 -4.53 8.46 -5.39
C CYS A 54 -3.84 9.63 -6.08
N VAL A 55 -2.59 9.87 -5.71
CA VAL A 55 -1.82 10.96 -6.30
C VAL A 55 -1.19 10.53 -7.62
N LEU A 56 -1.07 11.47 -8.55
CA LEU A 56 -0.48 11.18 -9.86
C LEU A 56 1.03 11.35 -9.83
N ALA A 57 1.73 10.28 -9.45
CA ALA A 57 3.19 10.31 -9.38
C ALA A 57 3.81 9.60 -10.57
N ALA A 58 3.94 10.30 -11.69
CA ALA A 58 4.51 9.72 -12.89
C ALA A 58 5.97 9.30 -12.67
N GLN A 59 6.47 8.43 -13.53
CA GLN A 59 7.84 7.94 -13.42
C GLN A 59 8.82 8.98 -13.96
N GLY A 60 10.12 8.73 -13.72
CA GLY A 60 11.14 9.66 -14.18
C GLY A 60 12.26 8.94 -14.90
N ASP A 61 13.46 9.50 -14.82
CA ASP A 61 14.64 8.92 -15.46
C ASP A 61 15.74 8.65 -14.45
N ARG A 62 16.30 7.45 -14.49
CA ARG A 62 17.37 7.07 -13.57
C ARG A 62 18.39 6.17 -14.27
N ALA A 63 19.67 6.50 -14.14
CA ALA A 63 20.73 5.73 -14.75
C ALA A 63 20.98 4.44 -13.98
N LYS A 64 21.51 4.58 -12.77
CA LYS A 64 21.80 3.42 -11.92
C LYS A 64 20.63 3.13 -10.99
N SER A 65 20.50 1.87 -10.59
CA SER A 65 19.43 1.46 -9.69
C SER A 65 19.31 2.42 -8.51
N GLY A 66 18.10 2.54 -7.97
CA GLY A 66 17.87 3.42 -6.84
C GLY A 66 17.93 2.69 -5.52
N PRO A 67 16.85 1.95 -5.20
CA PRO A 67 16.75 1.20 -3.95
C PRO A 67 17.71 0.00 -3.92
N SER A 68 18.74 0.09 -3.08
CA SER A 68 19.72 -0.98 -2.96
C SER A 68 19.05 -2.29 -2.58
N SER A 69 19.77 -3.40 -2.77
CA SER A 69 19.25 -4.72 -2.44
C SER A 69 19.55 -5.09 -0.99
N GLY A 70 18.64 -5.83 -0.38
CA GLY A 70 18.83 -6.25 1.00
C GLY A 70 17.57 -6.07 1.84
ZN ZN B . -8.44 -7.84 -4.81
ZN ZN C . -3.11 4.97 -6.66
N GLY A 1 15.56 0.60 35.64
CA GLY A 1 15.21 -0.65 35.01
C GLY A 1 16.42 -1.53 34.77
N SER A 2 16.23 -2.84 34.90
CA SER A 2 17.31 -3.79 34.69
C SER A 2 16.84 -4.99 33.86
N SER A 3 17.69 -5.43 32.94
CA SER A 3 17.36 -6.56 32.08
C SER A 3 18.59 -7.07 31.34
N GLY A 4 19.09 -8.23 31.77
CA GLY A 4 20.27 -8.80 31.14
C GLY A 4 19.92 -9.73 30.00
N SER A 5 19.05 -9.26 29.11
CA SER A 5 18.62 -10.07 27.97
C SER A 5 18.00 -9.19 26.89
N SER A 6 18.67 -9.09 25.75
CA SER A 6 18.18 -8.28 24.64
C SER A 6 18.79 -8.74 23.32
N GLY A 7 18.03 -8.58 22.24
CA GLY A 7 18.51 -8.98 20.93
C GLY A 7 18.12 -10.41 20.59
N LEU A 8 18.51 -10.86 19.40
CA LEU A 8 18.19 -12.21 18.96
C LEU A 8 16.69 -12.44 18.90
N GLU A 9 15.97 -11.44 18.38
CA GLU A 9 14.53 -11.53 18.26
C GLU A 9 14.09 -11.61 16.81
N ALA A 10 12.79 -11.75 16.58
CA ALA A 10 12.25 -11.83 15.23
C ALA A 10 11.03 -10.92 15.07
N VAL A 11 11.16 -9.93 14.19
CA VAL A 11 10.06 -9.00 13.94
C VAL A 11 9.91 -8.72 12.44
N ALA A 12 8.70 -8.88 11.93
CA ALA A 12 8.43 -8.63 10.53
C ALA A 12 7.22 -7.72 10.34
N PRO A 13 7.19 -6.98 9.23
CA PRO A 13 6.10 -6.05 8.92
C PRO A 13 4.80 -6.78 8.58
N GLU A 14 3.67 -6.13 8.86
CA GLU A 14 2.37 -6.72 8.59
C GLU A 14 2.16 -6.92 7.09
N ARG A 15 2.43 -8.14 6.62
CA ARG A 15 2.28 -8.46 5.20
C ARG A 15 1.15 -7.66 4.58
N PRO A 16 1.39 -7.11 3.38
CA PRO A 16 0.40 -6.31 2.66
C PRO A 16 -0.76 -7.15 2.14
N ARG A 17 -1.83 -6.48 1.71
CA ARG A 17 -3.01 -7.17 1.20
C ARG A 17 -3.89 -6.22 0.39
N CYS A 18 -4.66 -6.76 -0.53
CA CYS A 18 -5.55 -5.96 -1.37
C CYS A 18 -6.48 -5.11 -0.50
N ALA A 19 -7.22 -4.22 -1.16
CA ALA A 19 -8.14 -3.34 -0.46
C ALA A 19 -9.58 -3.82 -0.61
N TYR A 20 -9.96 -4.13 -1.85
CA TYR A 20 -11.31 -4.60 -2.13
C TYR A 20 -11.52 -6.02 -1.59
N CYS A 21 -10.89 -7.00 -2.25
CA CYS A 21 -11.01 -8.38 -1.84
C CYS A 21 -10.15 -8.66 -0.60
N SER A 22 -9.10 -7.85 -0.42
CA SER A 22 -8.20 -8.01 0.72
C SER A 22 -7.49 -9.36 0.65
N ALA A 23 -7.02 -9.73 -0.53
CA ALA A 23 -6.33 -11.00 -0.72
C ALA A 23 -4.83 -10.77 -0.93
N GLU A 24 -4.06 -11.86 -0.88
CA GLU A 24 -2.62 -11.78 -1.07
C GLU A 24 -2.27 -10.81 -2.18
N ALA A 25 -1.64 -9.70 -1.83
CA ALA A 25 -1.25 -8.68 -2.80
C ALA A 25 0.15 -8.96 -3.35
N SER A 26 0.38 -8.58 -4.60
CA SER A 26 1.67 -8.81 -5.24
C SER A 26 2.11 -7.55 -6.01
N LYS A 27 1.14 -6.82 -6.54
CA LYS A 27 1.44 -5.61 -7.30
C LYS A 27 1.06 -4.36 -6.48
N ARG A 28 1.40 -3.20 -7.01
CA ARG A 28 1.09 -1.94 -6.34
C ARG A 28 0.33 -0.99 -7.26
N CYS A 29 -0.37 -0.03 -6.67
CA CYS A 29 -1.14 0.93 -7.44
C CYS A 29 -0.29 1.58 -8.53
N SER A 30 -0.71 1.43 -9.78
CA SER A 30 0.02 1.99 -10.90
C SER A 30 -0.37 3.45 -11.12
N ARG A 31 -0.66 4.15 -10.03
CA ARG A 31 -1.05 5.55 -10.11
C ARG A 31 -0.29 6.38 -9.08
N CYS A 32 -0.30 5.93 -7.83
CA CYS A 32 0.38 6.62 -6.75
C CYS A 32 1.45 5.74 -6.12
N GLN A 33 1.29 4.43 -6.28
CA GLN A 33 2.25 3.48 -5.73
C GLN A 33 2.25 3.53 -4.21
N ASN A 34 1.08 3.79 -3.62
CA ASN A 34 0.95 3.86 -2.17
C ASN A 34 -0.19 2.98 -1.68
N GLU A 35 -0.40 1.85 -2.35
CA GLU A 35 -1.45 0.92 -1.99
C GLU A 35 -1.14 -0.49 -2.48
N TRP A 36 -1.74 -1.49 -1.83
CA TRP A 36 -1.52 -2.87 -2.20
C TRP A 36 -2.75 -3.45 -2.88
N TYR A 37 -2.53 -4.35 -3.84
CA TYR A 37 -3.64 -4.98 -4.57
C TYR A 37 -3.25 -6.38 -5.02
N CYS A 38 -4.26 -7.22 -5.26
CA CYS A 38 -4.03 -8.59 -5.70
C CYS A 38 -4.15 -8.70 -7.21
N CYS A 39 -5.15 -8.01 -7.77
CA CYS A 39 -5.37 -8.03 -9.22
C CYS A 39 -5.63 -6.63 -9.74
N ARG A 40 -5.66 -6.49 -11.07
CA ARG A 40 -5.90 -5.20 -11.70
C ARG A 40 -7.38 -4.84 -11.64
N GLU A 41 -8.24 -5.86 -11.68
CA GLU A 41 -9.68 -5.64 -11.62
C GLU A 41 -10.07 -4.86 -10.37
N CYS A 42 -9.62 -5.35 -9.22
CA CYS A 42 -9.92 -4.70 -7.95
C CYS A 42 -9.56 -3.21 -7.99
N GLN A 43 -8.41 -2.90 -8.57
CA GLN A 43 -7.96 -1.52 -8.68
C GLN A 43 -9.03 -0.65 -9.34
N VAL A 44 -9.45 -1.05 -10.54
CA VAL A 44 -10.46 -0.32 -11.28
C VAL A 44 -11.80 -0.34 -10.55
N LYS A 45 -12.06 -1.43 -9.84
CA LYS A 45 -13.30 -1.58 -9.09
C LYS A 45 -13.40 -0.53 -7.99
N HIS A 46 -12.42 -0.52 -7.09
CA HIS A 46 -12.39 0.44 -5.99
C HIS A 46 -11.53 1.65 -6.34
N TRP A 47 -11.65 2.12 -7.58
CA TRP A 47 -10.88 3.27 -8.04
C TRP A 47 -11.62 4.57 -7.74
N GLU A 48 -12.88 4.64 -8.16
CA GLU A 48 -13.70 5.83 -7.93
C GLU A 48 -13.47 6.39 -6.53
N LYS A 49 -13.21 5.50 -5.58
CA LYS A 49 -12.97 5.91 -4.20
C LYS A 49 -11.51 6.24 -3.97
N HIS A 50 -10.63 5.31 -4.33
CA HIS A 50 -9.20 5.49 -4.18
C HIS A 50 -8.76 6.85 -4.72
N GLY A 51 -9.25 7.19 -5.91
CA GLY A 51 -8.90 8.46 -6.52
C GLY A 51 -8.91 9.61 -5.53
N LYS A 52 -9.91 9.61 -4.64
CA LYS A 52 -10.03 10.65 -3.63
C LYS A 52 -8.72 10.83 -2.86
N THR A 53 -8.15 9.71 -2.41
CA THR A 53 -6.90 9.75 -1.67
C THR A 53 -5.74 9.27 -2.52
N CYS A 54 -6.00 9.07 -3.82
CA CYS A 54 -4.97 8.61 -4.74
C CYS A 54 -4.63 9.70 -5.76
N VAL A 55 -3.34 10.03 -5.85
CA VAL A 55 -2.89 11.06 -6.78
C VAL A 55 -1.58 10.65 -7.45
N LEU A 56 -1.38 11.11 -8.68
CA LEU A 56 -0.17 10.79 -9.43
C LEU A 56 1.08 11.20 -8.65
N ALA A 57 1.78 10.21 -8.11
CA ALA A 57 3.00 10.47 -7.34
C ALA A 57 4.23 10.00 -8.10
N ALA A 58 4.77 10.87 -8.94
CA ALA A 58 5.96 10.55 -9.72
C ALA A 58 6.61 11.80 -10.27
N GLN A 59 7.77 11.63 -10.91
CA GLN A 59 8.49 12.76 -11.49
C GLN A 59 7.81 13.26 -12.76
N GLY A 60 8.16 14.47 -13.17
CA GLY A 60 7.57 15.05 -14.37
C GLY A 60 6.76 16.29 -14.07
N ASP A 61 5.76 16.15 -13.20
CA ASP A 61 4.90 17.28 -12.83
C ASP A 61 5.70 18.37 -12.14
N ARG A 62 5.27 19.61 -12.33
CA ARG A 62 5.95 20.75 -11.72
C ARG A 62 4.94 21.80 -11.24
N ALA A 63 4.78 21.89 -9.93
CA ALA A 63 3.85 22.84 -9.34
C ALA A 63 4.23 23.15 -7.89
N LYS A 64 3.60 24.19 -7.33
CA LYS A 64 3.86 24.58 -5.96
C LYS A 64 3.58 23.43 -5.00
N SER A 65 4.64 22.93 -4.35
CA SER A 65 4.50 21.82 -3.41
C SER A 65 5.73 21.73 -2.51
N GLY A 66 5.50 21.85 -1.20
CA GLY A 66 6.60 21.77 -0.25
C GLY A 66 6.68 20.42 0.43
N PRO A 67 5.89 20.23 1.49
CA PRO A 67 5.87 18.98 2.26
C PRO A 67 5.24 17.83 1.46
N SER A 68 5.79 16.64 1.63
CA SER A 68 5.28 15.46 0.93
C SER A 68 5.65 14.19 1.68
N SER A 69 4.86 13.14 1.47
CA SER A 69 5.10 11.86 2.12
C SER A 69 5.34 12.05 3.62
N GLY A 70 4.54 12.92 4.23
CA GLY A 70 4.67 13.18 5.65
C GLY A 70 4.45 11.94 6.49
ZN ZN B . -8.09 -7.77 -4.88
ZN ZN C . -3.24 4.98 -5.94
N GLY A 1 -0.55 -2.81 43.27
CA GLY A 1 -1.48 -3.66 42.54
C GLY A 1 -1.62 -3.26 41.09
N SER A 2 -1.83 -4.24 40.22
CA SER A 2 -1.98 -3.98 38.79
C SER A 2 -3.01 -4.92 38.18
N SER A 3 -3.40 -4.64 36.94
CA SER A 3 -4.38 -5.45 36.23
C SER A 3 -3.97 -5.66 34.79
N GLY A 4 -4.58 -6.66 34.14
CA GLY A 4 -4.28 -6.94 32.75
C GLY A 4 -2.96 -7.68 32.59
N SER A 5 -2.88 -8.54 31.59
CA SER A 5 -1.67 -9.33 31.33
C SER A 5 -0.93 -8.80 30.12
N SER A 6 0.38 -8.98 30.10
CA SER A 6 1.22 -8.52 29.00
C SER A 6 2.62 -9.12 29.08
N GLY A 7 2.95 -9.96 28.11
CA GLY A 7 4.25 -10.60 28.09
C GLY A 7 4.57 -11.23 26.75
N LEU A 8 4.60 -12.56 26.71
CA LEU A 8 4.90 -13.29 25.48
C LEU A 8 4.31 -12.55 24.27
N GLU A 9 5.20 -11.92 23.49
CA GLU A 9 4.77 -11.19 22.30
C GLU A 9 5.94 -10.99 21.34
N ALA A 10 5.64 -10.55 20.13
CA ALA A 10 6.66 -10.31 19.12
C ALA A 10 6.40 -9.00 18.37
N VAL A 11 7.42 -8.50 17.69
CA VAL A 11 7.31 -7.26 16.93
C VAL A 11 7.70 -7.47 15.48
N ALA A 12 6.84 -7.02 14.57
CA ALA A 12 7.09 -7.16 13.14
C ALA A 12 6.11 -6.32 12.32
N PRO A 13 6.54 -5.89 11.14
CA PRO A 13 5.71 -5.07 10.24
C PRO A 13 4.56 -5.86 9.64
N GLU A 14 3.39 -5.23 9.55
CA GLU A 14 2.21 -5.88 9.00
C GLU A 14 2.39 -6.14 7.51
N ARG A 15 1.84 -7.26 7.04
CA ARG A 15 1.93 -7.62 5.63
C ARG A 15 0.89 -6.88 4.80
N PRO A 16 1.26 -6.55 3.55
CA PRO A 16 0.37 -5.83 2.63
C PRO A 16 -0.81 -6.69 2.17
N ARG A 17 -1.87 -6.04 1.74
CA ARG A 17 -3.06 -6.74 1.27
C ARG A 17 -3.95 -5.83 0.43
N CYS A 18 -4.88 -6.43 -0.31
CA CYS A 18 -5.78 -5.66 -1.16
C CYS A 18 -6.79 -4.88 -0.33
N ALA A 19 -7.54 -4.00 -0.97
CA ALA A 19 -8.54 -3.19 -0.29
C ALA A 19 -9.94 -3.73 -0.54
N TYR A 20 -10.21 -4.12 -1.78
CA TYR A 20 -11.51 -4.65 -2.16
C TYR A 20 -11.71 -6.06 -1.60
N CYS A 21 -10.99 -7.02 -2.18
CA CYS A 21 -11.07 -8.41 -1.75
C CYS A 21 -10.14 -8.68 -0.56
N SER A 22 -9.17 -7.79 -0.38
CA SER A 22 -8.22 -7.93 0.72
C SER A 22 -7.51 -9.28 0.65
N ALA A 23 -6.96 -9.60 -0.51
CA ALA A 23 -6.25 -10.86 -0.71
C ALA A 23 -4.76 -10.62 -0.96
N GLU A 24 -3.96 -11.67 -0.81
CA GLU A 24 -2.53 -11.58 -1.02
C GLU A 24 -2.21 -10.59 -2.14
N ALA A 25 -1.66 -9.43 -1.76
CA ALA A 25 -1.30 -8.40 -2.72
C ALA A 25 0.00 -8.74 -3.43
N SER A 26 0.09 -8.35 -4.70
CA SER A 26 1.28 -8.62 -5.50
C SER A 26 1.71 -7.36 -6.26
N LYS A 27 0.74 -6.65 -6.82
CA LYS A 27 1.03 -5.43 -7.56
C LYS A 27 0.49 -4.20 -6.84
N ARG A 28 1.03 -3.03 -7.17
CA ARG A 28 0.60 -1.79 -6.54
C ARG A 28 0.09 -0.80 -7.59
N CYS A 29 -0.64 0.20 -7.15
CA CYS A 29 -1.19 1.21 -8.04
C CYS A 29 -0.08 1.86 -8.87
N SER A 30 -0.23 1.80 -10.19
CA SER A 30 0.75 2.38 -11.10
C SER A 30 0.49 3.86 -11.31
N ARG A 31 -0.03 4.52 -10.28
CA ARG A 31 -0.34 5.95 -10.37
C ARG A 31 0.21 6.69 -9.15
N CYS A 32 0.08 6.08 -7.98
CA CYS A 32 0.56 6.68 -6.73
C CYS A 32 1.54 5.75 -6.03
N GLN A 33 1.31 4.44 -6.16
CA GLN A 33 2.19 3.46 -5.53
C GLN A 33 2.14 3.58 -4.02
N ASN A 34 0.94 3.53 -3.45
CA ASN A 34 0.77 3.64 -2.01
C ASN A 34 -0.15 2.53 -1.49
N GLU A 35 -1.16 2.19 -2.29
CA GLU A 35 -2.11 1.14 -1.91
C GLU A 35 -1.79 -0.16 -2.63
N TRP A 36 -1.97 -1.28 -1.92
CA TRP A 36 -1.70 -2.60 -2.47
C TRP A 36 -2.97 -3.22 -3.05
N TYR A 37 -2.81 -4.03 -4.09
CA TYR A 37 -3.94 -4.68 -4.73
C TYR A 37 -3.56 -6.06 -5.24
N CYS A 38 -4.45 -7.03 -5.04
CA CYS A 38 -4.21 -8.40 -5.48
C CYS A 38 -4.10 -8.47 -7.00
N CYS A 39 -5.04 -7.83 -7.69
CA CYS A 39 -5.06 -7.83 -9.14
C CYS A 39 -5.72 -6.56 -9.68
N ARG A 40 -5.35 -6.16 -10.88
CA ARG A 40 -5.92 -4.97 -11.50
C ARG A 40 -7.43 -4.97 -11.42
N GLU A 41 -8.03 -6.15 -11.61
CA GLU A 41 -9.48 -6.28 -11.56
C GLU A 41 -10.07 -5.43 -10.44
N CYS A 42 -9.50 -5.57 -9.24
CA CYS A 42 -9.96 -4.82 -8.08
C CYS A 42 -9.65 -3.33 -8.25
N GLN A 43 -8.40 -3.02 -8.55
CA GLN A 43 -7.96 -1.63 -8.73
C GLN A 43 -9.01 -0.84 -9.50
N VAL A 44 -9.53 -1.43 -10.57
CA VAL A 44 -10.54 -0.78 -11.40
C VAL A 44 -11.83 -0.55 -10.60
N LYS A 45 -12.29 -1.59 -9.91
CA LYS A 45 -13.51 -1.51 -9.11
C LYS A 45 -13.34 -0.49 -7.99
N HIS A 46 -12.36 -0.72 -7.12
CA HIS A 46 -12.10 0.18 -6.00
C HIS A 46 -11.29 1.38 -6.45
N TRP A 47 -11.62 1.91 -7.62
CA TRP A 47 -10.92 3.07 -8.17
C TRP A 47 -11.64 4.37 -7.79
N GLU A 48 -12.95 4.39 -7.97
CA GLU A 48 -13.75 5.57 -7.65
C GLU A 48 -13.43 6.07 -6.24
N LYS A 49 -13.35 5.15 -5.30
CA LYS A 49 -13.06 5.49 -3.91
C LYS A 49 -11.57 5.77 -3.72
N HIS A 50 -10.75 4.74 -3.95
CA HIS A 50 -9.30 4.87 -3.82
C HIS A 50 -8.81 6.17 -4.44
N GLY A 51 -9.47 6.59 -5.51
CA GLY A 51 -9.09 7.81 -6.19
C GLY A 51 -8.88 8.97 -5.23
N LYS A 52 -9.83 9.14 -4.30
CA LYS A 52 -9.74 10.21 -3.32
C LYS A 52 -8.38 10.22 -2.63
N THR A 53 -7.79 9.04 -2.50
CA THR A 53 -6.48 8.91 -1.86
C THR A 53 -5.40 8.58 -2.88
N CYS A 54 -5.58 9.05 -4.10
CA CYS A 54 -4.62 8.81 -5.17
C CYS A 54 -4.10 10.12 -5.75
N VAL A 55 -2.79 10.19 -5.97
CA VAL A 55 -2.17 11.38 -6.52
C VAL A 55 -0.93 11.04 -7.33
N LEU A 56 -0.99 11.28 -8.64
CA LEU A 56 0.13 10.99 -9.52
C LEU A 56 1.46 11.16 -8.79
N ALA A 57 2.20 10.07 -8.65
CA ALA A 57 3.49 10.10 -7.98
C ALA A 57 4.56 10.74 -8.86
N ALA A 58 4.59 12.07 -8.88
CA ALA A 58 5.56 12.81 -9.68
C ALA A 58 6.88 12.06 -9.75
N GLN A 59 7.55 12.17 -10.90
CA GLN A 59 8.83 11.51 -11.10
C GLN A 59 8.69 9.99 -10.93
N GLY A 60 7.62 9.44 -11.48
CA GLY A 60 7.38 8.01 -11.39
C GLY A 60 7.87 7.27 -12.61
N ASP A 61 7.54 7.78 -13.79
CA ASP A 61 7.95 7.15 -15.04
C ASP A 61 8.60 8.16 -15.97
N ARG A 62 9.18 7.68 -17.07
CA ARG A 62 9.83 8.55 -18.04
C ARG A 62 8.87 8.93 -19.16
N ALA A 63 8.89 10.20 -19.54
CA ALA A 63 8.02 10.70 -20.60
C ALA A 63 8.41 12.12 -21.01
N LYS A 64 7.90 12.56 -22.16
CA LYS A 64 8.19 13.90 -22.66
C LYS A 64 7.58 14.96 -21.76
N SER A 65 8.22 15.20 -20.61
CA SER A 65 7.73 16.19 -19.66
C SER A 65 8.79 17.26 -19.41
N GLY A 66 8.33 18.47 -19.09
CA GLY A 66 9.25 19.57 -18.83
C GLY A 66 9.58 20.35 -20.08
N PRO A 67 10.78 20.96 -20.10
CA PRO A 67 11.25 21.75 -21.24
C PRO A 67 11.57 20.89 -22.46
N SER A 68 12.07 21.52 -23.51
CA SER A 68 12.41 20.81 -24.73
C SER A 68 13.57 19.85 -24.50
N SER A 69 14.70 20.38 -24.02
CA SER A 69 15.88 19.57 -23.76
C SER A 69 16.41 19.83 -22.36
N GLY A 70 17.14 18.86 -21.81
CA GLY A 70 17.68 19.01 -20.48
C GLY A 70 18.86 18.08 -20.24
ZN ZN B . -8.34 -7.56 -4.63
ZN ZN C . -3.45 5.11 -6.63
N GLY A 1 6.40 -8.28 37.77
CA GLY A 1 7.21 -8.62 36.62
C GLY A 1 6.75 -9.90 35.94
N SER A 2 6.48 -9.82 34.64
CA SER A 2 6.02 -10.97 33.87
C SER A 2 6.67 -10.99 32.49
N SER A 3 7.55 -11.96 32.28
CA SER A 3 8.25 -12.09 31.00
C SER A 3 8.87 -13.48 30.86
N GLY A 4 9.24 -13.83 29.63
CA GLY A 4 9.85 -15.14 29.39
C GLY A 4 10.63 -15.17 28.09
N SER A 5 11.46 -14.17 27.87
CA SER A 5 12.26 -14.08 26.66
C SER A 5 13.57 -13.34 26.92
N SER A 6 14.60 -13.70 26.16
CA SER A 6 15.91 -13.08 26.31
C SER A 6 16.09 -11.94 25.30
N GLY A 7 15.66 -10.74 25.68
CA GLY A 7 15.79 -9.59 24.80
C GLY A 7 14.86 -9.68 23.60
N LEU A 8 13.74 -8.97 23.67
CA LEU A 8 12.77 -8.98 22.59
C LEU A 8 12.55 -7.57 22.05
N GLU A 9 13.24 -7.24 20.97
CA GLU A 9 13.12 -5.92 20.36
C GLU A 9 12.87 -6.04 18.86
N ALA A 10 12.01 -6.98 18.48
CA ALA A 10 11.69 -7.20 17.08
C ALA A 10 10.25 -7.70 16.92
N VAL A 11 9.61 -7.31 15.82
CA VAL A 11 8.24 -7.72 15.55
C VAL A 11 8.19 -8.84 14.52
N ALA A 12 7.00 -9.22 14.11
CA ALA A 12 6.81 -10.28 13.13
C ALA A 12 6.66 -9.70 11.72
N PRO A 13 7.21 -10.43 10.73
CA PRO A 13 7.16 -10.01 9.33
C PRO A 13 5.74 -10.11 8.75
N GLU A 14 5.14 -8.95 8.49
CA GLU A 14 3.80 -8.91 7.93
C GLU A 14 3.83 -8.61 6.43
N ARG A 15 2.85 -9.13 5.71
CA ARG A 15 2.77 -8.93 4.27
C ARG A 15 1.54 -8.08 3.91
N PRO A 16 1.62 -7.40 2.76
CA PRO A 16 0.55 -6.54 2.27
C PRO A 16 -0.67 -7.34 1.82
N ARG A 17 -1.77 -6.64 1.59
CA ARG A 17 -3.01 -7.28 1.15
C ARG A 17 -3.94 -6.29 0.46
N CYS A 18 -4.72 -6.77 -0.49
CA CYS A 18 -5.64 -5.92 -1.23
C CYS A 18 -6.56 -5.16 -0.28
N ALA A 19 -7.36 -4.25 -0.84
CA ALA A 19 -8.28 -3.46 -0.04
C ALA A 19 -9.72 -3.87 -0.29
N TYR A 20 -10.05 -4.09 -1.57
CA TYR A 20 -11.41 -4.49 -1.95
C TYR A 20 -11.68 -5.93 -1.54
N CYS A 21 -10.86 -6.85 -2.02
CA CYS A 21 -11.02 -8.27 -1.69
C CYS A 21 -10.12 -8.66 -0.54
N SER A 22 -9.09 -7.85 -0.28
CA SER A 22 -8.15 -8.12 0.81
C SER A 22 -7.52 -9.51 0.65
N ALA A 23 -6.95 -9.75 -0.52
CA ALA A 23 -6.31 -11.03 -0.81
C ALA A 23 -4.82 -10.85 -1.10
N GLU A 24 -4.10 -11.96 -1.15
CA GLU A 24 -2.66 -11.92 -1.41
C GLU A 24 -2.33 -10.84 -2.45
N ALA A 25 -1.52 -9.87 -2.05
CA ALA A 25 -1.13 -8.78 -2.93
C ALA A 25 0.30 -8.97 -3.44
N SER A 26 0.54 -8.58 -4.68
CA SER A 26 1.87 -8.73 -5.28
C SER A 26 2.30 -7.41 -5.93
N LYS A 27 1.39 -6.80 -6.69
CA LYS A 27 1.67 -5.55 -7.37
C LYS A 27 1.10 -4.36 -6.59
N ARG A 28 1.48 -3.15 -7.00
CA ARG A 28 0.99 -1.95 -6.34
C ARG A 28 0.37 -0.99 -7.35
N CYS A 29 -0.52 -0.12 -6.87
CA CYS A 29 -1.18 0.84 -7.73
C CYS A 29 -0.18 1.55 -8.65
N SER A 30 -0.41 1.45 -9.95
CA SER A 30 0.47 2.07 -10.93
C SER A 30 0.04 3.51 -11.21
N ARG A 31 -0.39 4.20 -10.16
CA ARG A 31 -0.83 5.60 -10.29
C ARG A 31 -0.22 6.45 -9.18
N CYS A 32 -0.22 5.92 -7.96
CA CYS A 32 0.33 6.64 -6.82
C CYS A 32 1.42 5.81 -6.13
N GLN A 33 1.33 4.49 -6.25
CA GLN A 33 2.30 3.60 -5.64
C GLN A 33 2.27 3.73 -4.12
N ASN A 34 1.07 3.93 -3.57
CA ASN A 34 0.91 4.08 -2.13
C ASN A 34 -0.22 3.18 -1.62
N GLU A 35 -0.43 2.05 -2.30
CA GLU A 35 -1.47 1.12 -1.91
C GLU A 35 -1.18 -0.28 -2.46
N TRP A 36 -1.73 -1.29 -1.80
CA TRP A 36 -1.52 -2.67 -2.21
C TRP A 36 -2.79 -3.24 -2.85
N TYR A 37 -2.60 -4.17 -3.78
CA TYR A 37 -3.73 -4.79 -4.49
C TYR A 37 -3.37 -6.20 -4.94
N CYS A 38 -4.40 -7.02 -5.17
CA CYS A 38 -4.19 -8.39 -5.61
C CYS A 38 -4.18 -8.47 -7.13
N CYS A 39 -5.16 -7.82 -7.77
CA CYS A 39 -5.26 -7.82 -9.21
C CYS A 39 -5.74 -6.47 -9.72
N ARG A 40 -5.76 -6.32 -11.05
CA ARG A 40 -6.21 -5.07 -11.66
C ARG A 40 -7.70 -4.87 -11.49
N GLU A 41 -8.46 -5.96 -11.63
CA GLU A 41 -9.91 -5.91 -11.49
C GLU A 41 -10.31 -4.98 -10.35
N CYS A 42 -9.92 -5.32 -9.14
CA CYS A 42 -10.24 -4.51 -7.97
C CYS A 42 -9.87 -3.04 -8.21
N GLN A 43 -8.58 -2.78 -8.39
CA GLN A 43 -8.11 -1.42 -8.63
C GLN A 43 -9.13 -0.62 -9.44
N VAL A 44 -9.70 -1.26 -10.45
CA VAL A 44 -10.68 -0.60 -11.30
C VAL A 44 -11.94 -0.25 -10.52
N LYS A 45 -12.48 -1.22 -9.81
CA LYS A 45 -13.68 -1.00 -9.01
C LYS A 45 -13.41 -0.03 -7.87
N HIS A 46 -12.40 -0.34 -7.06
CA HIS A 46 -12.04 0.51 -5.93
C HIS A 46 -11.64 1.90 -6.40
N TRP A 47 -10.89 1.95 -7.50
CA TRP A 47 -10.44 3.22 -8.05
C TRP A 47 -11.52 4.30 -7.90
N GLU A 48 -12.78 3.88 -7.99
CA GLU A 48 -13.89 4.80 -7.86
C GLU A 48 -13.69 5.75 -6.68
N LYS A 49 -13.48 5.18 -5.50
CA LYS A 49 -13.26 5.97 -4.29
C LYS A 49 -11.78 6.26 -4.09
N HIS A 50 -10.99 5.20 -3.98
CA HIS A 50 -9.55 5.34 -3.78
C HIS A 50 -8.99 6.47 -4.64
N GLY A 51 -9.57 6.65 -5.82
CA GLY A 51 -9.11 7.70 -6.71
C GLY A 51 -8.94 9.03 -6.01
N LYS A 52 -9.90 9.37 -5.16
CA LYS A 52 -9.86 10.62 -4.42
C LYS A 52 -8.62 10.69 -3.53
N THR A 53 -8.15 9.53 -3.10
CA THR A 53 -6.96 9.46 -2.24
C THR A 53 -5.70 9.24 -3.07
N CYS A 54 -5.86 8.65 -4.26
CA CYS A 54 -4.74 8.38 -5.14
C CYS A 54 -4.11 9.68 -5.63
N VAL A 55 -2.82 9.85 -5.35
CA VAL A 55 -2.10 11.04 -5.76
C VAL A 55 -1.15 10.74 -6.92
N LEU A 56 -0.92 11.74 -7.76
CA LEU A 56 -0.04 11.59 -8.91
C LEU A 56 1.41 11.85 -8.52
N ALA A 57 2.20 10.79 -8.43
CA ALA A 57 3.61 10.91 -8.07
C ALA A 57 4.47 11.23 -9.30
N ALA A 58 4.47 12.50 -9.70
CA ALA A 58 5.25 12.92 -10.86
C ALA A 58 6.59 13.52 -10.43
N GLN A 59 7.45 13.77 -11.40
CA GLN A 59 8.77 14.34 -11.12
C GLN A 59 8.89 15.74 -11.71
N GLY A 60 7.82 16.54 -11.57
CA GLY A 60 7.83 17.88 -12.09
C GLY A 60 8.21 18.91 -11.04
N ASP A 61 7.63 20.10 -11.14
CA ASP A 61 7.93 21.16 -10.18
C ASP A 61 6.88 21.20 -9.07
N ARG A 62 5.62 21.09 -9.45
CA ARG A 62 4.53 21.12 -8.48
C ARG A 62 4.64 19.94 -7.51
N ALA A 63 4.40 20.22 -6.23
CA ALA A 63 4.47 19.19 -5.19
C ALA A 63 3.72 19.62 -3.94
N LYS A 64 2.91 18.71 -3.41
CA LYS A 64 2.14 18.99 -2.20
C LYS A 64 2.44 17.98 -1.10
N SER A 65 3.13 18.43 -0.06
CA SER A 65 3.48 17.55 1.05
C SER A 65 2.40 17.56 2.13
N GLY A 66 2.09 16.38 2.66
CA GLY A 66 1.07 16.28 3.69
C GLY A 66 1.64 15.97 5.05
N PRO A 67 1.02 16.53 6.10
CA PRO A 67 1.47 16.34 7.48
C PRO A 67 1.22 14.91 7.96
N SER A 68 0.00 14.43 7.76
CA SER A 68 -0.37 13.08 8.19
C SER A 68 -1.08 12.34 7.05
N SER A 69 -0.46 11.24 6.59
CA SER A 69 -1.02 10.44 5.51
C SER A 69 -1.09 8.97 5.90
N GLY A 70 -2.20 8.33 5.58
CA GLY A 70 -2.37 6.92 5.90
C GLY A 70 -3.58 6.66 6.76
ZN ZN B . -8.28 -7.47 -4.81
ZN ZN C . -3.42 4.74 -6.36
N GLY A 1 10.87 -9.21 43.13
CA GLY A 1 11.10 -8.07 42.27
C GLY A 1 11.55 -8.47 40.88
N SER A 2 10.78 -9.36 40.26
CA SER A 2 11.10 -9.83 38.91
C SER A 2 10.20 -9.16 37.87
N SER A 3 10.76 -8.21 37.14
CA SER A 3 10.01 -7.49 36.12
C SER A 3 9.96 -8.29 34.82
N GLY A 4 11.09 -8.88 34.45
CA GLY A 4 11.16 -9.66 33.22
C GLY A 4 10.54 -8.94 32.04
N SER A 5 10.88 -7.67 31.88
CA SER A 5 10.35 -6.87 30.78
C SER A 5 11.36 -6.76 29.65
N SER A 6 12.00 -7.88 29.33
CA SER A 6 13.01 -7.90 28.27
C SER A 6 12.34 -7.83 26.89
N GLY A 7 11.30 -8.62 26.70
CA GLY A 7 10.59 -8.63 25.44
C GLY A 7 11.46 -9.10 24.29
N LEU A 8 11.50 -10.41 24.08
CA LEU A 8 12.30 -10.99 23.01
C LEU A 8 11.45 -11.85 22.09
N GLU A 9 11.47 -11.53 20.79
CA GLU A 9 10.70 -12.28 19.80
C GLU A 9 11.05 -11.84 18.39
N ALA A 10 10.50 -12.54 17.41
CA ALA A 10 10.76 -12.22 16.01
C ALA A 10 9.53 -12.52 15.14
N VAL A 11 9.18 -11.57 14.28
CA VAL A 11 8.03 -11.73 13.41
C VAL A 11 8.45 -11.73 11.94
N ALA A 12 8.17 -12.83 11.26
CA ALA A 12 8.52 -12.97 9.84
C ALA A 12 7.81 -11.91 9.00
N PRO A 13 8.43 -11.54 7.87
CA PRO A 13 7.88 -10.55 6.95
C PRO A 13 6.65 -11.06 6.22
N GLU A 14 5.66 -10.18 6.06
CA GLU A 14 4.42 -10.54 5.38
C GLU A 14 4.00 -9.46 4.39
N ARG A 15 3.57 -9.87 3.21
CA ARG A 15 3.14 -8.94 2.17
C ARG A 15 1.79 -8.34 2.51
N PRO A 16 1.54 -7.12 1.98
CA PRO A 16 0.27 -6.41 2.22
C PRO A 16 -0.90 -7.07 1.51
N ARG A 17 -2.11 -6.84 2.02
CA ARG A 17 -3.31 -7.41 1.45
C ARG A 17 -4.03 -6.40 0.57
N CYS A 18 -4.94 -6.89 -0.28
CA CYS A 18 -5.69 -6.03 -1.18
C CYS A 18 -6.64 -5.12 -0.39
N ALA A 19 -7.28 -4.19 -1.10
CA ALA A 19 -8.23 -3.27 -0.47
C ALA A 19 -9.67 -3.65 -0.81
N TYR A 20 -9.88 -4.07 -2.05
CA TYR A 20 -11.21 -4.46 -2.51
C TYR A 20 -11.57 -5.86 -2.04
N CYS A 21 -10.78 -6.84 -2.48
CA CYS A 21 -10.99 -8.24 -2.11
C CYS A 21 -10.30 -8.57 -0.80
N SER A 22 -9.31 -7.75 -0.44
CA SER A 22 -8.56 -7.97 0.79
C SER A 22 -7.82 -9.30 0.76
N ALA A 23 -7.28 -9.63 -0.41
CA ALA A 23 -6.54 -10.89 -0.58
C ALA A 23 -5.06 -10.62 -0.82
N GLU A 24 -4.25 -11.65 -0.66
CA GLU A 24 -2.81 -11.53 -0.86
C GLU A 24 -2.51 -10.57 -2.01
N ALA A 25 -1.81 -9.48 -1.70
CA ALA A 25 -1.45 -8.49 -2.70
C ALA A 25 -0.22 -8.92 -3.49
N SER A 26 -0.16 -8.49 -4.75
CA SER A 26 0.96 -8.85 -5.62
C SER A 26 1.55 -7.60 -6.28
N LYS A 27 0.67 -6.79 -6.88
CA LYS A 27 1.10 -5.57 -7.55
C LYS A 27 0.71 -4.34 -6.75
N ARG A 28 1.13 -3.17 -7.21
CA ARG A 28 0.82 -1.92 -6.53
C ARG A 28 0.17 -0.93 -7.49
N CYS A 29 -0.62 -0.02 -6.95
CA CYS A 29 -1.30 0.99 -7.75
C CYS A 29 -0.33 1.68 -8.70
N SER A 30 -0.60 1.56 -10.00
CA SER A 30 0.26 2.17 -11.01
C SER A 30 -0.12 3.63 -11.23
N ARG A 31 -0.51 4.31 -10.16
CA ARG A 31 -0.90 5.71 -10.25
C ARG A 31 -0.22 6.53 -9.15
N CYS A 32 -0.14 5.96 -7.95
CA CYS A 32 0.47 6.64 -6.82
C CYS A 32 1.57 5.77 -6.21
N GLN A 33 1.43 4.46 -6.35
CA GLN A 33 2.41 3.53 -5.81
C GLN A 33 2.47 3.62 -4.29
N ASN A 34 1.30 3.56 -3.65
CA ASN A 34 1.24 3.64 -2.19
C ASN A 34 0.40 2.49 -1.64
N GLU A 35 -0.68 2.15 -2.34
CA GLU A 35 -1.56 1.08 -1.91
C GLU A 35 -1.26 -0.22 -2.67
N TRP A 36 -1.53 -1.35 -2.04
CA TRP A 36 -1.29 -2.65 -2.66
C TRP A 36 -2.59 -3.26 -3.16
N TYR A 37 -2.47 -4.19 -4.10
CA TYR A 37 -3.65 -4.85 -4.67
C TYR A 37 -3.27 -6.22 -5.24
N CYS A 38 -4.16 -7.19 -5.04
CA CYS A 38 -3.91 -8.55 -5.53
C CYS A 38 -3.93 -8.58 -7.06
N CYS A 39 -4.93 -7.95 -7.65
CA CYS A 39 -5.05 -7.90 -9.11
C CYS A 39 -5.61 -6.55 -9.57
N ARG A 40 -5.62 -6.34 -10.87
CA ARG A 40 -6.11 -5.09 -11.44
C ARG A 40 -7.63 -5.02 -11.35
N GLU A 41 -8.28 -6.16 -11.56
CA GLU A 41 -9.75 -6.23 -11.51
C GLU A 41 -10.28 -5.45 -10.31
N CYS A 42 -9.48 -5.37 -9.25
CA CYS A 42 -9.87 -4.65 -8.04
C CYS A 42 -9.54 -3.16 -8.16
N GLN A 43 -8.27 -2.86 -8.40
CA GLN A 43 -7.82 -1.48 -8.54
C GLN A 43 -8.84 -0.66 -9.32
N VAL A 44 -9.27 -1.17 -10.46
CA VAL A 44 -10.24 -0.48 -11.30
C VAL A 44 -11.56 -0.27 -10.55
N LYS A 45 -11.91 -1.25 -9.72
CA LYS A 45 -13.14 -1.17 -8.95
C LYS A 45 -12.99 -0.20 -7.77
N HIS A 46 -12.05 -0.51 -6.88
CA HIS A 46 -11.80 0.33 -5.71
C HIS A 46 -11.47 1.77 -6.13
N TRP A 47 -10.75 1.90 -7.23
CA TRP A 47 -10.38 3.21 -7.74
C TRP A 47 -11.52 4.21 -7.57
N GLU A 48 -12.75 3.73 -7.75
CA GLU A 48 -13.93 4.58 -7.62
C GLU A 48 -13.78 5.53 -6.44
N LYS A 49 -13.34 5.00 -5.31
CA LYS A 49 -13.15 5.81 -4.10
C LYS A 49 -11.68 6.13 -3.89
N HIS A 50 -10.84 5.11 -3.94
CA HIS A 50 -9.40 5.28 -3.75
C HIS A 50 -8.89 6.47 -4.58
N GLY A 51 -9.38 6.58 -5.81
CA GLY A 51 -8.96 7.67 -6.67
C GLY A 51 -8.73 8.96 -5.91
N LYS A 52 -9.74 9.39 -5.16
CA LYS A 52 -9.64 10.62 -4.39
C LYS A 52 -8.35 10.65 -3.57
N THR A 53 -8.07 9.56 -2.87
CA THR A 53 -6.87 9.46 -2.06
C THR A 53 -5.62 9.36 -2.92
N CYS A 54 -5.76 8.70 -4.07
CA CYS A 54 -4.65 8.53 -4.99
C CYS A 54 -4.11 9.87 -5.47
N VAL A 55 -2.83 10.12 -5.24
CA VAL A 55 -2.20 11.37 -5.65
C VAL A 55 -1.40 11.19 -6.93
N LEU A 56 -1.65 12.07 -7.90
CA LEU A 56 -0.96 12.01 -9.18
C LEU A 56 0.54 12.24 -9.00
N ALA A 57 1.28 11.14 -8.82
CA ALA A 57 2.72 11.21 -8.64
C ALA A 57 3.43 10.19 -9.51
N ALA A 58 2.95 10.03 -10.74
CA ALA A 58 3.55 9.06 -11.66
C ALA A 58 4.97 9.47 -12.04
N GLN A 59 5.70 8.57 -12.67
CA GLN A 59 7.07 8.83 -13.08
C GLN A 59 7.21 10.23 -13.65
N GLY A 60 7.80 11.13 -12.87
CA GLY A 60 7.98 12.50 -13.32
C GLY A 60 9.08 13.23 -12.55
N ASP A 61 8.74 14.35 -11.94
CA ASP A 61 9.70 15.13 -11.17
C ASP A 61 10.42 14.26 -10.15
N ARG A 62 11.38 14.85 -9.45
CA ARG A 62 12.14 14.13 -8.44
C ARG A 62 11.42 14.15 -7.09
N ALA A 63 10.51 13.19 -6.89
CA ALA A 63 9.76 13.10 -5.65
C ALA A 63 10.49 12.24 -4.62
N LYS A 64 10.37 12.61 -3.36
CA LYS A 64 11.01 11.86 -2.27
C LYS A 64 10.93 10.36 -2.53
N SER A 65 12.10 9.73 -2.61
CA SER A 65 12.17 8.29 -2.85
C SER A 65 13.25 7.64 -1.99
N GLY A 66 13.00 6.40 -1.59
CA GLY A 66 13.96 5.69 -0.75
C GLY A 66 15.18 5.25 -1.53
N PRO A 67 15.97 4.33 -0.94
CA PRO A 67 17.18 3.79 -1.58
C PRO A 67 16.87 2.90 -2.78
N SER A 68 17.53 3.18 -3.90
CA SER A 68 17.32 2.41 -5.12
C SER A 68 17.17 0.92 -4.80
N SER A 69 16.12 0.31 -5.33
CA SER A 69 15.86 -1.10 -5.11
C SER A 69 14.68 -1.58 -5.96
N GLY A 70 14.82 -2.77 -6.54
CA GLY A 70 13.77 -3.32 -7.37
C GLY A 70 14.30 -4.25 -8.44
ZN ZN B . -7.99 -7.66 -4.94
ZN ZN C . -3.38 4.92 -6.20
N GLY A 1 -1.12 -5.80 45.52
CA GLY A 1 -1.19 -7.07 44.82
C GLY A 1 -1.19 -6.91 43.32
N SER A 2 -0.29 -7.61 42.64
CA SER A 2 -0.18 -7.54 41.18
C SER A 2 0.41 -8.82 40.61
N SER A 3 -0.39 -9.51 39.80
CA SER A 3 0.06 -10.77 39.19
C SER A 3 -0.93 -11.22 38.13
N GLY A 4 -0.40 -11.68 36.99
CA GLY A 4 -1.25 -12.16 35.92
C GLY A 4 -0.76 -11.70 34.56
N SER A 5 0.46 -12.11 34.21
CA SER A 5 1.04 -11.73 32.92
C SER A 5 1.78 -12.91 32.29
N SER A 6 1.52 -13.14 31.00
CA SER A 6 2.16 -14.24 30.29
C SER A 6 2.87 -13.73 29.04
N GLY A 7 2.15 -12.99 28.21
CA GLY A 7 2.73 -12.45 27.00
C GLY A 7 2.12 -13.06 25.74
N LEU A 8 1.04 -12.46 25.27
CA LEU A 8 0.35 -12.94 24.08
C LEU A 8 0.72 -12.10 22.86
N GLU A 9 1.24 -12.76 21.82
CA GLU A 9 1.62 -12.06 20.60
C GLU A 9 0.70 -12.45 19.44
N ALA A 10 0.44 -11.49 18.56
CA ALA A 10 -0.42 -11.74 17.41
C ALA A 10 0.25 -12.67 16.41
N VAL A 11 -0.56 -13.32 15.57
CA VAL A 11 -0.05 -14.24 14.58
C VAL A 11 -0.45 -13.80 13.17
N ALA A 12 0.53 -13.34 12.40
CA ALA A 12 0.29 -12.90 11.03
C ALA A 12 1.59 -12.58 10.31
N PRO A 13 1.65 -12.87 9.01
CA PRO A 13 2.83 -12.62 8.18
C PRO A 13 3.07 -11.13 7.95
N GLU A 14 4.20 -10.81 7.32
CA GLU A 14 4.55 -9.43 7.05
C GLU A 14 4.55 -9.15 5.55
N ARG A 15 3.37 -8.88 5.01
CA ARG A 15 3.23 -8.60 3.58
C ARG A 15 1.95 -7.81 3.31
N PRO A 16 1.96 -7.04 2.21
CA PRO A 16 0.81 -6.22 1.80
C PRO A 16 -0.37 -7.06 1.32
N ARG A 17 -1.56 -6.48 1.35
CA ARG A 17 -2.76 -7.17 0.92
C ARG A 17 -3.72 -6.22 0.22
N CYS A 18 -4.56 -6.77 -0.66
CA CYS A 18 -5.52 -5.96 -1.40
C CYS A 18 -6.38 -5.14 -0.45
N ALA A 19 -7.19 -4.25 -1.01
CA ALA A 19 -8.07 -3.40 -0.22
C ALA A 19 -9.51 -3.88 -0.29
N TYR A 20 -9.94 -4.29 -1.48
CA TYR A 20 -11.30 -4.76 -1.68
C TYR A 20 -11.46 -6.19 -1.14
N CYS A 21 -10.80 -7.14 -1.78
CA CYS A 21 -10.87 -8.54 -1.37
C CYS A 21 -9.87 -8.82 -0.26
N SER A 22 -8.87 -7.95 -0.12
CA SER A 22 -7.85 -8.11 0.90
C SER A 22 -7.15 -9.46 0.77
N ALA A 23 -6.66 -9.75 -0.44
CA ALA A 23 -5.96 -11.01 -0.70
C ALA A 23 -4.51 -10.77 -1.07
N GLU A 24 -3.74 -11.84 -1.17
CA GLU A 24 -2.33 -11.75 -1.50
C GLU A 24 -2.11 -10.73 -2.63
N ALA A 25 -1.32 -9.70 -2.34
CA ALA A 25 -1.04 -8.67 -3.33
C ALA A 25 0.27 -8.96 -4.06
N SER A 26 0.46 -8.30 -5.20
CA SER A 26 1.67 -8.48 -5.99
C SER A 26 2.28 -7.14 -6.38
N LYS A 27 1.47 -6.27 -6.98
CA LYS A 27 1.93 -4.95 -7.39
C LYS A 27 1.17 -3.85 -6.64
N ARG A 28 1.51 -2.61 -6.95
CA ARG A 28 0.87 -1.46 -6.31
C ARG A 28 0.46 -0.41 -7.34
N CYS A 29 -0.45 0.46 -6.95
CA CYS A 29 -0.93 1.51 -7.84
C CYS A 29 0.23 2.20 -8.54
N SER A 30 0.20 2.21 -9.87
CA SER A 30 1.25 2.84 -10.66
C SER A 30 1.02 4.33 -10.77
N ARG A 31 0.45 4.93 -9.73
CA ARG A 31 0.18 6.36 -9.71
C ARG A 31 0.59 6.97 -8.38
N CYS A 32 0.43 6.20 -7.30
CA CYS A 32 0.78 6.68 -5.97
C CYS A 32 1.71 5.68 -5.27
N GLN A 33 1.47 4.40 -5.50
CA GLN A 33 2.27 3.34 -4.90
C GLN A 33 2.09 3.32 -3.39
N ASN A 34 0.85 3.49 -2.93
CA ASN A 34 0.54 3.50 -1.51
C ASN A 34 -0.39 2.34 -1.16
N GLU A 35 -1.32 2.04 -2.06
CA GLU A 35 -2.27 0.95 -1.83
C GLU A 35 -1.90 -0.28 -2.66
N TRP A 36 -2.19 -1.45 -2.12
CA TRP A 36 -1.88 -2.71 -2.79
C TRP A 36 -3.13 -3.33 -3.38
N TYR A 37 -2.96 -4.11 -4.44
CA TYR A 37 -4.09 -4.77 -5.10
C TYR A 37 -3.70 -6.16 -5.59
N CYS A 38 -4.62 -7.11 -5.44
CA CYS A 38 -4.37 -8.48 -5.86
C CYS A 38 -4.54 -8.62 -7.37
N CYS A 39 -5.62 -8.07 -7.90
CA CYS A 39 -5.90 -8.13 -9.33
C CYS A 39 -6.54 -6.84 -9.81
N ARG A 40 -6.79 -6.76 -11.12
CA ARG A 40 -7.40 -5.58 -11.71
C ARG A 40 -8.87 -5.46 -11.31
N GLU A 41 -9.57 -6.60 -11.31
CA GLU A 41 -10.97 -6.62 -10.94
C GLU A 41 -11.27 -5.63 -9.81
N CYS A 42 -10.51 -5.73 -8.73
CA CYS A 42 -10.68 -4.84 -7.59
C CYS A 42 -10.23 -3.43 -7.92
N GLN A 43 -8.97 -3.29 -8.31
CA GLN A 43 -8.41 -2.00 -8.65
C GLN A 43 -9.45 -1.13 -9.38
N VAL A 44 -10.11 -1.72 -10.37
CA VAL A 44 -11.12 -1.00 -11.13
C VAL A 44 -12.23 -0.49 -10.22
N LYS A 45 -12.76 -1.37 -9.39
CA LYS A 45 -13.84 -1.00 -8.47
C LYS A 45 -13.32 -0.06 -7.38
N HIS A 46 -12.35 -0.52 -6.61
CA HIS A 46 -11.77 0.29 -5.55
C HIS A 46 -11.32 1.65 -6.08
N TRP A 47 -10.76 1.65 -7.28
CA TRP A 47 -10.29 2.88 -7.90
C TRP A 47 -11.38 3.95 -7.89
N GLU A 48 -12.63 3.51 -8.06
CA GLU A 48 -13.76 4.44 -8.07
C GLU A 48 -13.58 5.53 -7.03
N LYS A 49 -13.20 5.13 -5.81
CA LYS A 49 -13.00 6.08 -4.72
C LYS A 49 -11.51 6.34 -4.50
N HIS A 50 -10.73 5.26 -4.41
CA HIS A 50 -9.30 5.37 -4.19
C HIS A 50 -8.70 6.47 -5.06
N GLY A 51 -9.17 6.56 -6.31
CA GLY A 51 -8.67 7.57 -7.23
C GLY A 51 -8.77 8.97 -6.66
N LYS A 52 -9.93 9.29 -6.08
CA LYS A 52 -10.15 10.61 -5.49
C LYS A 52 -9.00 11.00 -4.58
N THR A 53 -8.57 10.06 -3.74
CA THR A 53 -7.48 10.31 -2.81
C THR A 53 -6.17 9.71 -3.33
N CYS A 54 -6.01 9.71 -4.64
CA CYS A 54 -4.81 9.17 -5.27
C CYS A 54 -3.87 10.28 -5.71
N VAL A 55 -2.64 10.24 -5.21
CA VAL A 55 -1.64 11.25 -5.55
C VAL A 55 -0.66 10.73 -6.60
N LEU A 56 -0.14 11.63 -7.41
CA LEU A 56 0.81 11.27 -8.46
C LEU A 56 2.24 11.39 -7.96
N ALA A 57 2.86 10.26 -7.65
CA ALA A 57 4.23 10.24 -7.17
C ALA A 57 5.22 10.18 -8.33
N ALA A 58 4.81 9.54 -9.42
CA ALA A 58 5.67 9.41 -10.60
C ALA A 58 6.38 10.72 -10.90
N GLN A 59 7.63 10.61 -11.34
CA GLN A 59 8.43 11.79 -11.67
C GLN A 59 7.80 12.58 -12.81
N GLY A 60 7.06 13.62 -12.46
CA GLY A 60 6.41 14.45 -13.47
C GLY A 60 7.36 15.45 -14.09
N ASP A 61 6.91 16.70 -14.21
CA ASP A 61 7.73 17.75 -14.80
C ASP A 61 8.49 18.51 -13.72
N ARG A 62 7.77 18.88 -12.65
CA ARG A 62 8.38 19.61 -11.54
C ARG A 62 9.75 19.03 -11.18
N ALA A 63 10.54 19.79 -10.43
CA ALA A 63 11.86 19.35 -10.02
C ALA A 63 11.84 17.90 -9.55
N LYS A 64 12.99 17.26 -9.56
CA LYS A 64 13.10 15.87 -9.12
C LYS A 64 13.46 15.78 -7.65
N SER A 65 12.67 15.05 -6.90
CA SER A 65 12.91 14.88 -5.46
C SER A 65 12.29 13.59 -4.94
N GLY A 66 13.07 12.81 -4.21
CA GLY A 66 12.59 11.56 -3.68
C GLY A 66 13.31 10.36 -4.25
N PRO A 67 13.64 9.38 -3.38
CA PRO A 67 14.34 8.16 -3.79
C PRO A 67 13.47 7.24 -4.64
N SER A 68 14.10 6.53 -5.56
CA SER A 68 13.38 5.61 -6.43
C SER A 68 14.35 4.66 -7.14
N SER A 69 13.80 3.57 -7.67
CA SER A 69 14.62 2.58 -8.38
C SER A 69 14.87 3.02 -9.81
N GLY A 70 15.92 3.80 -10.01
CA GLY A 70 16.27 4.28 -11.33
C GLY A 70 16.70 3.15 -12.26
ZN ZN B . -8.39 -7.78 -4.67
ZN ZN C . -3.31 5.34 -6.49
N GLY A 1 5.69 -9.30 51.78
CA GLY A 1 5.61 -8.74 50.44
C GLY A 1 4.80 -9.62 49.50
N SER A 2 3.54 -9.25 49.27
CA SER A 2 2.67 -10.02 48.39
C SER A 2 2.15 -9.16 47.25
N SER A 3 2.84 -9.23 46.11
CA SER A 3 2.46 -8.45 44.94
C SER A 3 2.96 -9.11 43.66
N GLY A 4 2.15 -9.06 42.61
CA GLY A 4 2.53 -9.65 41.33
C GLY A 4 1.99 -8.88 40.15
N SER A 5 2.51 -9.19 38.96
CA SER A 5 2.07 -8.52 37.75
C SER A 5 2.49 -9.31 36.51
N SER A 6 1.51 -9.80 35.77
CA SER A 6 1.78 -10.58 34.56
C SER A 6 1.12 -9.93 33.34
N GLY A 7 1.87 -9.05 32.68
CA GLY A 7 1.33 -8.38 31.51
C GLY A 7 1.36 -9.26 30.27
N LEU A 8 1.33 -8.64 29.10
CA LEU A 8 1.36 -9.38 27.84
C LEU A 8 2.25 -8.69 26.82
N GLU A 9 2.78 -9.46 25.88
CA GLU A 9 3.64 -8.92 24.84
C GLU A 9 3.27 -9.48 23.47
N ALA A 10 2.96 -8.59 22.54
CA ALA A 10 2.58 -8.99 21.19
C ALA A 10 3.07 -7.98 20.16
N VAL A 11 3.90 -8.44 19.23
CA VAL A 11 4.44 -7.57 18.20
C VAL A 11 4.89 -8.39 16.99
N ALA A 12 4.67 -7.84 15.79
CA ALA A 12 5.05 -8.51 14.55
C ALA A 12 4.80 -7.62 13.35
N PRO A 13 5.57 -7.83 12.28
CA PRO A 13 5.45 -7.06 11.04
C PRO A 13 4.17 -7.37 10.29
N GLU A 14 3.85 -6.53 9.30
CA GLU A 14 2.64 -6.73 8.51
C GLU A 14 2.99 -6.88 7.02
N ARG A 15 2.18 -7.66 6.31
CA ARG A 15 2.40 -7.89 4.88
C ARG A 15 1.34 -7.16 4.05
N PRO A 16 1.68 -6.89 2.78
CA PRO A 16 0.78 -6.20 1.85
C PRO A 16 -0.41 -7.06 1.45
N ARG A 17 -1.58 -6.45 1.37
CA ARG A 17 -2.80 -7.16 0.99
C ARG A 17 -3.81 -6.21 0.35
N CYS A 18 -4.59 -6.74 -0.59
CA CYS A 18 -5.60 -5.94 -1.28
C CYS A 18 -6.49 -5.20 -0.28
N ALA A 19 -7.31 -4.30 -0.79
CA ALA A 19 -8.22 -3.53 0.05
C ALA A 19 -9.64 -4.07 -0.02
N TYR A 20 -10.10 -4.33 -1.25
CA TYR A 20 -11.44 -4.86 -1.46
C TYR A 20 -11.56 -6.29 -0.96
N CYS A 21 -10.93 -7.21 -1.69
CA CYS A 21 -10.96 -8.62 -1.34
C CYS A 21 -9.88 -8.94 -0.29
N SER A 22 -8.89 -8.08 -0.20
CA SER A 22 -7.80 -8.26 0.75
C SER A 22 -7.12 -9.61 0.55
N ALA A 23 -6.78 -9.91 -0.70
CA ALA A 23 -6.12 -11.16 -1.04
C ALA A 23 -4.65 -10.95 -1.39
N GLU A 24 -3.85 -12.00 -1.25
CA GLU A 24 -2.43 -11.92 -1.56
C GLU A 24 -2.18 -10.96 -2.72
N ALA A 25 -1.45 -9.88 -2.44
CA ALA A 25 -1.13 -8.89 -3.46
C ALA A 25 0.36 -8.69 -3.59
N SER A 26 0.87 -8.75 -4.82
CA SER A 26 2.30 -8.57 -5.07
C SER A 26 2.54 -7.44 -6.07
N LYS A 27 1.74 -6.38 -5.96
CA LYS A 27 1.87 -5.23 -6.85
C LYS A 27 1.50 -3.94 -6.13
N ARG A 28 1.74 -2.82 -6.78
CA ARG A 28 1.44 -1.51 -6.20
C ARG A 28 0.92 -0.55 -7.27
N CYS A 29 0.07 0.39 -6.86
CA CYS A 29 -0.50 1.36 -7.78
C CYS A 29 0.60 2.12 -8.51
N SER A 30 0.56 2.09 -9.83
CA SER A 30 1.56 2.77 -10.65
C SER A 30 1.20 4.24 -10.83
N ARG A 31 0.51 4.80 -9.84
CA ARG A 31 0.10 6.20 -9.90
C ARG A 31 0.52 6.94 -8.64
N CYS A 32 0.30 6.31 -7.48
CA CYS A 32 0.66 6.91 -6.20
C CYS A 32 1.65 6.03 -5.45
N GLN A 33 1.49 4.72 -5.58
CA GLN A 33 2.38 3.77 -4.91
C GLN A 33 2.17 3.82 -3.40
N ASN A 34 0.92 3.72 -2.97
CA ASN A 34 0.59 3.75 -1.55
C ASN A 34 -0.36 2.62 -1.19
N GLU A 35 -1.27 2.31 -2.10
CA GLU A 35 -2.25 1.25 -1.88
C GLU A 35 -1.87 -0.01 -2.65
N TRP A 36 -2.27 -1.17 -2.13
CA TRP A 36 -1.98 -2.45 -2.78
C TRP A 36 -3.21 -3.01 -3.46
N TYR A 37 -3.01 -4.01 -4.31
CA TYR A 37 -4.11 -4.64 -5.03
C TYR A 37 -3.72 -6.03 -5.52
N CYS A 38 -4.66 -6.97 -5.45
CA CYS A 38 -4.42 -8.33 -5.88
C CYS A 38 -4.52 -8.45 -7.40
N CYS A 39 -5.53 -7.82 -7.97
CA CYS A 39 -5.74 -7.85 -9.42
C CYS A 39 -6.44 -6.58 -9.90
N ARG A 40 -6.40 -6.35 -11.20
CA ARG A 40 -7.03 -5.17 -11.79
C ARG A 40 -8.53 -5.14 -11.48
N GLU A 41 -9.16 -6.30 -11.60
CA GLU A 41 -10.59 -6.43 -11.34
C GLU A 41 -11.00 -5.58 -10.12
N CYS A 42 -10.27 -5.74 -9.03
CA CYS A 42 -10.55 -5.01 -7.80
C CYS A 42 -10.30 -3.51 -8.00
N GLN A 43 -9.11 -3.18 -8.51
CA GLN A 43 -8.75 -1.79 -8.74
C GLN A 43 -9.89 -1.03 -9.41
N VAL A 44 -10.47 -1.64 -10.45
CA VAL A 44 -11.57 -1.02 -11.18
C VAL A 44 -12.74 -0.71 -10.25
N LYS A 45 -13.09 -1.69 -9.42
CA LYS A 45 -14.19 -1.53 -8.47
C LYS A 45 -13.87 -0.45 -7.44
N HIS A 46 -12.69 -0.56 -6.82
CA HIS A 46 -12.26 0.40 -5.81
C HIS A 46 -11.46 1.53 -6.45
N TRP A 47 -11.89 1.96 -7.62
CA TRP A 47 -11.20 3.04 -8.34
C TRP A 47 -11.82 4.40 -8.01
N GLU A 48 -13.15 4.45 -8.05
CA GLU A 48 -13.86 5.69 -7.75
C GLU A 48 -13.44 6.25 -6.40
N LYS A 49 -13.34 5.38 -5.40
CA LYS A 49 -12.95 5.78 -4.06
C LYS A 49 -11.44 6.03 -3.99
N HIS A 50 -10.66 5.03 -4.35
CA HIS A 50 -9.21 5.15 -4.33
C HIS A 50 -8.75 6.38 -5.10
N GLY A 51 -9.11 6.45 -6.38
CA GLY A 51 -8.73 7.57 -7.21
C GLY A 51 -8.73 8.88 -6.45
N LYS A 52 -9.80 9.12 -5.70
CA LYS A 52 -9.93 10.35 -4.91
C LYS A 52 -8.64 10.62 -4.12
N THR A 53 -8.16 9.59 -3.43
CA THR A 53 -6.95 9.71 -2.63
C THR A 53 -5.74 9.15 -3.37
N CYS A 54 -5.75 9.30 -4.69
CA CYS A 54 -4.65 8.81 -5.52
C CYS A 54 -3.85 9.96 -6.11
N VAL A 55 -2.65 10.18 -5.57
CA VAL A 55 -1.78 11.25 -6.04
C VAL A 55 -0.72 10.72 -7.00
N LEU A 56 -0.37 11.53 -8.00
CA LEU A 56 0.63 11.15 -8.98
C LEU A 56 2.04 11.25 -8.40
N ALA A 57 2.44 10.24 -7.64
CA ALA A 57 3.76 10.22 -7.03
C ALA A 57 4.82 9.82 -8.04
N ALA A 58 4.76 10.39 -9.23
CA ALA A 58 5.72 10.09 -10.28
C ALA A 58 7.15 10.23 -9.77
N GLN A 59 8.06 9.46 -10.37
CA GLN A 59 9.47 9.49 -9.97
C GLN A 59 10.10 10.83 -10.32
N GLY A 60 10.40 11.62 -9.29
CA GLY A 60 11.00 12.92 -9.51
C GLY A 60 12.31 13.08 -8.75
N ASP A 61 13.08 14.09 -9.13
CA ASP A 61 14.36 14.36 -8.48
C ASP A 61 14.71 15.84 -8.54
N ARG A 62 15.70 16.25 -7.75
CA ARG A 62 16.12 17.64 -7.71
C ARG A 62 14.94 18.56 -7.43
N ALA A 63 14.08 18.14 -6.50
CA ALA A 63 12.91 18.94 -6.13
C ALA A 63 12.45 18.60 -4.72
N LYS A 64 11.44 19.34 -4.24
CA LYS A 64 10.90 19.11 -2.90
C LYS A 64 10.26 17.73 -2.80
N SER A 65 10.98 16.81 -2.17
CA SER A 65 10.48 15.45 -2.01
C SER A 65 9.87 15.26 -0.62
N GLY A 66 8.92 14.33 -0.52
CA GLY A 66 8.27 14.07 0.75
C GLY A 66 8.13 12.59 1.03
N PRO A 67 7.17 11.94 0.35
CA PRO A 67 6.90 10.51 0.52
C PRO A 67 8.02 9.65 -0.04
N SER A 68 8.08 8.39 0.39
CA SER A 68 9.11 7.46 -0.07
C SER A 68 8.70 6.02 0.22
N SER A 69 9.34 5.08 -0.46
CA SER A 69 9.05 3.66 -0.28
C SER A 69 9.83 3.10 0.90
N GLY A 70 11.15 3.27 0.88
CA GLY A 70 11.98 2.77 1.95
C GLY A 70 12.67 1.48 1.60
ZN ZN B . -8.48 -7.71 -4.56
ZN ZN C . -3.14 5.08 -6.62
N GLY A 1 24.06 -26.01 37.20
CA GLY A 1 23.90 -25.93 35.77
C GLY A 1 22.67 -26.66 35.28
N SER A 2 21.59 -25.92 35.05
CA SER A 2 20.33 -26.50 34.59
C SER A 2 19.63 -25.57 33.61
N SER A 3 19.55 -25.98 32.35
CA SER A 3 18.90 -25.18 31.33
C SER A 3 17.39 -25.15 31.53
N GLY A 4 16.71 -24.31 30.75
CA GLY A 4 15.27 -24.22 30.85
C GLY A 4 14.76 -22.80 30.62
N SER A 5 14.07 -22.60 29.51
CA SER A 5 13.54 -21.28 29.16
C SER A 5 12.47 -21.39 28.08
N SER A 6 11.27 -20.91 28.39
CA SER A 6 10.17 -20.96 27.44
C SER A 6 9.72 -19.55 27.06
N GLY A 7 10.38 -18.99 26.04
CA GLY A 7 10.05 -17.65 25.60
C GLY A 7 10.14 -17.50 24.09
N LEU A 8 9.71 -18.54 23.38
CA LEU A 8 9.76 -18.52 21.92
C LEU A 8 8.60 -17.70 21.35
N GLU A 9 8.80 -16.39 21.26
CA GLU A 9 7.78 -15.49 20.74
C GLU A 9 8.07 -15.13 19.28
N ALA A 10 7.11 -15.42 18.40
CA ALA A 10 7.27 -15.12 16.98
C ALA A 10 6.04 -14.40 16.43
N VAL A 11 6.17 -13.09 16.23
CA VAL A 11 5.08 -12.28 15.71
C VAL A 11 5.27 -11.99 14.22
N ALA A 12 4.36 -12.52 13.40
CA ALA A 12 4.42 -12.32 11.96
C ALA A 12 4.26 -10.84 11.61
N PRO A 13 5.05 -10.37 10.63
CA PRO A 13 5.01 -8.98 10.17
C PRO A 13 3.71 -8.64 9.43
N GLU A 14 3.30 -7.38 9.51
CA GLU A 14 2.08 -6.94 8.85
C GLU A 14 2.20 -7.08 7.34
N ARG A 15 1.80 -8.24 6.83
CA ARG A 15 1.86 -8.51 5.40
C ARG A 15 0.79 -7.70 4.66
N PRO A 16 1.18 -7.14 3.49
CA PRO A 16 0.28 -6.35 2.66
C PRO A 16 -0.81 -7.20 2.01
N ARG A 17 -1.99 -6.61 1.85
CA ARG A 17 -3.12 -7.31 1.24
C ARG A 17 -4.05 -6.33 0.54
N CYS A 18 -4.73 -6.81 -0.49
CA CYS A 18 -5.65 -5.98 -1.26
C CYS A 18 -6.61 -5.24 -0.33
N ALA A 19 -7.38 -4.32 -0.89
CA ALA A 19 -8.34 -3.54 -0.11
C ALA A 19 -9.76 -4.07 -0.29
N TYR A 20 -10.15 -4.29 -1.55
CA TYR A 20 -11.48 -4.79 -1.85
C TYR A 20 -11.63 -6.25 -1.42
N CYS A 21 -10.96 -7.14 -2.15
CA CYS A 21 -11.02 -8.57 -1.85
C CYS A 21 -10.09 -8.91 -0.68
N SER A 22 -9.10 -8.06 -0.46
CA SER A 22 -8.14 -8.28 0.62
C SER A 22 -7.44 -9.63 0.47
N ALA A 23 -6.92 -9.88 -0.73
CA ALA A 23 -6.21 -11.13 -1.00
C ALA A 23 -4.73 -10.88 -1.28
N GLU A 24 -3.94 -11.95 -1.24
CA GLU A 24 -2.51 -11.84 -1.49
C GLU A 24 -2.22 -10.74 -2.51
N ALA A 25 -1.49 -9.71 -2.07
CA ALA A 25 -1.13 -8.60 -2.93
C ALA A 25 0.33 -8.69 -3.37
N SER A 26 0.56 -8.60 -4.67
CA SER A 26 1.90 -8.67 -5.22
C SER A 26 2.32 -7.34 -5.85
N LYS A 27 1.39 -6.74 -6.59
CA LYS A 27 1.65 -5.46 -7.25
C LYS A 27 1.10 -4.31 -6.43
N ARG A 28 1.32 -3.09 -6.91
CA ARG A 28 0.85 -1.89 -6.22
C ARG A 28 0.28 -0.88 -7.20
N CYS A 29 -0.58 0.01 -6.70
CA CYS A 29 -1.20 1.03 -7.54
C CYS A 29 -0.16 1.70 -8.43
N SER A 30 -0.38 1.63 -9.74
CA SER A 30 0.54 2.23 -10.71
C SER A 30 0.22 3.70 -10.93
N ARG A 31 -0.33 4.34 -9.89
CA ARG A 31 -0.68 5.75 -9.97
C ARG A 31 -0.05 6.54 -8.84
N CYS A 32 -0.08 5.97 -7.64
CA CYS A 32 0.51 6.63 -6.47
C CYS A 32 1.51 5.70 -5.78
N GLN A 33 1.32 4.40 -5.96
CA GLN A 33 2.22 3.41 -5.34
C GLN A 33 2.15 3.49 -3.82
N ASN A 34 0.99 3.85 -3.30
CA ASN A 34 0.81 3.95 -1.86
C ASN A 34 -0.33 3.05 -1.38
N GLU A 35 -0.51 1.94 -2.08
CA GLU A 35 -1.55 0.97 -1.73
C GLU A 35 -1.24 -0.41 -2.29
N TRP A 36 -1.82 -1.44 -1.67
CA TRP A 36 -1.59 -2.81 -2.11
C TRP A 36 -2.84 -3.36 -2.79
N TYR A 37 -2.63 -4.21 -3.79
CA TYR A 37 -3.73 -4.82 -4.54
C TYR A 37 -3.35 -6.20 -5.05
N CYS A 38 -4.35 -7.06 -5.20
CA CYS A 38 -4.13 -8.42 -5.68
C CYS A 38 -4.07 -8.45 -7.21
N CYS A 39 -5.02 -7.79 -7.84
CA CYS A 39 -5.08 -7.75 -9.30
C CYS A 39 -5.57 -6.39 -9.78
N ARG A 40 -5.59 -6.20 -11.10
CA ARG A 40 -6.02 -4.95 -11.69
C ARG A 40 -7.54 -4.78 -11.57
N GLU A 41 -8.26 -5.88 -11.79
CA GLU A 41 -9.71 -5.86 -11.69
C GLU A 41 -10.18 -5.02 -10.51
N CYS A 42 -9.74 -5.39 -9.32
CA CYS A 42 -10.10 -4.66 -8.10
C CYS A 42 -9.83 -3.18 -8.26
N GLN A 43 -8.59 -2.82 -8.53
CA GLN A 43 -8.20 -1.43 -8.70
C GLN A 43 -9.29 -0.64 -9.42
N VAL A 44 -9.85 -1.25 -10.47
CA VAL A 44 -10.91 -0.61 -11.24
C VAL A 44 -12.15 -0.38 -10.38
N LYS A 45 -12.53 -1.39 -9.61
CA LYS A 45 -13.70 -1.30 -8.75
C LYS A 45 -13.51 -0.23 -7.68
N HIS A 46 -12.48 -0.40 -6.86
CA HIS A 46 -12.18 0.56 -5.80
C HIS A 46 -11.40 1.76 -6.34
N TRP A 47 -11.77 2.21 -7.53
CA TRP A 47 -11.09 3.34 -8.16
C TRP A 47 -11.82 4.64 -7.86
N GLU A 48 -13.13 4.65 -8.08
CA GLU A 48 -13.94 5.84 -7.83
C GLU A 48 -13.63 6.42 -6.45
N LYS A 49 -13.37 5.56 -5.49
CA LYS A 49 -13.06 5.99 -4.13
C LYS A 49 -11.56 6.21 -3.96
N HIS A 50 -10.79 5.13 -4.07
CA HIS A 50 -9.35 5.20 -3.93
C HIS A 50 -8.79 6.44 -4.62
N GLY A 51 -9.20 6.65 -5.88
CA GLY A 51 -8.74 7.80 -6.63
C GLY A 51 -8.71 9.06 -5.80
N LYS A 52 -9.77 9.29 -5.03
CA LYS A 52 -9.86 10.47 -4.18
C LYS A 52 -8.57 10.68 -3.39
N THR A 53 -8.08 9.61 -2.77
CA THR A 53 -6.86 9.67 -1.99
C THR A 53 -5.66 9.16 -2.78
N CYS A 54 -5.68 9.40 -4.09
CA CYS A 54 -4.60 8.96 -4.97
C CYS A 54 -4.06 10.12 -5.78
N VAL A 55 -2.74 10.13 -5.99
CA VAL A 55 -2.09 11.19 -6.75
C VAL A 55 -1.22 10.61 -7.86
N LEU A 56 -1.38 11.12 -9.08
CA LEU A 56 -0.60 10.65 -10.22
C LEU A 56 0.90 10.90 -9.99
N ALA A 57 1.50 10.07 -9.15
CA ALA A 57 2.93 10.20 -8.85
C ALA A 57 3.71 9.02 -9.45
N ALA A 58 4.15 9.18 -10.69
CA ALA A 58 4.92 8.15 -11.36
C ALA A 58 6.24 8.70 -11.88
N GLN A 59 7.13 7.79 -12.28
CA GLN A 59 8.44 8.19 -12.79
C GLN A 59 8.36 9.51 -13.55
N GLY A 60 8.81 10.58 -12.91
CA GLY A 60 8.78 11.88 -13.55
C GLY A 60 9.86 12.81 -13.03
N ASP A 61 9.77 13.16 -11.75
CA ASP A 61 10.74 14.05 -11.13
C ASP A 61 11.03 15.26 -12.02
N ARG A 62 9.96 15.82 -12.60
CA ARG A 62 10.10 16.98 -13.48
C ARG A 62 9.34 18.17 -12.92
N ALA A 63 10.02 18.96 -12.09
CA ALA A 63 9.41 20.14 -11.48
C ALA A 63 10.47 21.09 -10.94
N LYS A 64 10.18 22.39 -11.00
CA LYS A 64 11.11 23.40 -10.51
C LYS A 64 10.59 24.05 -9.24
N SER A 65 11.02 23.55 -8.09
CA SER A 65 10.60 24.09 -6.81
C SER A 65 10.67 25.60 -6.79
N GLY A 66 9.87 26.23 -5.94
CA GLY A 66 9.87 27.68 -5.85
C GLY A 66 10.81 28.19 -4.78
N PRO A 67 11.83 28.94 -5.21
CA PRO A 67 12.83 29.51 -4.28
C PRO A 67 12.24 30.62 -3.41
N SER A 68 10.95 30.86 -3.56
CA SER A 68 10.28 31.90 -2.79
C SER A 68 8.78 31.62 -2.69
N SER A 69 8.09 32.40 -1.88
CA SER A 69 6.65 32.23 -1.68
C SER A 69 5.87 33.22 -2.56
N GLY A 70 4.94 32.69 -3.34
CA GLY A 70 4.13 33.54 -4.21
C GLY A 70 3.92 32.92 -5.58
ZN ZN B . -8.24 -7.56 -4.86
ZN ZN C . -3.36 4.94 -6.08
N GLY A 1 24.84 -12.93 39.36
CA GLY A 1 25.12 -12.63 37.97
C GLY A 1 23.89 -12.73 37.09
N SER A 2 23.86 -11.94 36.02
CA SER A 2 22.73 -11.94 35.10
C SER A 2 23.13 -12.49 33.74
N SER A 3 22.26 -13.29 33.15
CA SER A 3 22.53 -13.88 31.84
C SER A 3 21.24 -14.43 31.21
N GLY A 4 20.93 -13.96 30.01
CA GLY A 4 19.74 -14.41 29.32
C GLY A 4 18.85 -13.26 28.89
N SER A 5 18.17 -13.43 27.75
CA SER A 5 17.30 -12.40 27.23
C SER A 5 15.91 -12.51 27.83
N SER A 6 15.11 -11.45 27.66
CA SER A 6 13.75 -11.43 28.19
C SER A 6 12.77 -10.90 27.14
N GLY A 7 11.83 -11.75 26.75
CA GLY A 7 10.84 -11.35 25.75
C GLY A 7 10.61 -12.42 24.70
N LEU A 8 9.35 -12.70 24.41
CA LEU A 8 8.99 -13.71 23.42
C LEU A 8 8.28 -13.08 22.23
N GLU A 9 9.04 -12.74 21.19
CA GLU A 9 8.47 -12.12 19.99
C GLU A 9 9.49 -12.12 18.86
N ALA A 10 8.99 -12.31 17.63
CA ALA A 10 9.85 -12.33 16.46
C ALA A 10 9.79 -11.01 15.71
N VAL A 11 10.95 -10.42 15.43
CA VAL A 11 11.03 -9.15 14.72
C VAL A 11 10.74 -9.35 13.23
N ALA A 12 9.57 -8.89 12.80
CA ALA A 12 9.18 -9.01 11.40
C ALA A 12 8.06 -8.03 11.05
N PRO A 13 8.17 -7.38 9.89
CA PRO A 13 7.18 -6.42 9.42
C PRO A 13 5.85 -7.08 9.03
N GLU A 14 4.94 -6.29 8.48
CA GLU A 14 3.65 -6.81 8.06
C GLU A 14 3.42 -6.57 6.58
N ARG A 15 3.10 -7.65 5.85
CA ARG A 15 2.85 -7.55 4.42
C ARG A 15 1.53 -6.86 4.13
N PRO A 16 1.43 -6.21 2.96
CA PRO A 16 0.23 -5.50 2.54
C PRO A 16 -0.93 -6.44 2.22
N ARG A 17 -2.05 -5.87 1.81
CA ARG A 17 -3.23 -6.66 1.47
C ARG A 17 -4.22 -5.84 0.66
N CYS A 18 -4.85 -6.49 -0.32
CA CYS A 18 -5.83 -5.82 -1.17
C CYS A 18 -6.90 -5.13 -0.34
N ALA A 19 -7.14 -3.86 -0.61
CA ALA A 19 -8.15 -3.09 0.11
C ALA A 19 -9.53 -3.27 -0.52
N TYR A 20 -9.75 -4.43 -1.11
CA TYR A 20 -11.04 -4.72 -1.76
C TYR A 20 -11.53 -6.11 -1.38
N CYS A 21 -10.70 -7.12 -1.65
CA CYS A 21 -11.05 -8.50 -1.34
C CYS A 21 -10.28 -9.00 -0.12
N SER A 22 -9.28 -8.22 0.29
CA SER A 22 -8.45 -8.59 1.44
C SER A 22 -7.62 -9.83 1.14
N ALA A 23 -7.09 -9.89 -0.08
CA ALA A 23 -6.26 -11.02 -0.49
C ALA A 23 -4.84 -10.58 -0.81
N GLU A 24 -3.89 -11.48 -0.64
CA GLU A 24 -2.49 -11.18 -0.92
C GLU A 24 -2.36 -10.22 -2.10
N ALA A 25 -1.48 -9.23 -1.94
CA ALA A 25 -1.26 -8.25 -2.99
C ALA A 25 0.12 -8.40 -3.63
N SER A 26 0.18 -8.25 -4.94
CA SER A 26 1.44 -8.39 -5.66
C SER A 26 1.75 -7.12 -6.46
N LYS A 27 0.73 -6.57 -7.11
CA LYS A 27 0.89 -5.36 -7.90
C LYS A 27 0.58 -4.13 -7.08
N ARG A 28 0.99 -2.97 -7.58
CA ARG A 28 0.76 -1.71 -6.88
C ARG A 28 0.17 -0.66 -7.82
N CYS A 29 -0.51 0.33 -7.26
CA CYS A 29 -1.12 1.39 -8.05
C CYS A 29 -0.09 2.06 -8.95
N SER A 30 -0.25 1.91 -10.26
CA SER A 30 0.66 2.50 -11.22
C SER A 30 0.33 3.97 -11.46
N ARG A 31 -0.09 4.65 -10.39
CA ARG A 31 -0.44 6.06 -10.48
C ARG A 31 0.16 6.85 -9.31
N CYS A 32 0.12 6.25 -8.13
CA CYS A 32 0.65 6.88 -6.93
C CYS A 32 1.70 6.00 -6.26
N GLN A 33 1.55 4.69 -6.42
CA GLN A 33 2.49 3.74 -5.84
C GLN A 33 2.46 3.82 -4.32
N ASN A 34 1.28 3.67 -3.73
CA ASN A 34 1.12 3.73 -2.29
C ASN A 34 0.23 2.59 -1.80
N GLU A 35 -0.81 2.27 -2.57
CA GLU A 35 -1.74 1.21 -2.21
C GLU A 35 -1.43 -0.06 -2.99
N TRP A 36 -1.78 -1.21 -2.40
CA TRP A 36 -1.53 -2.50 -3.03
C TRP A 36 -2.83 -3.09 -3.57
N TYR A 37 -2.72 -4.15 -4.36
CA TYR A 37 -3.88 -4.81 -4.93
C TYR A 37 -3.55 -6.24 -5.36
N CYS A 38 -4.50 -7.15 -5.17
CA CYS A 38 -4.31 -8.54 -5.55
C CYS A 38 -4.36 -8.72 -7.06
N CYS A 39 -5.36 -8.11 -7.69
CA CYS A 39 -5.52 -8.19 -9.14
C CYS A 39 -6.23 -6.96 -9.68
N ARG A 40 -5.97 -6.64 -10.94
CA ARG A 40 -6.59 -5.49 -11.58
C ARG A 40 -8.09 -5.48 -11.37
N GLU A 41 -8.71 -6.66 -11.50
CA GLU A 41 -10.15 -6.78 -11.32
C GLU A 41 -10.65 -5.87 -10.21
N CYS A 42 -9.95 -5.88 -9.08
CA CYS A 42 -10.32 -5.04 -7.94
C CYS A 42 -9.97 -3.58 -8.21
N GLN A 43 -8.69 -3.33 -8.48
CA GLN A 43 -8.22 -1.98 -8.74
C GLN A 43 -9.24 -1.20 -9.59
N VAL A 44 -9.56 -1.75 -10.76
CA VAL A 44 -10.51 -1.12 -11.66
C VAL A 44 -11.82 -0.80 -10.95
N LYS A 45 -12.17 -1.63 -9.97
CA LYS A 45 -13.39 -1.43 -9.21
C LYS A 45 -13.20 -0.36 -8.13
N HIS A 46 -12.25 -0.60 -7.24
CA HIS A 46 -11.97 0.35 -6.16
C HIS A 46 -11.09 1.50 -6.67
N TRP A 47 -11.42 2.00 -7.85
CA TRP A 47 -10.67 3.10 -8.46
C TRP A 47 -11.34 4.43 -8.16
N GLU A 48 -12.66 4.46 -8.25
CA GLU A 48 -13.42 5.68 -8.00
C GLU A 48 -13.24 6.14 -6.55
N LYS A 49 -13.27 5.18 -5.63
CA LYS A 49 -13.11 5.48 -4.21
C LYS A 49 -11.65 5.78 -3.88
N HIS A 50 -10.76 4.86 -4.23
CA HIS A 50 -9.34 5.02 -3.98
C HIS A 50 -8.81 6.30 -4.63
N GLY A 51 -9.14 6.48 -5.91
CA GLY A 51 -8.70 7.65 -6.63
C GLY A 51 -8.80 8.92 -5.81
N LYS A 52 -9.93 9.09 -5.13
CA LYS A 52 -10.15 10.26 -4.30
C LYS A 52 -8.96 10.52 -3.39
N THR A 53 -8.50 9.48 -2.70
CA THR A 53 -7.36 9.59 -1.80
C THR A 53 -6.07 9.15 -2.49
N CYS A 54 -6.00 9.35 -3.80
CA CYS A 54 -4.82 8.96 -4.56
C CYS A 54 -4.21 10.17 -5.25
N VAL A 55 -2.88 10.24 -5.23
CA VAL A 55 -2.16 11.34 -5.85
C VAL A 55 -0.66 11.04 -5.97
N LEU A 56 -0.08 11.40 -7.10
CA LEU A 56 1.33 11.16 -7.34
C LEU A 56 2.14 11.31 -6.05
N ALA A 57 2.45 10.18 -5.42
CA ALA A 57 3.22 10.19 -4.18
C ALA A 57 4.61 9.60 -4.39
N ALA A 58 5.26 9.99 -5.47
CA ALA A 58 6.59 9.50 -5.79
C ALA A 58 7.65 10.56 -5.51
N GLN A 59 8.91 10.20 -5.68
CA GLN A 59 10.02 11.12 -5.45
C GLN A 59 9.87 12.38 -6.31
N GLY A 60 10.76 13.34 -6.08
CA GLY A 60 10.71 14.58 -6.84
C GLY A 60 11.52 15.69 -6.19
N ASP A 61 10.99 16.25 -5.11
CA ASP A 61 11.65 17.32 -4.39
C ASP A 61 12.91 16.81 -3.68
N ARG A 62 14.07 17.09 -4.27
CA ARG A 62 15.33 16.65 -3.68
C ARG A 62 16.39 17.75 -3.81
N ALA A 63 17.55 17.52 -3.19
CA ALA A 63 18.64 18.48 -3.24
C ALA A 63 19.89 17.86 -3.85
N LYS A 64 20.79 18.71 -4.35
CA LYS A 64 22.02 18.24 -4.96
C LYS A 64 22.78 17.33 -4.02
N SER A 65 23.69 16.53 -4.57
CA SER A 65 24.49 15.61 -3.77
C SER A 65 24.92 16.25 -2.46
N GLY A 66 25.06 15.43 -1.43
CA GLY A 66 25.47 15.94 -0.12
C GLY A 66 24.81 15.20 1.02
N PRO A 67 25.53 14.22 1.58
CA PRO A 67 25.02 13.41 2.70
C PRO A 67 24.92 14.20 3.99
N SER A 68 23.77 14.83 4.20
CA SER A 68 23.54 15.63 5.40
C SER A 68 22.96 14.77 6.52
N SER A 69 23.51 13.56 6.68
CA SER A 69 23.04 12.65 7.71
C SER A 69 24.19 12.20 8.60
N GLY A 70 23.92 12.04 9.89
CA GLY A 70 24.94 11.60 10.83
C GLY A 70 24.47 10.48 11.72
ZN ZN B . -8.47 -7.77 -4.63
ZN ZN C . -3.32 5.13 -6.21
N GLY A 1 19.19 -6.37 29.82
CA GLY A 1 19.51 -7.70 29.36
C GLY A 1 18.95 -8.78 30.27
N SER A 2 17.73 -8.57 30.76
CA SER A 2 17.09 -9.53 31.65
C SER A 2 15.62 -9.67 31.32
N SER A 3 15.11 -10.89 31.40
CA SER A 3 13.71 -11.17 31.10
C SER A 3 13.36 -12.61 31.44
N GLY A 4 12.11 -12.82 31.86
CA GLY A 4 11.67 -14.16 32.22
C GLY A 4 11.32 -15.00 31.00
N SER A 5 10.03 -15.21 30.77
CA SER A 5 9.57 -15.99 29.63
C SER A 5 10.05 -15.39 28.33
N SER A 6 11.03 -16.04 27.69
CA SER A 6 11.58 -15.56 26.43
C SER A 6 10.47 -15.15 25.47
N GLY A 7 9.51 -16.05 25.27
CA GLY A 7 8.41 -15.76 24.38
C GLY A 7 8.32 -16.74 23.22
N LEU A 8 7.43 -17.72 23.36
CA LEU A 8 7.26 -18.74 22.31
C LEU A 8 6.09 -18.37 21.39
N GLU A 9 6.01 -17.09 21.04
CA GLU A 9 4.95 -16.61 20.15
C GLU A 9 5.51 -16.19 18.81
N ALA A 10 4.77 -16.48 17.75
CA ALA A 10 5.20 -16.13 16.39
C ALA A 10 4.01 -15.67 15.55
N VAL A 11 4.24 -14.66 14.72
CA VAL A 11 3.19 -14.13 13.86
C VAL A 11 3.75 -13.71 12.50
N ALA A 12 3.15 -14.22 11.43
CA ALA A 12 3.59 -13.89 10.07
C ALA A 12 3.96 -12.42 9.95
N PRO A 13 4.97 -12.12 9.13
CA PRO A 13 5.44 -10.76 8.91
C PRO A 13 4.43 -9.92 8.13
N GLU A 14 3.95 -8.85 8.76
CA GLU A 14 2.98 -7.97 8.12
C GLU A 14 3.29 -7.79 6.64
N ARG A 15 2.53 -8.49 5.80
CA ARG A 15 2.73 -8.43 4.35
C ARG A 15 1.58 -7.67 3.69
N PRO A 16 1.87 -7.04 2.54
CA PRO A 16 0.87 -6.28 1.78
C PRO A 16 -0.18 -7.17 1.13
N ARG A 17 -1.43 -6.71 1.14
CA ARG A 17 -2.52 -7.47 0.55
C ARG A 17 -3.62 -6.54 0.05
N CYS A 18 -4.38 -7.02 -0.92
CA CYS A 18 -5.48 -6.22 -1.50
C CYS A 18 -6.31 -5.58 -0.39
N ALA A 19 -7.21 -4.69 -0.79
CA ALA A 19 -8.08 -4.00 0.16
C ALA A 19 -9.51 -4.51 0.06
N TYR A 20 -10.00 -4.67 -1.17
CA TYR A 20 -11.35 -5.15 -1.41
C TYR A 20 -11.50 -6.60 -0.96
N CYS A 21 -10.77 -7.49 -1.64
CA CYS A 21 -10.81 -8.91 -1.32
C CYS A 21 -9.80 -9.27 -0.24
N SER A 22 -8.73 -8.49 -0.17
CA SER A 22 -7.68 -8.72 0.82
C SER A 22 -6.92 -10.01 0.52
N ALA A 23 -6.60 -10.22 -0.74
CA ALA A 23 -5.88 -11.42 -1.16
C ALA A 23 -4.48 -11.08 -1.67
N GLU A 24 -3.62 -12.09 -1.77
CA GLU A 24 -2.26 -11.89 -2.24
C GLU A 24 -2.20 -10.76 -3.26
N ALA A 25 -1.45 -9.71 -2.92
CA ALA A 25 -1.30 -8.57 -3.82
C ALA A 25 0.06 -8.58 -4.50
N SER A 26 1.11 -8.27 -3.73
CA SER A 26 2.46 -8.24 -4.27
C SER A 26 2.58 -7.22 -5.39
N LYS A 27 1.73 -6.20 -5.34
CA LYS A 27 1.73 -5.15 -6.35
C LYS A 27 1.32 -3.81 -5.74
N ARG A 28 1.81 -2.72 -6.33
CA ARG A 28 1.49 -1.38 -5.84
C ARG A 28 1.08 -0.48 -7.00
N CYS A 29 0.16 0.45 -6.72
CA CYS A 29 -0.31 1.38 -7.73
C CYS A 29 0.85 2.13 -8.37
N SER A 30 0.97 2.04 -9.69
CA SER A 30 2.04 2.70 -10.43
C SER A 30 1.69 4.16 -10.67
N ARG A 31 0.91 4.75 -9.78
CA ARG A 31 0.51 6.14 -9.90
C ARG A 31 0.82 6.91 -8.62
N CYS A 32 0.37 6.38 -7.48
CA CYS A 32 0.60 7.01 -6.20
C CYS A 32 1.50 6.16 -5.32
N GLN A 33 1.46 4.85 -5.54
CA GLN A 33 2.27 3.91 -4.76
C GLN A 33 1.91 3.98 -3.28
N ASN A 34 0.63 3.92 -2.97
CA ASN A 34 0.16 3.97 -1.60
C ASN A 34 -0.83 2.85 -1.32
N GLU A 35 -1.65 2.53 -2.31
CA GLU A 35 -2.65 1.47 -2.18
C GLU A 35 -2.17 0.17 -2.83
N TRP A 36 -2.77 -0.94 -2.42
CA TRP A 36 -2.40 -2.24 -2.97
C TRP A 36 -3.61 -2.92 -3.61
N TYR A 37 -3.35 -3.93 -4.44
CA TYR A 37 -4.41 -4.67 -5.11
C TYR A 37 -3.91 -6.03 -5.58
N CYS A 38 -4.85 -6.97 -5.74
CA CYS A 38 -4.52 -8.31 -6.18
C CYS A 38 -4.76 -8.47 -7.68
N CYS A 39 -5.92 -7.99 -8.13
CA CYS A 39 -6.29 -8.07 -9.54
C CYS A 39 -6.84 -6.75 -10.04
N ARG A 40 -7.09 -6.67 -11.34
CA ARG A 40 -7.63 -5.46 -11.95
C ARG A 40 -9.07 -5.22 -11.51
N GLU A 41 -9.79 -6.31 -11.24
CA GLU A 41 -11.18 -6.23 -10.81
C GLU A 41 -11.33 -5.28 -9.64
N CYS A 42 -10.74 -5.64 -8.50
CA CYS A 42 -10.81 -4.83 -7.29
C CYS A 42 -10.31 -3.41 -7.57
N GLN A 43 -9.20 -3.31 -8.31
CA GLN A 43 -8.63 -2.01 -8.63
C GLN A 43 -9.68 -1.09 -9.26
N VAL A 44 -10.45 -1.63 -10.20
CA VAL A 44 -11.49 -0.86 -10.86
C VAL A 44 -12.60 -0.48 -9.89
N LYS A 45 -13.09 -1.46 -9.14
CA LYS A 45 -14.14 -1.22 -8.17
C LYS A 45 -13.73 -0.16 -7.17
N HIS A 46 -12.66 -0.42 -6.43
CA HIS A 46 -12.17 0.52 -5.43
C HIS A 46 -11.77 1.84 -6.08
N TRP A 47 -11.11 1.75 -7.23
CA TRP A 47 -10.66 2.94 -7.95
C TRP A 47 -11.69 4.05 -7.84
N GLU A 48 -12.98 3.68 -7.86
CA GLU A 48 -14.05 4.66 -7.77
C GLU A 48 -13.74 5.72 -6.72
N LYS A 49 -13.29 5.27 -5.55
CA LYS A 49 -12.95 6.18 -4.46
C LYS A 49 -11.46 6.49 -4.46
N HIS A 50 -10.63 5.44 -4.44
CA HIS A 50 -9.19 5.61 -4.44
C HIS A 50 -8.77 6.68 -5.44
N GLY A 51 -9.26 6.56 -6.67
CA GLY A 51 -8.91 7.51 -7.70
C GLY A 51 -8.78 8.93 -7.16
N LYS A 52 -9.55 9.23 -6.12
CA LYS A 52 -9.53 10.56 -5.52
C LYS A 52 -8.24 10.76 -4.72
N THR A 53 -7.87 9.76 -3.93
CA THR A 53 -6.67 9.84 -3.11
C THR A 53 -5.43 9.59 -3.96
N CYS A 54 -5.60 8.87 -5.06
CA CYS A 54 -4.48 8.57 -5.96
C CYS A 54 -3.72 9.83 -6.32
N VAL A 55 -2.64 10.10 -5.60
CA VAL A 55 -1.82 11.28 -5.85
C VAL A 55 -0.59 10.93 -6.69
N LEU A 56 -0.21 11.84 -7.58
CA LEU A 56 0.94 11.63 -8.44
C LEU A 56 2.24 11.96 -7.70
N ALA A 57 2.99 10.91 -7.34
CA ALA A 57 4.25 11.09 -6.64
C ALA A 57 5.35 10.24 -7.27
N ALA A 58 6.32 10.91 -7.90
CA ALA A 58 7.43 10.22 -8.53
C ALA A 58 8.71 11.04 -8.46
N GLN A 59 9.84 10.38 -8.60
CA GLN A 59 11.14 11.05 -8.55
C GLN A 59 11.05 12.45 -9.17
N GLY A 60 10.59 12.51 -10.41
CA GLY A 60 10.47 13.78 -11.10
C GLY A 60 9.35 13.78 -12.13
N ASP A 61 8.74 14.94 -12.34
CA ASP A 61 7.65 15.07 -13.30
C ASP A 61 7.80 16.34 -14.13
N ARG A 62 7.01 16.46 -15.18
CA ARG A 62 7.06 17.63 -16.06
C ARG A 62 5.77 18.43 -15.96
N ALA A 63 4.64 17.76 -16.18
CA ALA A 63 3.35 18.42 -16.11
C ALA A 63 2.52 17.88 -14.94
N LYS A 64 2.60 18.55 -13.80
CA LYS A 64 1.85 18.14 -12.61
C LYS A 64 0.47 18.77 -12.60
N SER A 65 -0.56 17.93 -12.75
CA SER A 65 -1.94 18.41 -12.75
C SER A 65 -2.55 18.28 -11.36
N GLY A 66 -1.78 18.64 -10.34
CA GLY A 66 -2.26 18.56 -8.98
C GLY A 66 -1.92 19.79 -8.16
N PRO A 67 -2.84 20.21 -7.29
CA PRO A 67 -2.65 21.39 -6.43
C PRO A 67 -1.60 21.15 -5.36
N SER A 68 -0.35 21.52 -5.67
CA SER A 68 0.75 21.34 -4.73
C SER A 68 1.30 22.70 -4.29
N SER A 69 0.64 23.31 -3.32
CA SER A 69 1.06 24.61 -2.80
C SER A 69 1.96 24.45 -1.59
N GLY A 70 2.58 25.55 -1.17
CA GLY A 70 3.47 25.51 -0.02
C GLY A 70 3.98 26.88 0.36
ZN ZN B . -8.46 -7.92 -4.70
ZN ZN C . -3.03 5.12 -7.02
N GLY A 1 14.90 -28.87 43.04
CA GLY A 1 14.63 -27.46 42.90
C GLY A 1 13.31 -27.20 42.20
N SER A 2 13.14 -25.98 41.70
CA SER A 2 11.91 -25.60 41.02
C SER A 2 12.19 -24.57 39.93
N SER A 3 11.58 -24.76 38.76
CA SER A 3 11.77 -23.85 37.64
C SER A 3 10.43 -23.50 36.99
N GLY A 4 10.38 -22.35 36.32
CA GLY A 4 9.17 -21.91 35.67
C GLY A 4 9.29 -20.52 35.08
N SER A 5 10.18 -20.38 34.11
CA SER A 5 10.40 -19.07 33.47
C SER A 5 10.45 -19.23 31.95
N SER A 6 9.27 -19.19 31.32
CA SER A 6 9.18 -19.32 29.88
C SER A 6 8.32 -18.21 29.27
N GLY A 7 8.94 -17.34 28.48
CA GLY A 7 8.22 -16.25 27.86
C GLY A 7 8.26 -16.31 26.35
N LEU A 8 7.30 -17.00 25.75
CA LEU A 8 7.23 -17.13 24.30
C LEU A 8 6.40 -16.02 23.69
N GLU A 9 6.83 -15.52 22.54
CA GLU A 9 6.11 -14.44 21.85
C GLU A 9 6.65 -14.26 20.44
N ALA A 10 5.76 -13.85 19.53
CA ALA A 10 6.14 -13.64 18.14
C ALA A 10 5.03 -12.94 17.37
N VAL A 11 5.40 -11.88 16.65
CA VAL A 11 4.44 -11.11 15.86
C VAL A 11 4.77 -11.16 14.38
N ALA A 12 3.84 -11.67 13.58
CA ALA A 12 4.03 -11.77 12.14
C ALA A 12 4.36 -10.41 11.54
N PRO A 13 5.14 -10.41 10.45
CA PRO A 13 5.54 -9.19 9.76
C PRO A 13 4.38 -8.52 9.03
N GLU A 14 4.28 -7.21 9.17
CA GLU A 14 3.21 -6.45 8.53
C GLU A 14 3.34 -6.51 7.02
N ARG A 15 2.40 -7.20 6.38
CA ARG A 15 2.41 -7.33 4.93
C ARG A 15 1.20 -6.62 4.31
N PRO A 16 1.36 -6.18 3.05
CA PRO A 16 0.30 -5.49 2.32
C PRO A 16 -0.86 -6.40 1.96
N ARG A 17 -2.01 -5.82 1.62
CA ARG A 17 -3.19 -6.60 1.26
C ARG A 17 -4.14 -5.76 0.42
N CYS A 18 -4.82 -6.41 -0.52
CA CYS A 18 -5.76 -5.72 -1.40
C CYS A 18 -6.78 -4.93 -0.58
N ALA A 19 -7.61 -4.15 -1.27
CA ALA A 19 -8.63 -3.34 -0.62
C ALA A 19 -10.00 -4.01 -0.71
N TYR A 20 -10.36 -4.42 -1.92
CA TYR A 20 -11.65 -5.06 -2.15
C TYR A 20 -11.67 -6.47 -1.56
N CYS A 21 -10.94 -7.38 -2.20
CA CYS A 21 -10.86 -8.76 -1.74
C CYS A 21 -9.89 -8.90 -0.57
N SER A 22 -9.00 -7.91 -0.44
CA SER A 22 -8.00 -7.93 0.63
C SER A 22 -7.23 -9.25 0.63
N ALA A 23 -6.70 -9.61 -0.53
CA ALA A 23 -5.93 -10.83 -0.66
C ALA A 23 -4.44 -10.55 -0.82
N GLU A 24 -3.62 -11.59 -0.76
CA GLU A 24 -2.18 -11.44 -0.90
C GLU A 24 -1.84 -10.50 -2.05
N ALA A 25 -1.42 -9.28 -1.71
CA ALA A 25 -1.06 -8.30 -2.73
C ALA A 25 0.34 -8.55 -3.26
N SER A 26 0.55 -8.25 -4.54
CA SER A 26 1.85 -8.44 -5.17
C SER A 26 2.26 -7.21 -5.97
N LYS A 27 1.28 -6.59 -6.62
CA LYS A 27 1.53 -5.39 -7.42
C LYS A 27 0.95 -4.15 -6.75
N ARG A 28 1.56 -3.01 -7.03
CA ARG A 28 1.11 -1.74 -6.45
C ARG A 28 0.58 -0.80 -7.53
N CYS A 29 -0.24 0.16 -7.13
CA CYS A 29 -0.81 1.12 -8.07
C CYS A 29 0.30 1.85 -8.82
N SER A 30 0.30 1.71 -10.15
CA SER A 30 1.30 2.36 -10.98
C SER A 30 0.96 3.82 -11.21
N ARG A 31 0.38 4.46 -10.19
CA ARG A 31 0.00 5.86 -10.27
C ARG A 31 0.41 6.60 -9.01
N CYS A 32 0.34 5.91 -7.87
CA CYS A 32 0.70 6.52 -6.59
C CYS A 32 1.68 5.62 -5.83
N GLN A 33 1.56 4.32 -6.04
CA GLN A 33 2.42 3.35 -5.36
C GLN A 33 2.26 3.43 -3.85
N ASN A 34 1.01 3.56 -3.40
CA ASN A 34 0.72 3.65 -1.97
C ASN A 34 -0.25 2.55 -1.55
N GLU A 35 -1.19 2.22 -2.43
CA GLU A 35 -2.17 1.19 -2.15
C GLU A 35 -1.81 -0.12 -2.87
N TRP A 36 -2.12 -1.24 -2.21
CA TRP A 36 -1.82 -2.55 -2.78
C TRP A 36 -3.07 -3.17 -3.39
N TYR A 37 -2.87 -4.04 -4.37
CA TYR A 37 -3.98 -4.70 -5.04
C TYR A 37 -3.56 -6.07 -5.58
N CYS A 38 -4.43 -7.06 -5.38
CA CYS A 38 -4.15 -8.42 -5.84
C CYS A 38 -4.24 -8.51 -7.36
N CYS A 39 -5.27 -7.89 -7.92
CA CYS A 39 -5.47 -7.90 -9.37
C CYS A 39 -6.23 -6.66 -9.82
N ARG A 40 -5.85 -6.14 -10.98
CA ARG A 40 -6.47 -4.93 -11.53
C ARG A 40 -7.99 -4.97 -11.30
N GLU A 41 -8.57 -6.16 -11.46
CA GLU A 41 -10.01 -6.32 -11.28
C GLU A 41 -10.52 -5.45 -10.13
N CYS A 42 -10.05 -5.75 -8.92
CA CYS A 42 -10.45 -5.00 -7.73
C CYS A 42 -10.20 -3.50 -7.93
N GLN A 43 -8.98 -3.17 -8.34
CA GLN A 43 -8.61 -1.78 -8.55
C GLN A 43 -9.72 -1.02 -9.26
N VAL A 44 -10.23 -1.61 -10.34
CA VAL A 44 -11.31 -0.99 -11.12
C VAL A 44 -12.54 -0.75 -10.25
N LYS A 45 -12.90 -1.76 -9.46
CA LYS A 45 -14.06 -1.66 -8.58
C LYS A 45 -13.88 -0.55 -7.55
N HIS A 46 -12.81 -0.65 -6.78
CA HIS A 46 -12.51 0.35 -5.75
C HIS A 46 -11.69 1.50 -6.33
N TRP A 47 -12.04 1.92 -7.54
CA TRP A 47 -11.32 3.01 -8.20
C TRP A 47 -11.98 4.35 -7.90
N GLU A 48 -13.31 4.40 -7.99
CA GLU A 48 -14.05 5.62 -7.72
C GLU A 48 -13.61 6.24 -6.39
N LYS A 49 -13.40 5.41 -5.39
CA LYS A 49 -12.98 5.87 -4.08
C LYS A 49 -11.47 6.12 -4.05
N HIS A 50 -10.69 5.05 -4.19
CA HIS A 50 -9.24 5.15 -4.18
C HIS A 50 -8.78 6.38 -4.97
N GLY A 51 -9.36 6.57 -6.15
CA GLY A 51 -8.99 7.72 -6.97
C GLY A 51 -8.68 8.95 -6.15
N LYS A 52 -9.56 9.27 -5.21
CA LYS A 52 -9.37 10.43 -4.35
C LYS A 52 -8.04 10.35 -3.60
N THR A 53 -7.78 9.20 -2.99
CA THR A 53 -6.54 9.00 -2.25
C THR A 53 -5.34 8.95 -3.18
N CYS A 54 -5.54 8.44 -4.39
CA CYS A 54 -4.47 8.33 -5.37
C CYS A 54 -3.90 9.72 -5.69
N VAL A 55 -2.67 9.95 -5.27
CA VAL A 55 -2.00 11.23 -5.51
C VAL A 55 -0.89 11.08 -6.54
N LEU A 56 -0.71 12.11 -7.36
CA LEU A 56 0.33 12.10 -8.39
C LEU A 56 1.72 12.08 -7.76
N ALA A 57 2.16 10.89 -7.36
CA ALA A 57 3.47 10.73 -6.75
C ALA A 57 4.54 10.48 -7.80
N ALA A 58 5.16 11.57 -8.26
CA ALA A 58 6.21 11.47 -9.28
C ALA A 58 7.17 12.66 -9.19
N GLN A 59 8.35 12.50 -9.79
CA GLN A 59 9.34 13.55 -9.78
C GLN A 59 9.42 14.24 -11.13
N GLY A 60 9.35 15.58 -11.12
CA GLY A 60 9.41 16.33 -12.35
C GLY A 60 10.81 16.38 -12.94
N ASP A 61 10.89 16.45 -14.27
CA ASP A 61 12.18 16.50 -14.95
C ASP A 61 13.15 17.41 -14.21
N ARG A 62 14.44 17.27 -14.53
CA ARG A 62 15.47 18.08 -13.88
C ARG A 62 16.72 18.15 -14.76
N ALA A 63 17.72 18.91 -14.31
CA ALA A 63 18.96 19.07 -15.04
C ALA A 63 19.68 17.72 -15.18
N LYS A 64 19.68 16.95 -14.11
CA LYS A 64 20.33 15.64 -14.11
C LYS A 64 19.32 14.53 -13.80
N SER A 65 19.00 13.73 -14.82
CA SER A 65 18.05 12.64 -14.66
C SER A 65 18.73 11.42 -14.04
N GLY A 66 17.92 10.53 -13.46
CA GLY A 66 18.46 9.34 -12.83
C GLY A 66 18.54 8.17 -13.79
N PRO A 67 19.47 7.25 -13.54
CA PRO A 67 19.67 6.05 -14.37
C PRO A 67 18.52 5.06 -14.26
N SER A 68 17.59 5.13 -15.20
CA SER A 68 16.43 4.24 -15.20
C SER A 68 16.84 2.83 -15.62
N SER A 69 17.44 2.72 -16.79
CA SER A 69 17.87 1.43 -17.32
C SER A 69 18.92 1.60 -18.42
N GLY A 70 19.74 0.59 -18.62
CA GLY A 70 20.77 0.65 -19.64
C GLY A 70 20.40 -0.13 -20.89
ZN ZN B . -8.24 -7.85 -4.80
ZN ZN C . -3.26 4.93 -6.89
#